data_6EVE
#
_entry.id   6EVE
#
_cell.length_a   117.480
_cell.length_b   98.640
_cell.length_c   118.170
_cell.angle_alpha   90.00
_cell.angle_beta   97.24
_cell.angle_gamma   90.00
#
_symmetry.space_group_name_H-M   'P 1 21 1'
#
loop_
_entity.id
_entity.type
_entity.pdbx_description
1 polymer 'Ferulic acid decarboxylase 1'
2 non-polymer '1-deoxy-5-O-phosphono-1-(3,3,4,5-tetramethyl-9,11-dioxo-2,3,8,9,10,11-hexahydro-7H-quinolino[1,8-fg]pteridin-12-ium-7-y l)-D-ribitol'
3 non-polymer 'MANGANESE (II) ION'
4 non-polymer 'POTASSIUM ION'
5 water water
#
_entity_poly.entity_id   1
_entity_poly.type   'polypeptide(L)'
_entity_poly.pdbx_seq_one_letter_code
;MRKLNPALEFRDFIQVLKDEDDLIEITEEIDPNLEVGAIMRKAYESHLPAPLFKNLKGASKDLFSILGCPAGLRSKEKGD
HGRIAHHLGLDPKTTIKEIIDYLLECKEKEPLPPITVPVSSAPCKTHILSEEKIHLQSLPTPYLHVSDGGKYLQTYGMWI
LQTPDKKWTNWSIAAGMVVDDKHITGLVIKPQHIRQIADSWAAIGKANEIPFALCFGVPPAAILVSSMPIPEGVSESDYV
GAILGESVPVVKCETNDLMVPATSEMVFEGTLSLTDTHLEGPFGEMHGYVFKSQGHPCPLYTVKAMSYRDNAILPVSNPG
LCTDETHTLIGSLVATEAKELAIESGLPILDAFMPYEAQALWLILKVDLKGLQALKTTPEEFCKKVGDIYFRTKVGFIVH
EIILVADDIDIFNFKEVIWAYVTRHTPVADQMAFDDVTSFPLAPFVSQSSRSKTMKGGKCVTNCIFRQQYERSFDYITCN
FEKGYPKGLVDKVNENWKRYGYKHHHHHH
;
_entity_poly.pdbx_strand_id   A,B,C,D
#
loop_
_chem_comp.id
_chem_comp.type
_chem_comp.name
_chem_comp.formula
4LU non-polymer '1-deoxy-5-O-phosphono-1-(3,3,4,5-tetramethyl-9,11-dioxo-2,3,8,9,10,11-hexahydro-7H-quinolino[1,8-fg]pteridin-12-ium-7-y l)-D-ribitol' 'C22 H30 N4 O9 P 1'
K non-polymer 'POTASSIUM ION' 'K 1'
MN non-polymer 'MANGANESE (II) ION' 'Mn 2'
#
# COMPACT_ATOMS: atom_id res chain seq x y z
N MET A 1 34.08 13.07 -42.23
CA MET A 1 34.42 12.24 -41.04
C MET A 1 34.30 10.74 -41.38
N ARG A 2 35.28 9.97 -40.93
CA ARG A 2 35.20 8.50 -40.93
C ARG A 2 33.95 7.95 -40.22
N LYS A 3 33.52 6.75 -40.58
CA LYS A 3 32.43 6.08 -39.83
C LYS A 3 32.95 5.71 -38.43
N LEU A 4 32.22 6.08 -37.40
CA LEU A 4 32.70 5.92 -36.02
C LEU A 4 32.21 4.61 -35.41
N ASN A 5 33.12 3.91 -34.73
CA ASN A 5 32.78 2.76 -33.91
C ASN A 5 33.16 3.00 -32.39
N PRO A 6 32.24 3.61 -31.61
CA PRO A 6 32.58 4.00 -30.24
C PRO A 6 32.74 2.80 -29.25
N ALA A 7 32.09 1.68 -29.54
CA ALA A 7 32.27 0.45 -28.76
C ALA A 7 33.67 -0.19 -28.93
N LEU A 8 34.25 -0.08 -30.12
CA LEU A 8 35.53 -0.69 -30.44
C LEU A 8 36.74 0.23 -30.23
N GLU A 9 36.58 1.55 -30.33
CA GLU A 9 37.73 2.50 -30.33
C GLU A 9 37.51 3.66 -29.35
N PHE A 10 38.34 3.76 -28.33
CA PHE A 10 38.34 4.92 -27.43
C PHE A 10 38.26 6.29 -28.14
N ARG A 11 39.07 6.50 -29.16
CA ARG A 11 39.07 7.83 -29.80
C ARG A 11 37.80 8.16 -30.61
N ASP A 12 37.11 7.14 -31.14
CA ASP A 12 35.80 7.28 -31.75
C ASP A 12 34.72 7.60 -30.72
N PHE A 13 34.76 6.96 -29.54
CA PHE A 13 33.92 7.33 -28.38
C PHE A 13 34.08 8.85 -28.10
N ILE A 14 35.31 9.37 -28.01
CA ILE A 14 35.52 10.80 -27.79
C ILE A 14 34.91 11.65 -28.92
N GLN A 15 35.15 11.29 -30.17
CA GLN A 15 34.54 11.97 -31.28
C GLN A 15 33.01 11.93 -31.29
N VAL A 16 32.36 10.80 -30.95
N VAL A 16 32.35 10.80 -30.96
CA VAL A 16 30.90 10.80 -30.96
CA VAL A 16 30.87 10.82 -30.99
C VAL A 16 30.37 11.81 -29.95
C VAL A 16 30.30 11.75 -29.91
N LEU A 17 30.95 11.86 -28.74
CA LEU A 17 30.52 12.82 -27.73
C LEU A 17 30.72 14.29 -28.19
N LYS A 18 31.84 14.61 -28.83
CA LYS A 18 31.99 15.94 -29.50
C LYS A 18 30.83 16.23 -30.48
N ASP A 19 30.49 15.25 -31.30
CA ASP A 19 29.39 15.42 -32.24
C ASP A 19 28.05 15.70 -31.54
N GLU A 20 27.85 15.21 -30.32
CA GLU A 20 26.62 15.44 -29.55
C GLU A 20 26.72 16.64 -28.57
N ASP A 21 27.76 17.45 -28.66
CA ASP A 21 27.99 18.55 -27.76
C ASP A 21 28.09 18.12 -26.30
N ASP A 22 28.70 16.98 -26.05
CA ASP A 22 28.68 16.31 -24.73
C ASP A 22 30.10 16.15 -24.18
N LEU A 23 31.05 16.94 -24.69
CA LEU A 23 32.44 16.91 -24.33
C LEU A 23 33.04 18.32 -24.44
N ILE A 24 33.66 18.83 -23.37
CA ILE A 24 34.30 20.15 -23.39
C ILE A 24 35.79 19.98 -23.35
N GLU A 25 36.49 20.43 -24.39
CA GLU A 25 37.95 20.38 -24.40
C GLU A 25 38.46 21.59 -23.67
N ILE A 26 39.12 21.39 -22.54
CA ILE A 26 39.58 22.47 -21.67
C ILE A 26 41.07 22.65 -22.00
N THR A 27 41.39 23.77 -22.66
CA THR A 27 42.77 24.02 -23.15
C THR A 27 43.64 24.89 -22.22
N GLU A 28 43.04 25.58 -21.26
CA GLU A 28 43.87 26.31 -20.29
C GLU A 28 44.56 25.34 -19.29
N GLU A 29 45.53 25.84 -18.55
CA GLU A 29 46.27 24.99 -17.64
C GLU A 29 45.40 24.60 -16.42
N ILE A 30 45.34 23.29 -16.12
CA ILE A 30 44.53 22.77 -15.01
C ILE A 30 45.44 21.94 -14.14
N ASP A 31 45.35 22.12 -12.83
CA ASP A 31 46.17 21.38 -11.84
C ASP A 31 45.57 19.97 -11.50
N PRO A 32 46.36 18.89 -11.68
CA PRO A 32 45.91 17.58 -11.23
C PRO A 32 45.65 17.50 -9.72
N ASN A 33 46.27 18.39 -8.92
CA ASN A 33 46.02 18.52 -7.47
C ASN A 33 44.68 19.18 -7.17
N LEU A 34 43.68 18.35 -6.91
CA LEU A 34 42.27 18.74 -6.53
C LEU A 34 41.41 19.32 -7.62
N GLU A 35 41.98 20.05 -8.55
CA GLU A 35 41.21 20.90 -9.47
C GLU A 35 40.51 20.04 -10.55
N VAL A 36 41.21 19.10 -11.16
CA VAL A 36 40.55 18.10 -12.03
C VAL A 36 39.33 17.48 -11.29
N GLY A 37 39.59 16.91 -10.12
CA GLY A 37 38.54 16.30 -9.30
C GLY A 37 37.33 17.15 -9.01
N ALA A 38 37.55 18.45 -8.68
CA ALA A 38 36.46 19.35 -8.42
C ALA A 38 35.62 19.71 -9.67
N ILE A 39 36.28 19.89 -10.82
CA ILE A 39 35.59 20.13 -12.08
C ILE A 39 34.68 18.91 -12.40
N MET A 40 35.22 17.72 -12.21
CA MET A 40 34.44 16.47 -12.52
C MET A 40 33.20 16.36 -11.61
N ARG A 41 33.36 16.63 -10.33
CA ARG A 41 32.25 16.60 -9.41
C ARG A 41 31.14 17.60 -9.80
N LYS A 42 31.49 18.87 -10.10
CA LYS A 42 30.48 19.82 -10.62
C LYS A 42 29.76 19.27 -11.85
N ALA A 43 30.49 18.63 -12.77
CA ALA A 43 29.87 18.13 -14.02
C ALA A 43 28.95 16.90 -13.82
N TYR A 44 29.42 15.92 -13.05
CA TYR A 44 28.56 14.76 -12.66
C TYR A 44 27.28 15.24 -12.04
N GLU A 45 27.39 16.19 -11.09
CA GLU A 45 26.27 16.52 -10.20
C GLU A 45 25.19 17.29 -10.92
N SER A 46 25.50 18.02 -11.97
CA SER A 46 24.46 18.68 -12.78
C SER A 46 24.19 17.98 -14.13
N HIS A 47 24.68 16.74 -14.29
CA HIS A 47 24.47 15.96 -15.56
C HIS A 47 24.99 16.80 -16.76
N LEU A 48 26.19 17.37 -16.63
CA LEU A 48 26.81 18.24 -17.67
C LEU A 48 27.77 17.47 -18.55
N PRO A 49 28.15 18.04 -19.71
CA PRO A 49 29.17 17.45 -20.60
C PRO A 49 30.52 17.06 -19.97
N ALA A 50 31.14 16.05 -20.54
CA ALA A 50 32.31 15.44 -19.96
C ALA A 50 33.54 16.33 -20.19
N PRO A 51 34.36 16.60 -19.15
CA PRO A 51 35.56 17.46 -19.38
C PRO A 51 36.74 16.67 -19.98
N LEU A 52 37.35 17.19 -21.05
CA LEU A 52 38.62 16.60 -21.57
C LEU A 52 39.69 17.61 -21.26
N PHE A 53 40.59 17.29 -20.33
CA PHE A 53 41.66 18.18 -19.81
C PHE A 53 42.86 17.98 -20.69
N LYS A 54 43.04 18.92 -21.60
CA LYS A 54 44.10 18.80 -22.61
C LYS A 54 45.43 19.31 -22.09
N ASN A 55 45.43 20.15 -21.07
CA ASN A 55 46.67 20.88 -20.66
C ASN A 55 46.79 20.85 -19.11
N LEU A 56 47.44 19.80 -18.61
CA LEU A 56 47.55 19.54 -17.17
C LEU A 56 48.90 20.04 -16.72
N LYS A 57 48.94 20.78 -15.64
CA LYS A 57 50.20 21.19 -15.02
C LYS A 57 51.12 19.98 -14.75
N GLY A 58 52.35 20.04 -15.22
CA GLY A 58 53.32 18.91 -15.13
C GLY A 58 53.37 17.94 -16.29
N ALA A 59 52.47 18.06 -17.28
CA ALA A 59 52.38 17.01 -18.28
C ALA A 59 53.46 17.22 -19.32
N SER A 60 53.90 16.13 -19.96
CA SER A 60 54.69 16.22 -21.21
C SER A 60 53.74 16.12 -22.41
N LYS A 61 54.27 16.27 -23.63
CA LYS A 61 53.46 16.23 -24.87
C LYS A 61 52.54 14.99 -24.89
N ASP A 62 53.11 13.83 -24.55
CA ASP A 62 52.47 12.52 -24.69
C ASP A 62 51.80 11.95 -23.41
N LEU A 63 52.28 12.33 -22.22
CA LEU A 63 51.77 11.84 -20.95
C LEU A 63 51.44 12.98 -20.00
N PHE A 64 50.15 13.35 -19.82
CA PHE A 64 48.95 12.82 -20.57
C PHE A 64 47.81 13.83 -20.43
N SER A 65 46.78 13.69 -21.26
CA SER A 65 45.48 14.32 -21.05
C SER A 65 44.61 13.46 -20.10
N ILE A 66 43.50 14.02 -19.65
CA ILE A 66 42.52 13.30 -18.84
C ILE A 66 41.10 13.46 -19.38
N LEU A 67 40.37 12.35 -19.60
CA LEU A 67 38.94 12.40 -19.90
C LEU A 67 38.23 12.06 -18.60
N GLY A 68 37.49 13.02 -18.07
CA GLY A 68 36.65 12.83 -16.88
C GLY A 68 35.22 12.43 -17.22
N CYS A 69 34.59 11.67 -16.34
CA CYS A 69 33.14 11.36 -16.36
C CYS A 69 32.73 10.51 -17.60
N PRO A 70 33.53 9.49 -17.95
CA PRO A 70 33.24 8.70 -19.14
C PRO A 70 31.88 7.97 -19.15
N ALA A 71 31.27 7.74 -17.97
CA ALA A 71 29.92 7.16 -17.89
C ALA A 71 29.01 7.90 -16.96
N GLY A 72 29.22 9.22 -16.89
CA GLY A 72 28.23 10.08 -16.24
C GLY A 72 26.93 10.26 -17.02
N LEU A 73 25.92 10.83 -16.37
CA LEU A 73 24.61 11.10 -16.98
C LEU A 73 24.61 12.47 -17.66
N ARG A 74 23.70 12.61 -18.64
CA ARG A 74 23.54 13.87 -19.34
C ARG A 74 22.07 14.21 -19.49
N SER A 75 21.79 15.33 -20.17
CA SER A 75 20.37 15.77 -20.29
C SER A 75 19.50 14.75 -21.06
N LYS A 76 18.24 14.71 -20.72
CA LYS A 76 17.24 13.85 -21.34
C LYS A 76 17.08 14.08 -22.82
N GLU A 77 17.21 15.32 -23.31
CA GLU A 77 17.01 15.59 -24.74
C GLU A 77 17.99 14.82 -25.60
N LYS A 78 19.22 14.61 -25.13
CA LYS A 78 20.21 13.85 -25.93
C LYS A 78 20.22 12.35 -25.63
N GLY A 79 19.40 11.90 -24.67
CA GLY A 79 19.51 10.53 -24.12
C GLY A 79 20.34 10.52 -22.87
N ASP A 80 19.67 10.41 -21.71
CA ASP A 80 20.37 10.67 -20.46
C ASP A 80 21.42 9.64 -20.19
N HIS A 81 21.24 8.42 -20.72
CA HIS A 81 22.19 7.34 -20.52
C HIS A 81 23.06 7.09 -21.73
N GLY A 82 23.26 8.12 -22.55
CA GLY A 82 23.86 7.97 -23.89
C GLY A 82 25.32 7.62 -23.88
N ARG A 83 26.06 8.13 -22.90
CA ARG A 83 27.45 7.68 -22.66
C ARG A 83 27.64 6.17 -22.47
N ILE A 84 26.79 5.54 -21.66
CA ILE A 84 26.83 4.07 -21.44
C ILE A 84 26.41 3.37 -22.73
N ALA A 85 25.34 3.86 -23.39
CA ALA A 85 24.87 3.26 -24.68
C ALA A 85 26.00 3.28 -25.74
N HIS A 86 26.79 4.36 -25.79
CA HIS A 86 27.97 4.39 -26.65
C HIS A 86 29.09 3.39 -26.35
N HIS A 87 29.21 2.92 -25.09
CA HIS A 87 30.15 1.85 -24.74
C HIS A 87 29.79 0.53 -25.43
N LEU A 88 28.53 0.34 -25.80
CA LEU A 88 28.06 -0.89 -26.42
C LEU A 88 27.59 -0.76 -27.89
N GLY A 89 27.85 0.40 -28.52
CA GLY A 89 27.45 0.68 -29.91
C GLY A 89 25.96 0.83 -30.12
N LEU A 90 25.19 1.18 -29.07
CA LEU A 90 23.74 1.28 -29.17
C LEU A 90 23.40 2.75 -29.42
N ASP A 91 22.18 2.97 -29.93
CA ASP A 91 21.62 4.29 -30.16
C ASP A 91 21.67 5.09 -28.84
N PRO A 92 22.06 6.37 -28.94
CA PRO A 92 22.25 7.15 -27.73
C PRO A 92 21.00 7.37 -26.92
N LYS A 93 19.81 7.17 -27.50
CA LYS A 93 18.53 7.34 -26.79
C LYS A 93 17.98 6.06 -26.14
N THR A 94 18.66 4.92 -26.30
CA THR A 94 18.33 3.67 -25.62
C THR A 94 18.12 3.85 -24.12
N THR A 95 17.09 3.22 -23.57
CA THR A 95 16.85 3.25 -22.14
C THR A 95 17.72 2.29 -21.39
N ILE A 96 17.80 2.53 -20.08
CA ILE A 96 18.49 1.58 -19.19
C ILE A 96 17.94 0.12 -19.24
N LYS A 97 16.61 -0.05 -19.31
CA LYS A 97 16.02 -1.40 -19.46
C LYS A 97 16.61 -2.07 -20.73
N GLU A 98 16.69 -1.31 -21.81
CA GLU A 98 17.13 -1.85 -23.09
C GLU A 98 18.62 -2.23 -23.07
N ILE A 99 19.43 -1.47 -22.32
CA ILE A 99 20.86 -1.69 -22.20
C ILE A 99 21.08 -2.98 -21.44
N ILE A 100 20.37 -3.12 -20.33
CA ILE A 100 20.45 -4.38 -19.55
C ILE A 100 20.02 -5.61 -20.35
N ASP A 101 18.91 -5.48 -21.06
CA ASP A 101 18.38 -6.60 -21.87
C ASP A 101 19.28 -6.99 -23.05
N TYR A 102 19.99 -6.01 -23.62
CA TYR A 102 21.01 -6.27 -24.64
C TYR A 102 22.21 -7.10 -24.09
N LEU A 103 22.74 -6.71 -22.93
CA LEU A 103 23.78 -7.48 -22.25
C LEU A 103 23.37 -8.93 -22.01
N LEU A 104 22.17 -9.13 -21.52
CA LEU A 104 21.60 -10.48 -21.37
C LEU A 104 21.44 -11.28 -22.69
N GLU A 105 20.91 -10.72 -23.78
CA GLU A 105 20.89 -11.39 -25.11
C GLU A 105 22.29 -11.82 -25.54
N CYS A 106 23.30 -10.95 -25.31
CA CYS A 106 24.70 -11.25 -25.74
C CYS A 106 25.34 -12.47 -25.06
N LYS A 107 24.81 -12.90 -23.92
CA LYS A 107 25.26 -14.12 -23.25
C LYS A 107 25.01 -15.41 -24.03
N GLU A 108 24.05 -15.40 -24.97
CA GLU A 108 23.79 -16.51 -25.87
C GLU A 108 24.34 -16.31 -27.31
N LYS A 109 25.02 -15.22 -27.58
CA LYS A 109 25.80 -15.14 -28.82
C LYS A 109 27.10 -15.95 -28.72
N GLU A 110 27.61 -16.36 -29.87
CA GLU A 110 28.82 -17.14 -29.90
C GLU A 110 29.97 -16.30 -29.33
N PRO A 111 30.79 -16.86 -28.44
CA PRO A 111 31.92 -16.04 -27.95
C PRO A 111 33.00 -15.85 -29.00
N LEU A 112 33.61 -14.67 -29.09
CA LEU A 112 34.68 -14.45 -30.07
C LEU A 112 36.00 -14.12 -29.33
N PRO A 113 36.89 -15.09 -29.22
CA PRO A 113 38.15 -14.78 -28.51
C PRO A 113 39.08 -13.77 -29.24
N PRO A 114 39.99 -13.13 -28.52
CA PRO A 114 40.77 -12.03 -29.16
C PRO A 114 41.63 -12.47 -30.37
N ILE A 115 41.90 -11.55 -31.29
CA ILE A 115 42.74 -11.84 -32.45
C ILE A 115 44.07 -11.06 -32.37
N THR A 116 45.18 -11.76 -32.53
CA THR A 116 46.50 -11.11 -32.47
C THR A 116 46.75 -10.37 -33.77
N VAL A 117 47.11 -9.11 -33.69
CA VAL A 117 47.41 -8.30 -34.83
C VAL A 117 48.92 -7.93 -34.76
N PRO A 118 49.50 -7.51 -35.90
CA PRO A 118 50.95 -7.18 -35.89
C PRO A 118 51.30 -5.91 -35.06
N VAL A 119 52.47 -5.92 -34.43
CA VAL A 119 52.95 -4.81 -33.58
C VAL A 119 52.90 -3.45 -34.27
N SER A 120 53.19 -3.41 -35.57
CA SER A 120 53.20 -2.17 -36.37
C SER A 120 51.82 -1.52 -36.62
N SER A 121 50.74 -2.30 -36.71
CA SER A 121 49.39 -1.76 -36.70
C SER A 121 48.78 -1.52 -35.25
N ALA A 122 49.61 -1.44 -34.19
CA ALA A 122 49.10 -1.32 -32.81
C ALA A 122 49.54 -0.01 -32.25
N PRO A 123 48.64 1.00 -32.20
CA PRO A 123 49.04 2.31 -31.65
C PRO A 123 49.61 2.29 -30.20
N CYS A 124 49.21 1.31 -29.39
CA CYS A 124 49.73 1.17 -28.02
C CYS A 124 51.25 0.84 -27.92
N LYS A 125 51.89 0.47 -29.04
CA LYS A 125 53.32 0.17 -29.11
C LYS A 125 54.17 1.28 -29.74
N THR A 126 53.60 2.45 -29.93
CA THR A 126 54.26 3.56 -30.61
C THR A 126 55.50 3.90 -29.79
N HIS A 127 55.34 4.07 -28.48
CA HIS A 127 56.45 4.27 -27.56
C HIS A 127 56.58 3.16 -26.52
N ILE A 128 57.80 2.71 -26.30
CA ILE A 128 58.13 1.61 -25.41
C ILE A 128 59.27 2.02 -24.42
N LEU A 129 59.01 1.92 -23.12
CA LEU A 129 59.96 2.18 -22.06
C LEU A 129 60.31 0.88 -21.33
N SER A 130 61.60 0.66 -21.13
CA SER A 130 62.15 -0.42 -20.31
C SER A 130 62.25 0.06 -18.85
N GLU A 131 62.52 -0.92 -17.96
CA GLU A 131 62.47 -0.72 -16.47
C GLU A 131 63.10 0.59 -16.01
N GLU A 132 64.28 0.88 -16.54
CA GLU A 132 65.10 1.97 -16.03
C GLU A 132 64.49 3.34 -16.35
N LYS A 133 63.62 3.41 -17.36
CA LYS A 133 62.96 4.68 -17.69
C LYS A 133 61.56 4.84 -17.10
N ILE A 134 61.20 3.98 -16.14
CA ILE A 134 59.89 4.07 -15.48
C ILE A 134 59.95 5.08 -14.34
N HIS A 135 59.20 6.19 -14.47
CA HIS A 135 59.14 7.18 -13.40
C HIS A 135 57.69 7.57 -13.08
N LEU A 136 57.05 6.77 -12.22
CA LEU A 136 55.63 7.01 -11.87
C LEU A 136 55.39 8.36 -11.24
N GLN A 137 56.36 8.88 -10.49
CA GLN A 137 56.18 10.24 -9.88
C GLN A 137 56.23 11.40 -10.87
N SER A 138 56.78 11.20 -12.07
N SER A 138 56.77 11.21 -12.07
CA SER A 138 56.78 12.22 -13.12
CA SER A 138 56.74 12.26 -13.09
C SER A 138 55.44 12.40 -13.82
C SER A 138 55.40 12.42 -13.79
N LEU A 139 54.54 11.44 -13.67
CA LEU A 139 53.25 11.51 -14.33
C LEU A 139 52.36 12.59 -13.68
N PRO A 140 51.50 13.28 -14.45
CA PRO A 140 50.53 14.23 -13.84
C PRO A 140 49.23 13.55 -13.22
N THR A 141 49.46 12.57 -12.35
CA THR A 141 48.42 11.76 -11.73
C THR A 141 47.53 12.65 -10.84
N PRO A 142 46.20 12.47 -10.93
CA PRO A 142 45.31 13.37 -10.15
C PRO A 142 45.26 13.06 -8.63
N TYR A 143 45.18 14.09 -7.79
CA TYR A 143 44.88 13.95 -6.40
C TYR A 143 43.36 14.34 -6.31
N LEU A 144 42.49 13.35 -6.15
CA LEU A 144 41.07 13.51 -6.50
C LEU A 144 40.17 14.07 -5.42
N HIS A 145 40.33 13.60 -4.19
CA HIS A 145 39.55 14.12 -3.01
C HIS A 145 40.44 14.68 -1.93
N VAL A 146 39.92 15.66 -1.18
CA VAL A 146 40.61 16.16 0.04
C VAL A 146 40.68 14.99 1.03
N SER A 147 41.87 14.81 1.64
CA SER A 147 42.19 13.72 2.58
C SER A 147 42.44 12.36 1.99
N ASP A 148 42.62 12.24 0.65
CA ASP A 148 43.03 10.96 0.06
C ASP A 148 44.40 10.66 0.56
N GLY A 149 44.71 9.39 0.69
CA GLY A 149 46.04 8.96 1.10
C GLY A 149 47.15 9.03 0.06
N GLY A 150 46.82 9.41 -1.17
CA GLY A 150 47.81 9.37 -2.28
C GLY A 150 47.13 9.71 -3.60
N LYS A 151 47.89 9.70 -4.68
CA LYS A 151 47.35 10.06 -5.99
C LYS A 151 46.94 8.76 -6.67
N TYR A 152 45.73 8.71 -7.20
CA TYR A 152 45.15 7.48 -7.80
C TYR A 152 45.22 7.53 -9.34
N LEU A 153 46.14 6.76 -9.88
CA LEU A 153 46.34 6.64 -11.32
C LEU A 153 45.27 5.71 -11.92
N GLN A 154 44.97 4.61 -11.24
CA GLN A 154 44.00 3.58 -11.76
C GLN A 154 42.63 3.75 -11.11
N THR A 155 41.74 4.54 -11.75
CA THR A 155 40.32 4.60 -11.49
C THR A 155 39.40 4.13 -12.68
N TYR A 156 39.97 3.94 -13.87
CA TYR A 156 39.16 3.55 -15.06
C TYR A 156 39.91 2.84 -16.14
N GLY A 157 40.86 2.03 -15.72
CA GLY A 157 41.57 1.09 -16.58
C GLY A 157 41.31 -0.34 -16.14
N MET A 158 41.90 -1.26 -16.86
CA MET A 158 41.64 -2.68 -16.79
C MET A 158 42.93 -3.40 -16.31
N TRP A 159 42.87 -4.05 -15.14
CA TRP A 159 43.82 -5.08 -14.69
C TRP A 159 43.58 -6.37 -15.43
N ILE A 160 44.67 -6.96 -15.96
CA ILE A 160 44.70 -8.25 -16.65
C ILE A 160 45.59 -9.21 -15.86
N LEU A 161 44.98 -10.29 -15.41
CA LEU A 161 45.67 -11.40 -14.77
C LEU A 161 45.19 -12.71 -15.39
N GLN A 162 46.07 -13.70 -15.40
CA GLN A 162 45.80 -15.00 -16.00
C GLN A 162 46.20 -16.13 -15.07
N THR A 163 45.42 -17.21 -14.96
CA THR A 163 45.76 -18.37 -14.12
C THR A 163 47.02 -19.08 -14.59
N PRO A 164 47.67 -19.85 -13.70
CA PRO A 164 48.97 -20.45 -14.14
C PRO A 164 48.82 -21.50 -15.26
N ASP A 165 47.71 -22.24 -15.29
CA ASP A 165 47.40 -23.13 -16.41
C ASP A 165 46.86 -22.44 -17.69
N LYS A 166 46.83 -21.11 -17.73
CA LYS A 166 46.38 -20.33 -18.92
C LYS A 166 44.92 -20.45 -19.42
N LYS A 167 44.05 -21.13 -18.68
CA LYS A 167 42.68 -21.35 -19.10
C LYS A 167 41.76 -20.15 -18.85
N TRP A 168 42.07 -19.31 -17.88
CA TRP A 168 41.21 -18.19 -17.52
C TRP A 168 42.02 -16.89 -17.46
N THR A 169 41.62 -15.92 -18.28
CA THR A 169 42.16 -14.57 -18.24
C THR A 169 41.05 -13.62 -17.77
N ASN A 170 41.29 -12.96 -16.61
CA ASN A 170 40.32 -12.01 -16.06
C ASN A 170 40.69 -10.55 -16.38
N TRP A 171 39.68 -9.78 -16.82
CA TRP A 171 39.74 -8.30 -17.00
C TRP A 171 38.83 -7.67 -15.91
N SER A 172 39.33 -6.73 -15.11
CA SER A 172 38.52 -6.07 -14.07
C SER A 172 39.02 -4.70 -13.64
N ILE A 173 38.13 -3.92 -13.01
CA ILE A 173 38.52 -2.64 -12.39
C ILE A 173 38.65 -2.72 -10.87
N ALA A 174 39.75 -2.14 -10.39
CA ALA A 174 40.02 -1.97 -8.93
C ALA A 174 40.99 -0.79 -8.70
N ALA A 175 40.69 0.08 -7.69
CA ALA A 175 41.40 1.35 -7.49
C ALA A 175 42.88 1.08 -7.25
N GLY A 176 43.76 1.88 -7.83
CA GLY A 176 45.19 1.75 -7.61
C GLY A 176 45.84 3.11 -7.37
N MET A 177 46.56 3.21 -6.25
CA MET A 177 47.31 4.38 -5.82
C MET A 177 48.83 4.31 -6.17
N VAL A 178 49.41 5.44 -6.59
CA VAL A 178 50.86 5.52 -6.80
C VAL A 178 51.54 5.57 -5.43
N VAL A 179 52.45 4.62 -5.17
CA VAL A 179 53.23 4.56 -3.92
C VAL A 179 54.60 5.24 -4.04
N ASP A 180 55.28 5.05 -5.16
CA ASP A 180 56.59 5.66 -5.42
C ASP A 180 56.94 5.53 -6.90
N ASP A 181 58.18 5.79 -7.25
CA ASP A 181 58.63 5.78 -8.62
C ASP A 181 58.38 4.46 -9.36
N LYS A 182 58.34 3.32 -8.69
CA LYS A 182 58.13 2.04 -9.39
C LYS A 182 56.88 1.22 -8.98
N HIS A 183 56.08 1.73 -8.06
CA HIS A 183 55.03 0.90 -7.47
C HIS A 183 53.67 1.51 -7.40
N ILE A 184 52.65 0.64 -7.55
CA ILE A 184 51.24 0.92 -7.31
C ILE A 184 50.75 -0.07 -6.23
N THR A 185 49.79 0.37 -5.41
CA THR A 185 49.12 -0.53 -4.46
C THR A 185 47.61 -0.44 -4.65
N GLY A 186 46.88 -1.54 -4.43
CA GLY A 186 45.41 -1.51 -4.42
C GLY A 186 44.76 -2.75 -3.77
N LEU A 187 43.46 -2.68 -3.50
CA LEU A 187 42.68 -3.77 -2.85
C LEU A 187 42.55 -4.95 -3.80
N VAL A 188 43.14 -6.07 -3.33
CA VAL A 188 43.01 -7.43 -3.85
C VAL A 188 42.38 -8.39 -2.82
N ILE A 189 41.05 -8.44 -2.79
CA ILE A 189 40.28 -9.04 -1.69
C ILE A 189 39.17 -9.97 -2.23
N LYS A 190 38.72 -10.90 -1.41
CA LYS A 190 37.61 -11.79 -1.73
C LYS A 190 36.33 -10.94 -1.69
N PRO A 191 35.27 -11.21 -2.49
CA PRO A 191 35.16 -12.32 -3.46
C PRO A 191 35.63 -11.99 -4.87
N GLN A 192 36.43 -10.97 -5.00
CA GLN A 192 36.84 -10.52 -6.33
C GLN A 192 37.79 -11.52 -7.06
N HIS A 193 37.62 -11.62 -8.37
CA HIS A 193 38.33 -12.59 -9.20
C HIS A 193 39.83 -12.34 -9.29
N ILE A 194 40.22 -11.08 -9.21
CA ILE A 194 41.64 -10.74 -9.17
C ILE A 194 42.36 -11.43 -7.98
N ARG A 195 41.70 -11.49 -6.83
CA ARG A 195 42.15 -12.28 -5.64
C ARG A 195 42.09 -13.81 -5.81
N GLN A 196 41.03 -14.35 -6.39
CA GLN A 196 40.98 -15.77 -6.73
C GLN A 196 42.15 -16.25 -7.61
N ILE A 197 42.50 -15.50 -8.65
CA ILE A 197 43.61 -15.82 -9.52
C ILE A 197 44.95 -15.61 -8.79
N ALA A 198 45.11 -14.51 -8.04
CA ALA A 198 46.32 -14.34 -7.22
C ALA A 198 46.56 -15.57 -6.29
N ASP A 199 45.50 -16.05 -5.66
CA ASP A 199 45.56 -17.24 -4.78
C ASP A 199 45.94 -18.54 -5.48
N SER A 200 45.62 -18.66 -6.77
N SER A 200 45.62 -18.66 -6.77
CA SER A 200 46.08 -19.81 -7.53
CA SER A 200 46.11 -19.79 -7.54
C SER A 200 47.59 -19.78 -7.78
C SER A 200 47.60 -19.78 -7.73
N TRP A 201 48.19 -18.60 -7.95
CA TRP A 201 49.65 -18.45 -8.00
C TRP A 201 50.29 -18.70 -6.62
N ALA A 202 49.69 -18.21 -5.56
CA ALA A 202 50.11 -18.58 -4.18
C ALA A 202 50.13 -20.08 -3.92
N ALA A 203 49.10 -20.78 -4.39
CA ALA A 203 48.95 -22.22 -4.17
C ALA A 203 50.10 -23.05 -4.82
N ILE A 204 50.72 -22.54 -5.87
CA ILE A 204 51.89 -23.17 -6.43
C ILE A 204 53.18 -22.50 -6.00
N GLY A 205 53.22 -21.79 -4.88
CA GLY A 205 54.49 -21.19 -4.40
C GLY A 205 55.04 -20.01 -5.16
N LYS A 206 54.18 -19.20 -5.79
CA LYS A 206 54.63 -17.99 -6.51
C LYS A 206 53.85 -16.74 -6.15
N ALA A 207 53.55 -16.57 -4.86
CA ALA A 207 52.80 -15.42 -4.38
C ALA A 207 53.49 -14.06 -4.57
N ASN A 208 54.79 -14.04 -4.80
N ASN A 208 54.79 -14.11 -4.82
CA ASN A 208 55.57 -12.78 -4.85
CA ASN A 208 55.66 -12.95 -4.90
C ASN A 208 55.91 -12.39 -6.30
C ASN A 208 55.81 -12.38 -6.30
N GLU A 209 55.48 -13.17 -7.31
CA GLU A 209 55.80 -12.85 -8.74
C GLU A 209 54.60 -13.21 -9.68
N ILE A 210 53.45 -12.59 -9.44
CA ILE A 210 52.26 -12.78 -10.30
C ILE A 210 52.31 -11.77 -11.47
N PRO A 211 52.46 -12.28 -12.73
CA PRO A 211 52.35 -11.33 -13.86
C PRO A 211 51.01 -10.56 -13.96
N PHE A 212 51.09 -9.25 -14.26
CA PHE A 212 49.91 -8.43 -14.59
C PHE A 212 50.16 -7.53 -15.79
N ALA A 213 49.07 -7.03 -16.38
CA ALA A 213 49.09 -5.81 -17.19
C ALA A 213 47.99 -4.87 -16.74
N LEU A 214 48.23 -3.56 -16.93
CA LEU A 214 47.25 -2.51 -16.59
C LEU A 214 47.04 -1.58 -17.78
N CYS A 215 45.82 -1.56 -18.34
CA CYS A 215 45.53 -0.84 -19.62
C CYS A 215 44.51 0.28 -19.50
N PHE A 216 44.87 1.48 -20.02
CA PHE A 216 44.05 2.64 -19.99
C PHE A 216 43.60 2.99 -21.40
N GLY A 217 42.36 3.44 -21.56
CA GLY A 217 41.82 3.81 -22.85
C GLY A 217 41.60 2.61 -23.78
N VAL A 218 41.22 1.49 -23.20
CA VAL A 218 40.85 0.32 -23.96
C VAL A 218 39.51 0.55 -24.73
N PRO A 219 39.17 -0.34 -25.67
CA PRO A 219 37.82 -0.39 -26.28
C PRO A 219 36.74 -0.21 -25.23
N PRO A 220 35.89 0.79 -25.36
CA PRO A 220 34.93 1.02 -24.32
C PRO A 220 34.04 -0.20 -23.97
N ALA A 221 33.74 -1.12 -24.90
CA ALA A 221 33.01 -2.31 -24.54
C ALA A 221 33.80 -3.15 -23.52
N ALA A 222 35.14 -3.17 -23.63
CA ALA A 222 35.96 -3.93 -22.65
C ALA A 222 35.96 -3.37 -21.21
N ILE A 223 36.00 -2.05 -21.08
CA ILE A 223 36.03 -1.44 -19.75
C ILE A 223 34.67 -1.64 -19.06
N LEU A 224 33.58 -1.57 -19.83
CA LEU A 224 32.28 -1.88 -19.25
C LEU A 224 32.23 -3.31 -18.72
N VAL A 225 32.63 -4.31 -19.53
CA VAL A 225 32.60 -5.67 -19.05
C VAL A 225 33.58 -5.93 -17.84
N SER A 226 34.66 -5.14 -17.76
CA SER A 226 35.55 -5.15 -16.64
C SER A 226 34.85 -4.85 -15.27
N SER A 227 33.81 -4.03 -15.28
N SER A 227 33.80 -4.05 -15.29
CA SER A 227 33.05 -3.70 -14.09
CA SER A 227 33.01 -3.69 -14.12
C SER A 227 31.85 -4.64 -13.83
C SER A 227 31.89 -4.68 -13.80
N MET A 228 31.69 -5.67 -14.67
CA MET A 228 30.55 -6.58 -14.57
C MET A 228 30.91 -7.93 -13.87
N PRO A 229 30.07 -8.41 -12.94
CA PRO A 229 30.35 -9.64 -12.28
C PRO A 229 29.84 -10.88 -12.99
N ILE A 230 30.52 -11.21 -14.08
CA ILE A 230 30.18 -12.45 -14.84
C ILE A 230 30.76 -13.68 -14.10
N PRO A 231 30.30 -14.92 -14.45
CA PRO A 231 30.75 -16.09 -13.64
C PRO A 231 32.25 -16.33 -13.61
N GLU A 232 32.69 -16.97 -12.52
CA GLU A 232 34.09 -17.41 -12.37
C GLU A 232 34.45 -18.39 -13.47
N GLY A 233 35.72 -18.34 -13.86
CA GLY A 233 36.23 -19.13 -14.97
C GLY A 233 35.92 -18.62 -16.35
N VAL A 234 35.08 -17.61 -16.53
CA VAL A 234 34.79 -17.07 -17.87
C VAL A 234 35.69 -15.89 -18.22
N SER A 235 36.39 -15.97 -19.35
CA SER A 235 37.30 -14.88 -19.78
C SER A 235 36.48 -13.73 -20.37
N GLU A 236 36.54 -12.52 -19.75
CA GLU A 236 35.76 -11.37 -20.17
C GLU A 236 35.97 -11.08 -21.68
N SER A 237 37.22 -11.20 -22.15
CA SER A 237 37.56 -11.04 -23.57
C SER A 237 36.55 -11.68 -24.56
N ASP A 238 36.13 -12.87 -24.25
CA ASP A 238 35.31 -13.64 -25.19
C ASP A 238 33.89 -13.11 -25.26
N TYR A 239 33.35 -12.63 -24.14
CA TYR A 239 32.04 -12.02 -24.09
C TYR A 239 32.07 -10.64 -24.66
N VAL A 240 33.16 -9.91 -24.41
CA VAL A 240 33.41 -8.63 -25.11
C VAL A 240 33.37 -8.80 -26.65
N GLY A 241 33.95 -9.86 -27.16
CA GLY A 241 33.88 -10.13 -28.59
C GLY A 241 32.48 -10.26 -29.14
N ALA A 242 31.63 -10.94 -28.38
CA ALA A 242 30.26 -11.23 -28.81
C ALA A 242 29.47 -9.96 -28.83
N ILE A 243 29.66 -9.10 -27.83
CA ILE A 243 29.04 -7.76 -27.82
C ILE A 243 29.47 -6.90 -28.99
N LEU A 244 30.75 -6.92 -29.34
CA LEU A 244 31.22 -6.09 -30.45
C LEU A 244 30.82 -6.67 -31.83
N GLY A 245 30.48 -7.96 -31.91
CA GLY A 245 30.38 -8.72 -33.18
C GLY A 245 31.71 -9.05 -33.85
N GLU A 246 32.84 -8.79 -33.21
CA GLU A 246 34.19 -9.17 -33.71
C GLU A 246 35.17 -9.33 -32.55
N SER A 247 36.25 -10.04 -32.81
CA SER A 247 37.26 -10.33 -31.86
C SER A 247 37.99 -9.04 -31.43
N VAL A 248 38.28 -8.88 -30.14
CA VAL A 248 39.09 -7.70 -29.73
C VAL A 248 40.51 -7.88 -30.31
N PRO A 249 41.08 -6.88 -30.99
CA PRO A 249 42.44 -6.97 -31.45
C PRO A 249 43.48 -6.69 -30.34
N VAL A 250 44.47 -7.60 -30.25
CA VAL A 250 45.43 -7.64 -29.14
C VAL A 250 46.85 -7.82 -29.64
N VAL A 251 47.82 -7.40 -28.80
CA VAL A 251 49.23 -7.63 -28.99
C VAL A 251 49.82 -8.12 -27.71
N LYS A 252 50.94 -8.85 -27.82
CA LYS A 252 51.64 -9.37 -26.65
C LYS A 252 52.38 -8.29 -25.89
N CYS A 253 52.40 -8.41 -24.56
CA CYS A 253 53.27 -7.58 -23.71
C CYS A 253 54.76 -7.70 -24.03
N GLU A 254 55.54 -6.69 -23.65
CA GLU A 254 57.03 -6.71 -23.78
C GLU A 254 57.70 -7.70 -22.86
N THR A 255 57.22 -7.84 -21.63
CA THR A 255 57.95 -8.53 -20.57
C THR A 255 57.27 -9.79 -20.06
N ASN A 256 56.06 -10.14 -20.54
CA ASN A 256 55.36 -11.37 -20.16
C ASN A 256 54.46 -11.82 -21.31
N ASP A 257 53.69 -12.88 -21.13
CA ASP A 257 52.86 -13.43 -22.22
C ASP A 257 51.40 -12.97 -22.24
N LEU A 258 51.09 -11.95 -21.43
CA LEU A 258 49.75 -11.40 -21.47
C LEU A 258 49.48 -10.62 -22.79
N MET A 259 48.24 -10.76 -23.30
CA MET A 259 47.71 -10.00 -24.44
C MET A 259 46.93 -8.76 -23.99
N VAL A 260 47.31 -7.64 -24.55
CA VAL A 260 46.63 -6.38 -24.26
C VAL A 260 45.96 -5.83 -25.47
N PRO A 261 44.91 -5.03 -25.29
CA PRO A 261 44.27 -4.45 -26.45
C PRO A 261 45.17 -3.53 -27.25
N ALA A 262 45.13 -3.72 -28.57
CA ALA A 262 46.04 -3.07 -29.48
C ALA A 262 45.82 -1.55 -29.55
N THR A 263 44.58 -1.07 -29.36
CA THR A 263 44.30 0.38 -29.42
C THR A 263 44.30 1.11 -28.04
N SER A 264 44.83 0.48 -26.99
CA SER A 264 44.99 1.11 -25.69
C SER A 264 45.84 2.40 -25.78
N GLU A 265 45.48 3.41 -25.00
CA GLU A 265 46.28 4.61 -24.89
C GLU A 265 47.61 4.36 -24.15
N MET A 266 47.57 3.57 -23.05
CA MET A 266 48.70 3.31 -22.16
C MET A 266 48.62 1.90 -21.61
N VAL A 267 49.77 1.22 -21.56
CA VAL A 267 49.89 -0.12 -21.00
C VAL A 267 51.01 -0.11 -19.94
N PHE A 268 50.78 -0.63 -18.73
CA PHE A 268 51.83 -0.86 -17.72
C PHE A 268 51.91 -2.35 -17.48
N GLU A 269 53.12 -2.87 -17.22
CA GLU A 269 53.36 -4.32 -17.01
C GLU A 269 54.22 -4.56 -15.79
N GLY A 270 54.09 -5.73 -15.19
CA GLY A 270 54.96 -6.08 -14.10
C GLY A 270 54.59 -7.30 -13.35
N THR A 271 55.02 -7.34 -12.10
CA THR A 271 54.68 -8.44 -11.19
C THR A 271 53.98 -7.90 -9.93
N LEU A 272 53.00 -8.65 -9.45
CA LEU A 272 52.24 -8.37 -8.23
C LEU A 272 52.76 -9.31 -7.15
N SER A 273 52.87 -8.79 -5.93
CA SER A 273 53.25 -9.59 -4.75
C SER A 273 52.22 -9.52 -3.60
N LEU A 274 51.77 -10.69 -3.13
CA LEU A 274 50.86 -10.79 -1.98
C LEU A 274 51.54 -10.66 -0.61
N THR A 275 52.87 -10.86 -0.55
CA THR A 275 53.64 -10.84 0.68
C THR A 275 54.45 -9.59 0.89
N ASP A 276 54.57 -8.73 -0.10
CA ASP A 276 55.20 -7.40 0.10
C ASP A 276 54.05 -6.39 0.04
N THR A 277 53.71 -5.79 1.17
CA THR A 277 52.49 -5.01 1.28
C THR A 277 52.80 -3.57 1.70
N HIS A 278 51.81 -2.68 1.64
CA HIS A 278 52.02 -1.27 1.84
C HIS A 278 50.66 -0.65 2.09
N LEU A 279 50.66 0.47 2.82
CA LEU A 279 49.42 1.17 3.18
C LEU A 279 48.81 1.82 1.94
N GLU A 280 47.50 1.68 1.84
CA GLU A 280 46.70 2.19 0.72
C GLU A 280 45.55 3.04 1.30
N GLY A 281 45.18 4.10 0.62
CA GLY A 281 44.09 4.89 1.04
C GLY A 281 44.43 5.82 2.18
N PRO A 282 43.46 6.58 2.65
CA PRO A 282 42.07 6.46 2.24
C PRO A 282 41.76 7.02 0.87
N PHE A 283 40.56 6.70 0.41
CA PHE A 283 40.12 7.01 -0.93
C PHE A 283 38.60 7.24 -0.88
N GLY A 284 38.19 8.42 -1.34
CA GLY A 284 36.77 8.77 -1.45
C GLY A 284 36.04 7.67 -2.23
N GLU A 285 34.87 7.29 -1.77
CA GLU A 285 34.24 6.03 -2.27
C GLU A 285 32.78 6.23 -2.67
N MET A 286 32.22 5.13 -3.21
CA MET A 286 30.89 5.11 -3.85
C MET A 286 29.67 5.52 -3.02
N HIS A 287 29.81 5.49 -1.68
CA HIS A 287 28.74 5.91 -0.79
C HIS A 287 28.82 7.42 -0.37
N GLY A 288 29.85 8.14 -0.83
CA GLY A 288 30.02 9.56 -0.60
C GLY A 288 30.98 10.11 0.49
N TYR A 289 31.88 9.30 1.07
CA TYR A 289 32.73 9.71 2.22
C TYR A 289 34.23 9.43 2.00
N VAL A 290 35.11 10.34 2.46
CA VAL A 290 36.47 9.96 2.87
C VAL A 290 36.48 9.88 4.39
N PHE A 291 36.67 8.67 4.91
CA PHE A 291 36.95 8.44 6.34
C PHE A 291 38.44 8.40 6.61
N LYS A 292 38.90 9.02 7.67
CA LYS A 292 40.40 9.19 7.95
C LYS A 292 41.26 7.94 8.19
N SER A 293 40.60 6.90 8.69
CA SER A 293 41.20 5.58 8.83
C SER A 293 42.35 5.29 7.86
N PRO A 297 46.60 -2.10 4.68
CA PRO A 297 47.80 -2.72 4.04
C PRO A 297 47.37 -3.64 2.89
N CYS A 298 47.95 -3.44 1.72
CA CYS A 298 47.55 -4.09 0.44
C CYS A 298 48.79 -4.51 -0.34
N PRO A 299 48.60 -5.42 -1.34
CA PRO A 299 49.73 -5.87 -2.16
C PRO A 299 50.36 -4.78 -2.99
N LEU A 300 51.61 -5.00 -3.36
CA LEU A 300 52.36 -4.12 -4.22
C LEU A 300 52.51 -4.67 -5.62
N TYR A 301 52.09 -3.85 -6.59
CA TYR A 301 52.41 -4.03 -7.99
C TYR A 301 53.71 -3.26 -8.35
N THR A 302 54.69 -3.96 -8.91
CA THR A 302 55.98 -3.40 -9.37
C THR A 302 55.89 -3.29 -10.89
N VAL A 303 55.98 -2.06 -11.39
CA VAL A 303 55.94 -1.76 -12.81
C VAL A 303 57.35 -1.95 -13.42
N LYS A 304 57.45 -2.83 -14.42
CA LYS A 304 58.72 -3.17 -15.09
C LYS A 304 58.86 -2.67 -16.53
N ALA A 305 57.76 -2.28 -17.16
CA ALA A 305 57.72 -1.71 -18.52
C ALA A 305 56.44 -0.96 -18.80
N MET A 306 56.51 -0.04 -19.75
N MET A 306 56.47 -0.14 -19.83
CA MET A 306 55.37 0.76 -20.19
CA MET A 306 55.33 0.71 -20.16
C MET A 306 55.37 0.80 -21.72
C MET A 306 55.34 1.19 -21.61
N SER A 307 54.22 1.02 -22.31
CA SER A 307 54.07 1.47 -23.70
C SER A 307 52.91 2.46 -23.87
N TYR A 308 52.95 3.36 -24.86
CA TYR A 308 51.86 4.32 -25.06
C TYR A 308 51.75 4.97 -26.44
N ARG A 309 50.63 5.60 -26.70
CA ARG A 309 50.36 6.31 -27.94
C ARG A 309 50.95 7.69 -27.93
N ASP A 310 51.07 8.33 -29.09
CA ASP A 310 51.22 9.80 -29.14
C ASP A 310 50.00 10.49 -28.51
N ASN A 311 50.21 11.60 -27.79
CA ASN A 311 49.12 12.41 -27.21
C ASN A 311 48.10 11.57 -26.40
N ALA A 312 48.60 10.82 -25.42
CA ALA A 312 47.85 9.81 -24.74
C ALA A 312 46.81 10.43 -23.79
N ILE A 313 45.66 9.75 -23.68
CA ILE A 313 44.54 10.14 -22.83
C ILE A 313 44.28 9.12 -21.70
N LEU A 314 44.29 9.60 -20.46
CA LEU A 314 43.92 8.83 -19.26
C LEU A 314 42.43 9.07 -18.90
N PRO A 315 41.56 8.04 -19.01
CA PRO A 315 40.21 8.19 -18.50
C PRO A 315 40.15 8.06 -16.97
N VAL A 316 39.36 8.94 -16.34
CA VAL A 316 39.21 9.01 -14.88
C VAL A 316 37.75 9.02 -14.39
N SER A 317 37.49 8.25 -13.33
CA SER A 317 36.32 8.30 -12.49
C SER A 317 36.66 8.86 -11.06
N ASN A 318 35.81 9.75 -10.53
CA ASN A 318 35.99 10.40 -9.25
C ASN A 318 34.77 10.14 -8.35
N PRO A 319 34.80 9.03 -7.57
CA PRO A 319 33.59 8.54 -6.88
C PRO A 319 33.08 9.42 -5.76
N GLY A 320 31.78 9.50 -5.58
CA GLY A 320 31.20 10.30 -4.49
C GLY A 320 29.71 10.14 -4.34
N LEU A 321 29.05 11.24 -3.99
CA LEU A 321 27.61 11.35 -4.05
C LEU A 321 27.13 10.92 -5.46
N CYS A 322 25.88 10.51 -5.56
CA CYS A 322 25.33 10.15 -6.90
C CYS A 322 25.46 11.40 -7.82
N THR A 323 25.63 11.27 -9.14
CA THR A 323 25.73 10.03 -9.92
C THR A 323 27.04 10.01 -10.74
N ASP A 324 27.84 8.97 -10.56
CA ASP A 324 29.09 8.73 -11.28
C ASP A 324 29.16 7.27 -11.70
N GLU A 325 30.34 6.79 -12.11
CA GLU A 325 30.48 5.43 -12.62
C GLU A 325 30.25 4.31 -11.57
N THR A 326 30.47 4.61 -10.29
CA THR A 326 30.25 3.62 -9.24
C THR A 326 28.68 3.39 -9.06
N HIS A 327 27.83 4.21 -9.67
CA HIS A 327 26.37 4.00 -9.64
C HIS A 327 25.86 3.54 -11.01
N THR A 328 26.30 4.20 -12.09
CA THR A 328 25.83 3.88 -13.44
C THR A 328 26.40 2.52 -13.97
N LEU A 329 27.63 2.17 -13.59
CA LEU A 329 28.24 0.89 -13.98
C LEU A 329 28.17 -0.18 -12.87
N ILE A 330 28.75 0.06 -11.70
CA ILE A 330 28.78 -0.99 -10.68
C ILE A 330 27.29 -1.41 -10.41
N GLY A 331 26.45 -0.42 -10.17
CA GLY A 331 25.09 -0.70 -9.75
C GLY A 331 24.29 -1.38 -10.81
N SER A 332 24.29 -0.82 -12.05
CA SER A 332 23.52 -1.41 -13.08
C SER A 332 23.97 -2.77 -13.54
N LEU A 333 25.26 -3.05 -13.37
CA LEU A 333 25.83 -4.34 -13.77
C LEU A 333 25.52 -5.43 -12.73
N VAL A 334 25.51 -5.06 -11.44
CA VAL A 334 24.99 -5.94 -10.42
C VAL A 334 23.52 -6.22 -10.75
N ALA A 335 22.71 -5.17 -11.09
CA ALA A 335 21.29 -5.38 -11.49
C ALA A 335 21.11 -6.36 -12.69
N THR A 336 21.94 -6.21 -13.70
CA THR A 336 22.03 -7.17 -14.80
C THR A 336 22.17 -8.65 -14.41
N GLU A 337 23.19 -8.93 -13.63
CA GLU A 337 23.41 -10.29 -13.11
C GLU A 337 22.37 -10.75 -12.09
N ALA A 338 21.76 -9.79 -11.37
CA ALA A 338 20.60 -10.04 -10.50
C ALA A 338 19.37 -10.56 -11.27
N LYS A 339 19.08 -9.97 -12.42
CA LYS A 339 17.99 -10.48 -13.33
C LYS A 339 18.29 -11.90 -13.86
N GLU A 340 19.54 -12.09 -14.25
CA GLU A 340 19.98 -13.39 -14.75
C GLU A 340 19.82 -14.48 -13.66
N LEU A 341 20.11 -14.15 -12.41
CA LEU A 341 20.01 -15.12 -11.33
C LEU A 341 18.52 -15.45 -11.00
N ALA A 342 17.65 -14.47 -11.09
CA ALA A 342 16.22 -14.70 -10.97
C ALA A 342 15.71 -15.70 -12.07
N ILE A 343 16.20 -15.54 -13.29
CA ILE A 343 15.87 -16.42 -14.45
C ILE A 343 16.31 -17.88 -14.24
N GLU A 344 17.54 -18.04 -13.76
CA GLU A 344 18.11 -19.33 -13.37
C GLU A 344 17.38 -19.95 -12.21
N SER A 345 17.01 -19.16 -11.19
N SER A 345 17.03 -19.16 -11.20
CA SER A 345 16.37 -19.72 -10.00
CA SER A 345 16.37 -19.68 -9.99
C SER A 345 14.87 -19.90 -10.15
C SER A 345 14.88 -19.94 -10.17
N GLY A 346 14.27 -19.34 -11.20
CA GLY A 346 12.84 -19.46 -11.39
C GLY A 346 11.91 -18.46 -10.69
N LEU A 347 12.47 -17.40 -10.14
CA LEU A 347 11.67 -16.37 -9.49
C LEU A 347 10.84 -15.55 -10.51
N PRO A 348 9.59 -15.20 -10.13
CA PRO A 348 8.70 -14.43 -11.01
C PRO A 348 9.03 -12.93 -11.04
N ILE A 349 10.20 -12.64 -11.57
CA ILE A 349 10.70 -11.26 -11.61
C ILE A 349 10.64 -10.73 -13.05
N LEU A 350 10.16 -9.50 -13.23
CA LEU A 350 10.18 -8.79 -14.52
C LEU A 350 11.50 -8.06 -14.84
N ASP A 351 11.95 -7.26 -13.85
CA ASP A 351 13.17 -6.43 -13.97
C ASP A 351 13.84 -6.20 -12.59
N ALA A 352 15.11 -5.77 -12.62
CA ALA A 352 15.88 -5.40 -11.46
C ALA A 352 16.66 -4.07 -11.72
N PHE A 353 16.87 -3.29 -10.67
CA PHE A 353 17.64 -2.01 -10.77
C PHE A 353 18.20 -1.59 -9.42
N MET A 354 19.37 -0.94 -9.42
CA MET A 354 19.91 -0.26 -8.23
C MET A 354 19.81 1.28 -8.36
N PRO A 355 18.84 1.91 -7.68
CA PRO A 355 18.67 3.33 -7.93
C PRO A 355 19.93 4.15 -7.52
N TYR A 356 20.28 5.13 -8.35
CA TYR A 356 21.50 5.90 -8.16
C TYR A 356 21.48 6.70 -6.82
N GLU A 357 20.29 7.13 -6.42
CA GLU A 357 19.98 7.95 -5.24
C GLU A 357 20.25 7.22 -3.91
N ALA A 358 20.10 5.88 -3.88
CA ALA A 358 20.50 5.01 -2.78
C ALA A 358 21.97 4.55 -2.82
N GLN A 359 22.80 5.14 -3.69
CA GLN A 359 24.27 4.92 -3.68
C GLN A 359 24.63 3.43 -3.85
N ALA A 360 23.88 2.69 -4.67
CA ALA A 360 24.23 1.27 -4.95
C ALA A 360 24.17 0.37 -3.73
N LEU A 361 23.30 0.73 -2.78
CA LEU A 361 22.98 -0.09 -1.63
C LEU A 361 21.60 -0.81 -1.75
N TRP A 362 20.68 -0.27 -2.56
CA TRP A 362 19.30 -0.82 -2.74
C TRP A 362 19.17 -1.56 -4.09
N LEU A 363 18.60 -2.78 -4.05
CA LEU A 363 18.26 -3.50 -5.27
C LEU A 363 16.73 -3.67 -5.23
N ILE A 364 16.07 -3.10 -6.24
CA ILE A 364 14.61 -3.14 -6.41
C ILE A 364 14.36 -4.29 -7.40
N LEU A 365 13.51 -5.20 -7.03
CA LEU A 365 13.03 -6.29 -7.87
C LEU A 365 11.53 -6.11 -8.13
N LYS A 366 11.21 -5.99 -9.40
CA LYS A 366 9.86 -5.75 -9.86
C LYS A 366 9.20 -7.12 -10.13
N VAL A 367 8.20 -7.46 -9.34
CA VAL A 367 7.58 -8.77 -9.33
C VAL A 367 6.30 -8.86 -10.17
N ASP A 368 6.24 -9.91 -10.97
CA ASP A 368 5.08 -10.23 -11.84
C ASP A 368 4.00 -10.81 -10.93
N LEU A 369 2.89 -10.09 -10.70
CA LEU A 369 1.90 -10.50 -9.68
C LEU A 369 1.16 -11.82 -9.97
N LYS A 370 0.73 -12.05 -11.22
N LYS A 370 0.73 -12.04 -11.21
CA LYS A 370 0.11 -13.35 -11.57
CA LYS A 370 0.09 -13.33 -11.59
C LYS A 370 1.06 -14.51 -11.33
C LYS A 370 1.06 -14.49 -11.36
N GLY A 371 2.35 -14.30 -11.67
CA GLY A 371 3.43 -15.28 -11.36
C GLY A 371 3.60 -15.55 -9.87
N LEU A 372 3.53 -14.49 -9.07
CA LEU A 372 3.56 -14.63 -7.60
C LEU A 372 2.33 -15.37 -7.03
N GLN A 373 1.14 -15.04 -7.52
CA GLN A 373 -0.12 -15.70 -7.09
C GLN A 373 -0.14 -17.23 -7.39
N ALA A 374 0.52 -17.62 -8.45
CA ALA A 374 0.62 -19.04 -8.82
C ALA A 374 1.48 -19.87 -7.81
N LEU A 375 2.38 -19.18 -7.07
CA LEU A 375 3.13 -19.81 -5.98
C LEU A 375 2.28 -20.08 -4.69
N LYS A 376 1.12 -19.43 -4.51
CA LYS A 376 0.29 -19.61 -3.26
C LYS A 376 1.13 -19.55 -1.97
N THR A 377 1.86 -18.44 -1.79
CA THR A 377 2.86 -18.26 -0.74
C THR A 377 2.47 -17.06 0.11
N THR A 378 3.31 -16.70 1.07
CA THR A 378 3.06 -15.57 1.98
C THR A 378 4.29 -14.66 1.88
N PRO A 379 4.14 -13.39 2.27
CA PRO A 379 5.28 -12.52 2.42
C PRO A 379 6.46 -13.13 3.17
N GLU A 380 6.22 -13.78 4.34
CA GLU A 380 7.33 -14.34 5.14
C GLU A 380 8.13 -15.45 4.38
N GLU A 381 7.44 -16.31 3.67
CA GLU A 381 8.13 -17.33 2.87
C GLU A 381 8.88 -16.78 1.68
N PHE A 382 8.26 -15.82 1.00
CA PHE A 382 8.79 -15.31 -0.25
C PHE A 382 10.02 -14.46 0.05
N CYS A 383 9.91 -13.55 1.03
CA CYS A 383 11.09 -12.78 1.48
C CYS A 383 12.24 -13.68 1.89
N LYS A 384 11.98 -14.76 2.64
CA LYS A 384 13.07 -15.67 3.02
C LYS A 384 13.70 -16.32 1.78
N LYS A 385 12.88 -16.78 0.83
CA LYS A 385 13.38 -17.39 -0.42
C LYS A 385 14.31 -16.45 -1.22
N VAL A 386 13.87 -15.19 -1.35
CA VAL A 386 14.58 -14.13 -2.11
C VAL A 386 15.91 -13.81 -1.47
N GLY A 387 15.91 -13.51 -0.17
CA GLY A 387 17.15 -13.26 0.55
C GLY A 387 18.19 -14.42 0.50
N ASP A 388 17.71 -15.65 0.63
CA ASP A 388 18.57 -16.82 0.61
C ASP A 388 19.24 -17.03 -0.77
N ILE A 389 18.53 -16.75 -1.86
CA ILE A 389 19.07 -16.76 -3.21
C ILE A 389 20.16 -15.65 -3.45
N TYR A 390 20.00 -14.44 -2.95
CA TYR A 390 20.87 -13.32 -3.35
C TYR A 390 22.00 -13.08 -2.35
N PHE A 391 21.70 -13.13 -1.06
CA PHE A 391 22.66 -12.64 -0.02
C PHE A 391 23.83 -13.59 0.27
N ARG A 392 23.89 -14.75 -0.38
CA ARG A 392 25.05 -15.64 -0.19
C ARG A 392 25.68 -16.02 -1.56
N THR A 393 25.63 -15.07 -2.51
CA THR A 393 26.36 -15.14 -3.79
C THR A 393 27.20 -13.86 -3.90
N LYS A 394 28.22 -13.96 -4.73
CA LYS A 394 29.05 -12.82 -5.11
C LYS A 394 28.23 -11.59 -5.70
N VAL A 395 27.21 -11.86 -6.51
CA VAL A 395 26.39 -10.83 -7.16
C VAL A 395 25.66 -9.93 -6.11
N GLY A 396 25.26 -10.52 -4.99
CA GLY A 396 24.64 -9.81 -3.85
C GLY A 396 25.52 -9.16 -2.75
N PHE A 397 26.85 -9.28 -2.91
CA PHE A 397 27.88 -8.67 -2.02
C PHE A 397 27.62 -7.21 -1.67
N ILE A 398 27.48 -6.32 -2.66
CA ILE A 398 27.35 -4.87 -2.34
C ILE A 398 25.97 -4.49 -1.83
N VAL A 399 25.00 -5.38 -2.00
CA VAL A 399 23.60 -5.04 -1.75
C VAL A 399 23.27 -5.20 -0.27
N HIS A 400 22.71 -4.18 0.37
CA HIS A 400 22.26 -4.28 1.79
C HIS A 400 20.75 -4.32 2.00
N GLU A 401 19.98 -3.81 1.04
CA GLU A 401 18.51 -3.84 1.11
C GLU A 401 17.88 -4.19 -0.25
N ILE A 402 17.11 -5.29 -0.26
CA ILE A 402 16.39 -5.81 -1.44
C ILE A 402 14.92 -5.44 -1.18
N ILE A 403 14.31 -4.78 -2.16
CA ILE A 403 12.95 -4.22 -2.01
C ILE A 403 12.07 -4.83 -3.11
N LEU A 404 10.95 -5.39 -2.73
CA LEU A 404 10.05 -6.11 -3.66
C LEU A 404 8.85 -5.21 -3.91
N VAL A 405 8.59 -4.86 -5.17
CA VAL A 405 7.43 -3.98 -5.54
C VAL A 405 6.61 -4.72 -6.58
N ALA A 406 5.36 -4.37 -6.67
CA ALA A 406 4.50 -4.93 -7.73
C ALA A 406 4.82 -4.40 -9.12
N ASP A 407 4.17 -5.00 -10.11
CA ASP A 407 4.39 -4.68 -11.52
C ASP A 407 3.79 -3.37 -12.05
N ASP A 408 3.16 -2.53 -11.19
CA ASP A 408 2.77 -1.17 -11.55
C ASP A 408 3.85 -0.06 -11.30
N ILE A 409 5.03 -0.45 -10.83
CA ILE A 409 6.06 0.51 -10.45
C ILE A 409 7.14 0.48 -11.50
N ASP A 410 7.43 1.64 -12.09
CA ASP A 410 8.58 1.78 -12.96
C ASP A 410 9.85 1.94 -12.11
N ILE A 411 10.56 0.83 -11.91
CA ILE A 411 11.70 0.80 -11.00
C ILE A 411 12.88 1.70 -11.44
N PHE A 412 12.87 2.12 -12.71
CA PHE A 412 13.94 2.99 -13.29
C PHE A 412 13.71 4.46 -13.05
N ASN A 413 12.58 4.81 -12.46
CA ASN A 413 12.22 6.21 -12.13
C ASN A 413 12.09 6.26 -10.61
N PHE A 414 13.02 6.95 -9.96
CA PHE A 414 13.03 7.02 -8.54
C PHE A 414 11.83 7.66 -7.88
N LYS A 415 11.12 8.53 -8.58
CA LYS A 415 9.86 9.10 -8.07
C LYS A 415 8.83 8.01 -7.80
N GLU A 416 8.83 6.92 -8.59
CA GLU A 416 7.86 5.84 -8.37
C GLU A 416 8.40 4.89 -7.31
N VAL A 417 9.72 4.68 -7.26
CA VAL A 417 10.34 3.87 -6.21
C VAL A 417 10.10 4.39 -4.79
N ILE A 418 10.40 5.64 -4.54
CA ILE A 418 10.30 6.14 -3.16
C ILE A 418 8.83 6.19 -2.71
N TRP A 419 7.91 6.48 -3.64
CA TRP A 419 6.45 6.43 -3.40
C TRP A 419 6.00 5.08 -2.89
N ALA A 420 6.41 4.06 -3.60
CA ALA A 420 6.10 2.70 -3.23
C ALA A 420 6.78 2.30 -1.96
N TYR A 421 8.03 2.71 -1.75
CA TYR A 421 8.77 2.34 -0.54
C TYR A 421 8.03 2.83 0.71
N VAL A 422 7.72 4.11 0.76
CA VAL A 422 7.17 4.70 1.99
C VAL A 422 5.67 4.33 2.16
N THR A 423 4.92 4.10 1.08
CA THR A 423 3.47 3.90 1.20
C THR A 423 3.03 2.47 1.29
N ARG A 424 3.92 1.54 0.93
CA ARG A 424 3.56 0.10 0.90
C ARG A 424 4.26 -0.84 1.84
N HIS A 425 5.18 -0.41 2.66
CA HIS A 425 5.77 -1.30 3.71
C HIS A 425 5.56 -0.69 5.10
N THR A 426 5.23 -1.54 6.08
CA THR A 426 5.15 -1.15 7.45
C THR A 426 6.57 -1.15 8.01
N PRO A 427 7.05 -0.01 8.51
CA PRO A 427 8.33 0.01 9.20
C PRO A 427 8.59 -1.13 10.24
N VAL A 428 9.71 -1.82 10.06
CA VAL A 428 10.15 -2.97 10.89
C VAL A 428 9.29 -4.20 10.64
N ALA A 429 7.98 -4.11 10.81
CA ALA A 429 7.18 -5.33 10.62
C ALA A 429 7.29 -5.95 9.20
N ASP A 430 7.44 -5.19 8.11
CA ASP A 430 7.54 -5.76 6.75
C ASP A 430 9.00 -5.92 6.25
N GLN A 431 10.00 -5.83 7.13
CA GLN A 431 11.42 -6.01 6.79
C GLN A 431 11.97 -7.27 7.49
N MET A 432 12.67 -8.14 6.76
CA MET A 432 13.22 -9.36 7.28
C MET A 432 14.72 -9.24 7.32
N ALA A 433 15.32 -9.41 8.51
CA ALA A 433 16.74 -9.18 8.71
C ALA A 433 17.48 -10.46 8.41
N PHE A 434 18.65 -10.31 7.79
CA PHE A 434 19.53 -11.41 7.52
C PHE A 434 20.82 -11.16 8.30
N ASP A 435 21.00 -11.88 9.40
CA ASP A 435 22.13 -11.75 10.36
C ASP A 435 23.43 -12.55 10.10
N ASP A 436 23.38 -13.64 9.35
N ASP A 436 23.31 -13.63 9.34
CA ASP A 436 24.58 -14.53 9.17
CA ASP A 436 24.41 -14.57 9.08
C ASP A 436 25.34 -14.33 7.84
C ASP A 436 24.77 -14.60 7.59
N VAL A 437 24.87 -13.40 7.00
CA VAL A 437 25.38 -13.26 5.65
C VAL A 437 26.56 -12.29 5.72
N THR A 438 27.45 -12.36 4.75
CA THR A 438 28.58 -11.45 4.72
C THR A 438 28.15 -10.02 4.41
N SER A 439 28.56 -9.10 5.30
CA SER A 439 28.43 -7.64 5.14
C SER A 439 29.32 -7.05 4.06
N PHE A 440 28.92 -5.96 3.43
CA PHE A 440 29.83 -5.18 2.54
C PHE A 440 30.65 -4.23 3.44
N PRO A 441 31.98 -4.43 3.56
CA PRO A 441 32.81 -3.58 4.50
C PRO A 441 32.82 -2.10 4.21
N LEU A 442 32.62 -1.70 2.95
CA LEU A 442 32.56 -0.30 2.61
C LEU A 442 31.28 0.49 3.01
N ALA A 443 30.14 -0.18 3.26
CA ALA A 443 28.90 0.53 3.60
C ALA A 443 29.19 1.35 4.89
N PRO A 444 28.86 2.66 4.91
CA PRO A 444 29.37 3.46 6.06
C PRO A 444 28.76 3.07 7.42
N PHE A 445 27.51 2.59 7.40
CA PHE A 445 26.91 2.10 8.61
C PHE A 445 27.63 0.82 9.13
N VAL A 446 28.31 0.06 8.27
CA VAL A 446 29.17 -1.06 8.69
C VAL A 446 30.56 -0.62 9.22
N SER A 447 31.26 0.12 8.39
CA SER A 447 32.63 0.55 8.67
C SER A 447 32.71 1.44 9.91
N GLN A 448 31.65 2.18 10.25
CA GLN A 448 31.64 3.06 11.42
C GLN A 448 30.83 2.49 12.59
N SER A 449 30.81 1.17 12.71
CA SER A 449 30.18 0.45 13.80
C SER A 449 31.04 -0.75 14.16
N SER A 450 30.66 -1.41 15.25
CA SER A 450 31.34 -2.62 15.66
C SER A 450 31.20 -3.79 14.65
N ARG A 451 30.23 -3.71 13.73
CA ARG A 451 30.13 -4.68 12.64
C ARG A 451 31.36 -4.71 11.71
N SER A 452 32.16 -3.63 11.61
CA SER A 452 33.46 -3.66 10.95
C SER A 452 34.42 -4.79 11.43
N LYS A 453 34.25 -5.30 12.65
CA LYS A 453 35.02 -6.45 13.18
C LYS A 453 34.32 -7.83 13.14
N THR A 454 33.00 -7.88 13.29
CA THR A 454 32.23 -9.16 13.17
C THR A 454 32.08 -9.62 11.70
N MET A 455 31.98 -8.65 10.80
CA MET A 455 31.87 -8.87 9.35
C MET A 455 30.56 -9.56 8.83
N LYS A 456 29.52 -9.66 9.67
CA LYS A 456 28.27 -10.36 9.32
C LYS A 456 26.99 -9.58 9.62
N GLY A 457 25.95 -9.83 8.82
CA GLY A 457 24.63 -9.20 9.02
C GLY A 457 24.44 -7.79 8.48
N GLY A 458 23.38 -7.16 8.96
CA GLY A 458 22.99 -5.80 8.60
C GLY A 458 22.35 -5.66 7.24
N LYS A 459 21.75 -6.75 6.74
CA LYS A 459 21.08 -6.78 5.45
C LYS A 459 19.61 -7.11 5.70
N CYS A 460 18.73 -6.76 4.75
N CYS A 460 18.73 -6.76 4.75
CA CYS A 460 17.32 -7.14 4.82
CA CYS A 460 17.32 -7.14 4.82
C CYS A 460 16.58 -7.25 3.49
C CYS A 460 16.58 -7.25 3.49
N VAL A 461 15.44 -7.93 3.52
CA VAL A 461 14.48 -7.92 2.42
C VAL A 461 13.27 -7.16 2.89
N THR A 462 12.81 -6.15 2.12
CA THR A 462 11.71 -5.29 2.52
C THR A 462 10.52 -5.52 1.56
N ASN A 463 9.42 -5.92 2.15
CA ASN A 463 8.21 -6.31 1.34
C ASN A 463 7.36 -5.07 1.10
N CYS A 464 7.32 -4.57 -0.14
CA CYS A 464 6.45 -3.48 -0.55
C CYS A 464 5.34 -3.92 -1.50
N ILE A 465 4.91 -5.16 -1.35
CA ILE A 465 3.74 -5.73 -2.05
C ILE A 465 2.60 -5.89 -1.06
N PHE A 466 1.44 -5.29 -1.31
CA PHE A 466 0.27 -5.35 -0.41
C PHE A 466 -0.10 -6.83 -0.26
N ARG A 467 -0.49 -7.22 0.95
CA ARG A 467 -0.89 -8.60 1.28
C ARG A 467 -1.91 -9.25 0.27
N GLN A 468 -2.91 -8.50 -0.17
CA GLN A 468 -3.88 -9.00 -1.15
C GLN A 468 -3.23 -9.36 -2.51
N GLN A 469 -2.10 -8.72 -2.88
CA GLN A 469 -1.42 -8.95 -4.17
C GLN A 469 -0.74 -10.33 -4.22
N TYR A 470 -0.53 -10.96 -3.07
CA TYR A 470 -0.08 -12.36 -3.00
C TYR A 470 -1.18 -13.41 -3.37
N GLU A 471 -2.43 -12.96 -3.42
CA GLU A 471 -3.61 -13.82 -3.71
C GLU A 471 -4.43 -13.49 -4.96
N ARG A 472 -4.61 -12.21 -5.28
CA ARG A 472 -5.42 -11.83 -6.40
C ARG A 472 -5.27 -10.41 -6.84
N SER A 473 -5.90 -10.16 -8.00
N SER A 473 -5.90 -10.16 -8.00
CA SER A 473 -6.27 -8.87 -8.57
CA SER A 473 -6.08 -8.83 -8.58
C SER A 473 -6.65 -7.87 -7.46
C SER A 473 -6.65 -7.87 -7.53
N PHE A 474 -6.14 -6.65 -7.57
CA PHE A 474 -6.45 -5.67 -6.54
C PHE A 474 -6.31 -4.35 -7.27
N ASP A 475 -7.46 -3.83 -7.71
CA ASP A 475 -7.53 -2.55 -8.51
C ASP A 475 -7.66 -1.31 -7.60
N TYR A 476 -6.74 -0.39 -7.78
CA TYR A 476 -6.79 0.90 -7.04
C TYR A 476 -6.40 1.92 -8.07
N ILE A 477 -6.74 3.18 -7.82
CA ILE A 477 -6.37 4.30 -8.67
C ILE A 477 -5.17 5.03 -8.10
N THR A 478 -4.17 5.29 -8.95
CA THR A 478 -2.96 6.04 -8.62
C THR A 478 -3.23 7.51 -8.94
N CYS A 479 -3.20 8.37 -7.93
CA CYS A 479 -3.65 9.76 -8.08
C CYS A 479 -2.60 10.74 -8.54
N ASN A 480 -2.24 10.63 -9.80
CA ASN A 480 -1.40 11.61 -10.50
C ASN A 480 -2.03 11.91 -11.88
N PHE A 481 -1.42 12.79 -12.67
CA PHE A 481 -1.99 13.18 -14.00
C PHE A 481 -2.02 12.00 -15.02
N GLU A 482 -0.85 11.44 -15.30
CA GLU A 482 -0.73 10.37 -16.36
C GLU A 482 -1.44 9.03 -16.09
N LYS A 483 -1.37 8.51 -14.85
CA LYS A 483 -2.09 7.30 -14.44
C LYS A 483 -3.48 7.51 -13.86
N GLY A 484 -3.84 8.70 -13.40
CA GLY A 484 -5.12 8.87 -12.71
C GLY A 484 -6.36 9.02 -13.58
N TYR A 485 -6.17 9.41 -14.84
CA TYR A 485 -7.26 9.88 -15.73
C TYR A 485 -7.21 9.12 -17.10
N PRO A 486 -8.39 8.94 -17.76
CA PRO A 486 -8.43 8.27 -19.09
C PRO A 486 -7.53 8.95 -20.11
N LYS A 487 -6.97 8.16 -21.02
CA LYS A 487 -5.99 8.65 -21.96
C LYS A 487 -6.56 9.78 -22.86
N GLY A 488 -7.84 9.69 -23.25
CA GLY A 488 -8.53 10.76 -24.00
C GLY A 488 -8.52 12.11 -23.25
N LEU A 489 -8.73 12.05 -21.94
CA LEU A 489 -8.70 13.28 -21.13
C LEU A 489 -7.27 13.82 -20.98
N VAL A 490 -6.30 12.94 -20.78
CA VAL A 490 -4.88 13.36 -20.70
C VAL A 490 -4.41 14.05 -22.00
N ASP A 491 -4.81 13.49 -23.13
CA ASP A 491 -4.43 14.08 -24.41
C ASP A 491 -5.15 15.37 -24.68
N LYS A 492 -6.44 15.45 -24.33
CA LYS A 492 -7.22 16.68 -24.49
C LYS A 492 -6.60 17.80 -23.69
N VAL A 493 -6.25 17.51 -22.43
CA VAL A 493 -5.57 18.50 -21.54
C VAL A 493 -4.25 18.98 -22.16
N ASN A 494 -3.42 18.06 -22.68
CA ASN A 494 -2.17 18.41 -23.33
C ASN A 494 -2.37 19.20 -24.64
N GLU A 495 -3.27 18.75 -25.53
CA GLU A 495 -3.63 19.55 -26.76
C GLU A 495 -4.00 21.01 -26.41
N ASN A 496 -4.86 21.20 -25.41
CA ASN A 496 -5.41 22.54 -25.09
C ASN A 496 -4.55 23.40 -24.17
N TRP A 497 -3.45 22.87 -23.68
CA TRP A 497 -2.62 23.52 -22.67
C TRP A 497 -2.22 24.99 -23.01
N LYS A 498 -1.67 25.29 -24.20
CA LYS A 498 -1.22 26.68 -24.55
C LYS A 498 -2.42 27.60 -24.74
N ARG A 499 -3.53 27.03 -25.20
CA ARG A 499 -4.76 27.76 -25.38
C ARG A 499 -5.40 28.18 -24.09
N TYR A 500 -5.30 27.36 -23.04
CA TYR A 500 -5.74 27.76 -21.70
C TYR A 500 -4.97 28.98 -21.26
N GLY A 501 -3.70 29.05 -21.62
CA GLY A 501 -2.87 30.18 -21.28
C GLY A 501 -1.54 29.87 -20.62
N TYR A 502 -1.14 28.60 -20.58
CA TYR A 502 0.16 28.20 -20.01
C TYR A 502 1.27 28.50 -21.07
N LYS A 503 2.42 29.02 -20.61
CA LYS A 503 3.45 29.64 -21.45
C LYS A 503 4.78 29.03 -21.08
N ARG B 2 -4.78 50.08 -4.13
CA ARG B 2 -3.65 50.42 -3.21
C ARG B 2 -2.94 49.15 -2.74
N LYS B 3 -2.33 49.24 -1.54
CA LYS B 3 -1.55 48.13 -0.94
C LYS B 3 -2.39 46.84 -1.03
N LEU B 4 -1.82 45.77 -1.55
CA LEU B 4 -2.48 44.47 -1.52
C LEU B 4 -2.19 43.83 -0.19
N ASN B 5 -3.20 43.25 0.43
CA ASN B 5 -2.96 42.48 1.67
C ASN B 5 -3.41 41.03 1.53
N PRO B 6 -2.51 40.20 0.99
CA PRO B 6 -2.92 38.82 0.63
C PRO B 6 -3.18 37.90 1.84
N ALA B 7 -2.57 38.17 2.98
CA ALA B 7 -2.86 37.43 4.22
C ALA B 7 -4.28 37.63 4.76
N LEU B 8 -4.82 38.84 4.57
CA LEU B 8 -6.14 39.28 5.10
C LEU B 8 -7.31 39.12 4.12
N GLU B 9 -7.03 39.29 2.81
CA GLU B 9 -8.05 39.25 1.75
C GLU B 9 -7.78 38.19 0.68
N PHE B 10 -8.69 37.24 0.54
CA PHE B 10 -8.56 36.24 -0.52
C PHE B 10 -8.42 36.84 -1.96
N ARG B 11 -9.20 37.86 -2.33
CA ARG B 11 -9.07 38.48 -3.66
C ARG B 11 -7.72 39.21 -3.89
N ASP B 12 -7.09 39.66 -2.81
CA ASP B 12 -5.75 40.25 -2.87
C ASP B 12 -4.69 39.19 -3.10
N PHE B 13 -4.86 38.03 -2.46
CA PHE B 13 -4.01 36.87 -2.71
C PHE B 13 -4.07 36.52 -4.22
N ILE B 14 -5.26 36.37 -4.80
CA ILE B 14 -5.39 36.13 -6.26
C ILE B 14 -4.67 37.21 -7.12
N GLN B 15 -4.88 38.48 -6.80
CA GLN B 15 -4.23 39.54 -7.53
C GLN B 15 -2.68 39.43 -7.48
N VAL B 16 -2.08 39.20 -6.31
N VAL B 16 -2.07 39.20 -6.29
CA VAL B 16 -0.60 39.13 -6.25
CA VAL B 16 -0.60 39.13 -6.23
C VAL B 16 -0.02 37.91 -6.99
C VAL B 16 -0.02 37.91 -6.98
N LEU B 17 -0.81 36.84 -7.12
CA LEU B 17 -0.41 35.72 -7.97
C LEU B 17 -0.44 36.12 -9.45
N LYS B 18 -1.47 36.86 -9.85
CA LYS B 18 -1.52 37.46 -11.21
C LYS B 18 -0.30 38.34 -11.52
N ASP B 19 0.06 39.23 -10.60
CA ASP B 19 1.24 40.11 -10.74
C ASP B 19 2.58 39.37 -10.77
N GLU B 20 2.62 38.16 -10.22
CA GLU B 20 3.80 37.32 -10.27
C GLU B 20 3.74 36.30 -11.47
N ASP B 21 2.76 36.42 -12.36
CA ASP B 21 2.57 35.50 -13.48
C ASP B 21 2.38 34.05 -13.03
N ASP B 22 1.73 33.88 -11.88
CA ASP B 22 1.57 32.58 -11.23
C ASP B 22 0.10 32.14 -11.20
N LEU B 23 -0.73 32.70 -12.07
CA LEU B 23 -2.13 32.42 -12.10
C LEU B 23 -2.69 32.47 -13.55
N ILE B 24 -3.32 31.42 -14.07
CA ILE B 24 -3.83 31.46 -15.40
C ILE B 24 -5.34 31.54 -15.33
N GLU B 25 -5.93 32.55 -15.97
CA GLU B 25 -7.38 32.65 -16.07
C GLU B 25 -7.93 31.94 -17.29
N ILE B 26 -8.58 30.80 -17.07
CA ILE B 26 -9.07 29.95 -18.12
C ILE B 26 -10.53 30.28 -18.37
N THR B 27 -10.77 30.94 -19.50
CA THR B 27 -12.11 31.40 -19.93
C THR B 27 -12.94 30.41 -20.79
N GLU B 28 -12.30 29.46 -21.44
CA GLU B 28 -13.13 28.48 -22.16
C GLU B 28 -13.83 27.54 -21.19
N GLU B 29 -14.93 26.94 -21.67
CA GLU B 29 -15.70 25.96 -20.88
C GLU B 29 -14.90 24.72 -20.38
N ILE B 30 -14.84 24.54 -19.06
CA ILE B 30 -14.22 23.38 -18.45
C ILE B 30 -15.30 22.62 -17.67
N ASP B 31 -15.28 21.28 -17.80
CA ASP B 31 -16.20 20.39 -17.07
C ASP B 31 -15.72 20.11 -15.63
N PRO B 32 -16.55 20.38 -14.62
CA PRO B 32 -16.19 19.96 -13.26
C PRO B 32 -16.10 18.43 -13.05
N ASN B 33 -16.79 17.64 -13.90
CA ASN B 33 -16.62 16.18 -13.97
C ASN B 33 -15.22 15.83 -14.59
N LEU B 34 -14.26 15.52 -13.70
CA LEU B 34 -12.87 15.11 -14.00
C LEU B 34 -11.91 16.13 -14.58
N GLU B 35 -12.34 17.04 -15.41
CA GLU B 35 -11.40 17.89 -16.17
C GLU B 35 -10.67 18.93 -15.28
N VAL B 36 -11.36 19.50 -14.29
CA VAL B 36 -10.75 20.37 -13.28
C VAL B 36 -9.66 19.58 -12.54
N GLY B 37 -10.02 18.41 -12.03
CA GLY B 37 -9.05 17.59 -11.33
C GLY B 37 -7.77 17.30 -12.12
N ALA B 38 -7.93 16.89 -13.39
CA ALA B 38 -6.78 16.55 -14.22
C ALA B 38 -5.85 17.71 -14.48
N ILE B 39 -6.43 18.88 -14.84
CA ILE B 39 -5.69 20.12 -15.07
C ILE B 39 -4.89 20.50 -13.81
N MET B 40 -5.56 20.44 -12.67
CA MET B 40 -4.89 20.64 -11.37
C MET B 40 -3.69 19.70 -11.10
N ARG B 41 -3.86 18.39 -11.29
CA ARG B 41 -2.74 17.44 -11.13
C ARG B 41 -1.55 17.77 -12.05
N LYS B 42 -1.83 18.13 -13.29
CA LYS B 42 -0.74 18.48 -14.20
C LYS B 42 0.00 19.74 -13.71
N ALA B 43 -0.75 20.74 -13.24
CA ALA B 43 -0.06 21.91 -12.71
C ALA B 43 0.72 21.58 -11.44
N TYR B 44 0.15 20.77 -10.53
CA TYR B 44 0.88 20.51 -9.25
C TYR B 44 2.21 19.81 -9.52
N GLU B 45 2.19 18.84 -10.43
CA GLU B 45 3.29 17.89 -10.58
C GLU B 45 4.50 18.47 -11.33
N SER B 46 4.29 19.46 -12.21
CA SER B 46 5.40 20.27 -12.77
C SER B 46 5.59 21.65 -12.15
N HIS B 47 5.05 21.83 -10.96
CA HIS B 47 5.21 23.10 -10.23
C HIS B 47 4.86 24.31 -11.12
N LEU B 48 3.70 24.27 -11.77
CA LEU B 48 3.28 25.29 -12.73
C LEU B 48 2.27 26.24 -12.06
N PRO B 49 1.88 27.36 -12.76
CA PRO B 49 0.91 28.35 -12.26
C PRO B 49 -0.44 27.82 -11.90
N ALA B 50 -1.03 28.40 -10.85
CA ALA B 50 -2.37 28.01 -10.37
C ALA B 50 -3.45 28.30 -11.40
N PRO B 51 -4.36 27.37 -11.63
CA PRO B 51 -5.43 27.64 -12.56
C PRO B 51 -6.69 28.25 -11.92
N LEU B 52 -7.21 29.31 -12.50
CA LEU B 52 -8.50 29.88 -12.13
C LEU B 52 -9.53 29.64 -13.26
N PHE B 53 -10.46 28.74 -12.98
CA PHE B 53 -11.49 28.32 -13.93
C PHE B 53 -12.69 29.30 -13.82
N LYS B 54 -12.75 30.23 -14.78
CA LYS B 54 -13.80 31.26 -14.84
C LYS B 54 -15.11 30.74 -15.44
N ASN B 55 -15.10 29.63 -16.18
CA ASN B 55 -16.27 29.21 -16.99
C ASN B 55 -16.52 27.70 -16.87
N LEU B 56 -17.20 27.30 -15.82
CA LEU B 56 -17.40 25.91 -15.55
C LEU B 56 -18.74 25.46 -16.12
N LYS B 57 -18.78 24.29 -16.72
CA LYS B 57 -20.01 23.77 -17.24
C LYS B 57 -21.03 23.62 -16.11
N GLY B 58 -22.23 24.19 -16.30
CA GLY B 58 -23.30 24.07 -15.28
C GLY B 58 -23.29 25.16 -14.21
N ALA B 59 -22.42 26.17 -14.32
CA ALA B 59 -22.35 27.30 -13.36
C ALA B 59 -23.32 28.46 -13.65
N SER B 60 -23.79 29.16 -12.62
CA SER B 60 -24.41 30.50 -12.75
C SER B 60 -23.36 31.60 -12.68
N LYS B 61 -23.73 32.84 -13.00
CA LYS B 61 -22.80 33.99 -12.96
C LYS B 61 -22.12 34.02 -11.57
N ASP B 62 -22.91 33.79 -10.52
CA ASP B 62 -22.38 33.91 -9.16
C ASP B 62 -21.78 32.64 -8.57
N LEU B 63 -22.31 31.47 -8.93
CA LEU B 63 -21.98 30.20 -8.29
C LEU B 63 -21.56 29.15 -9.32
N PHE B 64 -20.26 28.96 -9.59
CA PHE B 64 -19.07 29.68 -9.01
C PHE B 64 -17.92 29.45 -9.99
N SER B 65 -16.83 30.19 -9.86
CA SER B 65 -15.50 29.80 -10.32
C SER B 65 -14.78 28.87 -9.32
N ILE B 66 -13.69 28.26 -9.78
CA ILE B 66 -12.75 27.46 -8.94
C ILE B 66 -11.29 27.94 -9.10
N LEU B 67 -10.63 28.19 -7.97
CA LEU B 67 -9.18 28.40 -7.92
C LEU B 67 -8.54 27.11 -7.40
N GLY B 68 -7.77 26.44 -8.24
CA GLY B 68 -7.03 25.21 -7.88
C GLY B 68 -5.60 25.53 -7.45
N CYS B 69 -5.00 24.63 -6.68
CA CYS B 69 -3.58 24.67 -6.33
C CYS B 69 -3.18 25.87 -5.44
N PRO B 70 -4.06 26.27 -4.48
CA PRO B 70 -3.76 27.46 -3.67
C PRO B 70 -2.47 27.42 -2.87
N ALA B 71 -1.93 26.25 -2.57
CA ALA B 71 -0.62 26.20 -1.97
C ALA B 71 0.28 25.16 -2.64
N GLY B 72 0.24 25.08 -3.96
CA GLY B 72 1.16 24.25 -4.73
C GLY B 72 2.54 24.89 -4.76
N LEU B 73 3.56 24.18 -5.27
CA LEU B 73 4.87 24.81 -5.42
C LEU B 73 5.01 25.40 -6.82
N ARG B 74 5.99 26.30 -6.95
CA ARG B 74 6.23 26.93 -8.25
C ARG B 74 7.74 27.05 -8.51
N SER B 75 8.12 27.73 -9.63
CA SER B 75 9.55 27.86 -10.03
C SER B 75 10.39 28.57 -8.98
N LYS B 76 11.62 28.12 -8.82
CA LYS B 76 12.56 28.66 -7.85
C LYS B 76 12.94 30.13 -8.06
N GLU B 77 12.84 30.64 -9.28
CA GLU B 77 13.10 32.07 -9.55
C GLU B 77 12.10 33.01 -8.87
N LYS B 78 10.87 32.58 -8.67
CA LYS B 78 9.82 33.42 -8.08
C LYS B 78 9.68 33.19 -6.59
N GLY B 79 10.42 32.19 -6.08
CA GLY B 79 10.33 31.68 -4.73
C GLY B 79 9.39 30.47 -4.78
N ASP B 80 9.94 29.28 -4.54
CA ASP B 80 9.18 28.03 -4.73
C ASP B 80 8.00 27.83 -3.77
N HIS B 81 8.12 28.39 -2.55
CA HIS B 81 7.10 28.36 -1.53
C HIS B 81 6.32 29.69 -1.45
N GLY B 82 6.33 30.45 -2.54
CA GLY B 82 5.69 31.77 -2.58
C GLY B 82 4.21 31.79 -2.27
N ARG B 83 3.44 30.79 -2.75
CA ARG B 83 2.03 30.74 -2.40
C ARG B 83 1.80 30.59 -0.93
N ILE B 84 2.60 29.75 -0.25
CA ILE B 84 2.50 29.59 1.20
C ILE B 84 2.92 30.91 1.92
N ALA B 85 4.05 31.46 1.51
CA ALA B 85 4.45 32.77 2.05
C ALA B 85 3.36 33.91 1.94
N HIS B 86 2.61 33.98 0.84
CA HIS B 86 1.57 35.01 0.69
C HIS B 86 0.34 34.78 1.57
N HIS B 87 0.16 33.53 2.06
CA HIS B 87 -0.89 33.24 3.07
C HIS B 87 -0.58 33.99 4.41
N LEU B 88 0.70 34.24 4.68
CA LEU B 88 1.16 34.89 5.90
C LEU B 88 1.66 36.32 5.70
N GLY B 89 1.46 36.91 4.53
CA GLY B 89 1.98 38.26 4.27
C GLY B 89 3.47 38.41 4.18
N LEU B 90 4.21 37.35 3.85
CA LEU B 90 5.70 37.37 3.84
C LEU B 90 6.18 37.54 2.39
N ASP B 91 7.44 37.93 2.24
CA ASP B 91 8.15 38.05 0.97
C ASP B 91 8.06 36.75 0.23
N PRO B 92 7.68 36.77 -1.06
CA PRO B 92 7.59 35.51 -1.83
C PRO B 92 8.83 34.58 -1.85
N LYS B 93 10.02 35.07 -1.56
CA LYS B 93 11.20 34.20 -1.58
C LYS B 93 11.61 33.68 -0.21
N THR B 94 10.78 33.92 0.80
CA THR B 94 11.01 33.37 2.13
C THR B 94 11.09 31.86 1.99
N THR B 95 12.08 31.23 2.64
CA THR B 95 12.19 29.75 2.62
C THR B 95 11.25 29.07 3.64
N ILE B 96 11.02 27.77 3.47
N ILE B 96 11.05 27.75 3.48
CA ILE B 96 10.13 27.04 4.39
CA ILE B 96 10.22 26.97 4.38
C ILE B 96 10.73 27.01 5.81
C ILE B 96 10.74 27.06 5.81
N LYS B 97 12.06 26.99 5.95
CA LYS B 97 12.66 27.16 7.24
C LYS B 97 12.23 28.50 7.95
N GLU B 98 12.33 29.60 7.21
CA GLU B 98 11.94 30.93 7.71
C GLU B 98 10.38 31.07 7.98
N ILE B 99 9.54 30.42 7.18
CA ILE B 99 8.07 30.38 7.41
C ILE B 99 7.76 29.66 8.70
N ILE B 100 8.36 28.49 8.88
CA ILE B 100 8.20 27.73 10.13
C ILE B 100 8.70 28.59 11.31
N ASP B 101 9.86 29.22 11.20
CA ASP B 101 10.38 29.98 12.34
C ASP B 101 9.48 31.22 12.65
N TYR B 102 8.94 31.86 11.61
CA TYR B 102 7.93 32.94 11.79
C TYR B 102 6.58 32.56 12.49
N LEU B 103 6.05 31.40 12.12
CA LEU B 103 4.91 30.86 12.86
C LEU B 103 5.20 30.67 14.37
N LEU B 104 6.41 30.21 14.70
CA LEU B 104 6.78 30.04 16.13
C LEU B 104 6.97 31.38 16.83
N GLU B 105 7.55 32.36 16.14
CA GLU B 105 7.62 33.74 16.67
C GLU B 105 6.18 34.32 16.96
N CYS B 106 5.23 34.05 16.08
CA CYS B 106 3.85 34.49 16.28
C CYS B 106 3.12 33.92 17.55
N LYS B 107 3.61 32.81 18.10
CA LYS B 107 3.02 32.22 19.30
C LYS B 107 3.35 33.06 20.55
N GLU B 108 4.35 33.95 20.44
CA GLU B 108 4.73 34.87 21.50
C GLU B 108 4.07 36.23 21.36
N LYS B 109 3.43 36.55 20.23
CA LYS B 109 2.69 37.83 20.10
C LYS B 109 1.36 37.81 20.86
N GLU B 110 0.83 38.99 21.15
CA GLU B 110 -0.47 39.09 21.83
C GLU B 110 -1.61 38.59 20.94
N PRO B 111 -2.39 37.63 21.46
CA PRO B 111 -3.58 37.16 20.67
C PRO B 111 -4.62 38.27 20.53
N LEU B 112 -5.17 38.45 19.33
CA LEU B 112 -6.20 39.45 19.02
C LEU B 112 -7.50 38.75 18.60
N PRO B 113 -8.51 38.67 19.51
CA PRO B 113 -9.81 38.04 19.13
C PRO B 113 -10.52 38.81 18.00
N PRO B 114 -11.47 38.15 17.28
CA PRO B 114 -12.23 38.81 16.21
C PRO B 114 -13.07 40.03 16.66
N ILE B 115 -13.24 40.99 15.75
CA ILE B 115 -14.05 42.20 15.92
C ILE B 115 -15.25 42.19 14.94
N THR B 116 -16.44 42.49 15.45
CA THR B 116 -17.66 42.56 14.63
C THR B 116 -17.61 43.78 13.73
N VAL B 117 -18.09 43.64 12.50
CA VAL B 117 -18.14 44.75 11.58
C VAL B 117 -19.54 44.81 10.99
N PRO B 118 -19.94 45.96 10.44
CA PRO B 118 -21.32 45.99 9.93
C PRO B 118 -21.66 44.98 8.79
N VAL B 119 -22.90 44.49 8.81
CA VAL B 119 -23.45 43.56 7.80
C VAL B 119 -23.56 44.19 6.39
N SER B 120 -24.03 45.43 6.32
CA SER B 120 -24.15 46.22 5.06
C SER B 120 -22.87 46.32 4.24
N SER B 121 -21.73 46.44 4.92
CA SER B 121 -20.41 46.55 4.32
C SER B 121 -19.82 45.12 3.90
N ALA B 122 -20.17 44.04 4.64
CA ALA B 122 -19.60 42.67 4.49
C ALA B 122 -19.91 41.93 3.16
N PRO B 123 -18.88 41.68 2.34
CA PRO B 123 -19.18 41.07 1.03
C PRO B 123 -19.86 39.69 1.06
N CYS B 124 -19.58 38.89 2.10
CA CYS B 124 -20.18 37.57 2.24
C CYS B 124 -21.72 37.62 2.43
N LYS B 125 -22.25 38.82 2.73
CA LYS B 125 -23.69 39.00 2.89
C LYS B 125 -24.37 39.62 1.67
N THR B 126 -23.70 39.73 0.54
CA THR B 126 -24.31 40.31 -0.66
C THR B 126 -25.59 39.56 -1.10
N HIS B 127 -25.55 38.24 -1.15
CA HIS B 127 -26.75 37.44 -1.40
C HIS B 127 -27.01 36.48 -0.24
N ILE B 128 -28.27 36.27 0.11
CA ILE B 128 -28.62 35.44 1.28
C ILE B 128 -29.75 34.52 0.88
N LEU B 129 -29.56 33.21 1.04
CA LEU B 129 -30.60 32.22 0.75
C LEU B 129 -31.13 31.56 2.01
N SER B 130 -32.46 31.48 2.12
CA SER B 130 -33.14 30.74 3.22
C SER B 130 -33.28 29.29 2.80
N GLU B 131 -33.78 28.45 3.72
CA GLU B 131 -33.80 26.98 3.55
C GLU B 131 -34.40 26.43 2.23
N GLU B 132 -35.50 27.01 1.77
CA GLU B 132 -36.23 26.51 0.60
C GLU B 132 -35.42 26.70 -0.67
N LYS B 133 -34.57 27.72 -0.68
CA LYS B 133 -33.73 28.04 -1.83
C LYS B 133 -32.35 27.28 -1.88
N ILE B 134 -32.07 26.46 -0.89
CA ILE B 134 -30.86 25.62 -0.85
C ILE B 134 -30.97 24.44 -1.85
N HIS B 135 -30.18 24.45 -2.91
CA HIS B 135 -30.13 23.31 -3.87
C HIS B 135 -28.68 22.91 -4.15
N LEU B 136 -28.10 22.07 -3.28
CA LEU B 136 -26.68 21.68 -3.39
C LEU B 136 -26.34 20.90 -4.69
N GLN B 137 -27.32 20.22 -5.31
CA GLN B 137 -27.08 19.47 -6.57
C GLN B 137 -27.03 20.36 -7.80
N SER B 138 -27.45 21.63 -7.69
N SER B 138 -27.40 21.63 -7.67
CA SER B 138 -27.33 22.57 -8.79
CA SER B 138 -27.33 22.58 -8.76
C SER B 138 -25.91 23.14 -8.95
C SER B 138 -26.03 23.37 -8.82
N LEU B 139 -25.14 23.14 -7.87
CA LEU B 139 -23.80 23.73 -7.84
C LEU B 139 -22.83 22.91 -8.74
N PRO B 140 -21.88 23.58 -9.43
CA PRO B 140 -20.94 22.91 -10.31
C PRO B 140 -19.72 22.32 -9.53
N THR B 141 -20.08 21.49 -8.55
CA THR B 141 -19.17 20.85 -7.64
C THR B 141 -18.26 19.84 -8.41
N PRO B 142 -16.95 19.81 -8.11
CA PRO B 142 -16.07 18.92 -8.89
C PRO B 142 -16.07 17.44 -8.45
N TYR B 143 -15.96 16.56 -9.45
CA TYR B 143 -15.71 15.15 -9.30
C TYR B 143 -14.23 15.01 -9.63
N LEU B 144 -13.43 14.81 -8.57
CA LEU B 144 -11.98 15.12 -8.62
C LEU B 144 -11.06 14.00 -9.08
N HIS B 145 -11.40 12.76 -8.71
CA HIS B 145 -10.59 11.57 -9.05
C HIS B 145 -11.52 10.47 -9.61
N VAL B 146 -11.00 9.68 -10.57
CA VAL B 146 -11.72 8.49 -11.04
C VAL B 146 -11.96 7.57 -9.86
N SER B 147 -13.19 7.06 -9.73
CA SER B 147 -13.62 6.18 -8.60
C SER B 147 -13.97 6.80 -7.23
N ASP B 148 -13.90 8.12 -7.09
CA ASP B 148 -14.48 8.82 -5.93
C ASP B 148 -15.96 8.42 -5.76
N GLY B 149 -16.38 8.28 -4.51
CA GLY B 149 -17.77 8.02 -4.15
C GLY B 149 -18.75 9.17 -4.34
N GLY B 150 -18.30 10.32 -4.76
CA GLY B 150 -19.20 11.48 -4.83
C GLY B 150 -18.40 12.73 -5.16
N LYS B 151 -19.10 13.86 -5.27
CA LYS B 151 -18.47 15.14 -5.57
C LYS B 151 -18.11 15.83 -4.26
N TYR B 152 -16.90 16.34 -4.20
CA TYR B 152 -16.36 16.87 -2.97
C TYR B 152 -16.37 18.41 -3.08
N LEU B 153 -17.33 19.04 -2.41
CA LEU B 153 -17.44 20.54 -2.34
C LEU B 153 -16.41 21.15 -1.39
N GLN B 154 -16.14 20.47 -0.28
CA GLN B 154 -15.24 20.97 0.80
C GLN B 154 -13.85 20.27 0.78
N THR B 155 -12.89 20.94 0.12
CA THR B 155 -11.48 20.55 0.17
C THR B 155 -10.56 21.66 0.68
N TYR B 156 -11.01 22.90 0.74
CA TYR B 156 -10.13 24.01 1.13
C TYR B 156 -10.97 25.14 1.77
N GLY B 157 -11.97 24.70 2.52
CA GLY B 157 -12.83 25.57 3.27
C GLY B 157 -12.62 25.29 4.73
N MET B 158 -13.20 26.14 5.56
CA MET B 158 -13.07 26.10 7.00
C MET B 158 -14.35 25.63 7.71
N TRP B 159 -14.26 24.58 8.53
CA TRP B 159 -15.38 24.22 9.38
C TRP B 159 -15.25 25.03 10.67
N ILE B 160 -16.40 25.55 11.17
CA ILE B 160 -16.52 26.35 12.44
C ILE B 160 -17.53 25.63 13.34
N LEU B 161 -17.02 25.15 14.50
CA LEU B 161 -17.80 24.62 15.63
C LEU B 161 -17.34 25.30 16.95
N GLN B 162 -18.26 25.38 17.91
CA GLN B 162 -18.04 26.04 19.19
C GLN B 162 -18.53 25.11 20.27
N THR B 163 -17.83 25.04 21.40
CA THR B 163 -18.28 24.35 22.62
C THR B 163 -19.64 24.91 23.15
N PRO B 164 -20.47 24.04 23.84
CA PRO B 164 -21.79 24.51 24.43
C PRO B 164 -21.67 25.70 25.42
N ASP B 165 -20.65 25.71 26.25
CA ASP B 165 -20.33 26.84 27.14
C ASP B 165 -19.65 28.08 26.43
N LYS B 166 -19.38 27.98 25.12
CA LYS B 166 -18.88 29.07 24.28
C LYS B 166 -17.43 29.49 24.56
N LYS B 167 -16.70 28.78 25.43
CA LYS B 167 -15.30 29.16 25.69
C LYS B 167 -14.24 28.86 24.57
N TRP B 168 -14.54 27.93 23.68
CA TRP B 168 -13.64 27.57 22.57
C TRP B 168 -14.36 27.49 21.21
N THR B 169 -13.88 28.26 20.23
CA THR B 169 -14.36 28.15 18.83
C THR B 169 -13.23 27.65 17.97
N ASN B 170 -13.42 26.50 17.33
CA ASN B 170 -12.40 25.83 16.52
C ASN B 170 -12.65 25.97 15.03
N TRP B 171 -11.53 26.24 14.31
CA TRP B 171 -11.48 26.45 12.86
C TRP B 171 -10.59 25.34 12.30
N SER B 172 -11.13 24.50 11.41
CA SER B 172 -10.35 23.36 10.82
C SER B 172 -10.82 22.91 9.42
N ILE B 173 -9.90 22.25 8.68
CA ILE B 173 -10.22 21.68 7.34
C ILE B 173 -10.41 20.17 7.49
N ALA B 174 -11.53 19.67 6.91
CA ALA B 174 -11.77 18.18 6.68
C ALA B 174 -12.70 18.00 5.43
N ALA B 175 -12.57 16.95 4.60
CA ALA B 175 -13.14 16.66 3.51
C ALA B 175 -14.43 16.47 3.55
N GLY B 176 -15.24 17.09 2.68
CA GLY B 176 -16.72 16.98 2.70
C GLY B 176 -17.38 16.76 1.33
N MET B 177 -18.27 15.78 1.27
CA MET B 177 -18.85 15.27 0.00
C MET B 177 -20.33 15.60 -0.01
N VAL B 178 -20.88 16.04 -1.16
CA VAL B 178 -22.30 16.41 -1.31
C VAL B 178 -23.07 15.08 -1.33
N VAL B 179 -24.11 14.95 -0.51
CA VAL B 179 -24.91 13.71 -0.40
C VAL B 179 -26.22 13.80 -1.17
N ASP B 180 -26.91 14.90 -1.03
CA ASP B 180 -28.12 15.15 -1.81
C ASP B 180 -28.28 16.67 -1.89
N ASP B 181 -29.51 17.13 -2.13
CA ASP B 181 -29.81 18.57 -2.26
C ASP B 181 -29.62 19.40 -0.97
N LYS B 182 -29.69 18.79 0.21
CA LYS B 182 -29.61 19.51 1.52
C LYS B 182 -28.47 19.12 2.48
N HIS B 183 -27.66 18.14 2.09
CA HIS B 183 -26.78 17.44 3.03
C HIS B 183 -25.37 17.21 2.44
N ILE B 184 -24.41 17.32 3.33
CA ILE B 184 -22.98 17.07 3.08
C ILE B 184 -22.57 16.04 4.14
N THR B 185 -21.62 15.16 3.83
CA THR B 185 -21.09 14.20 4.82
C THR B 185 -19.54 14.32 4.83
N GLY B 186 -18.94 14.11 5.99
CA GLY B 186 -17.48 14.07 6.12
C GLY B 186 -16.96 13.38 7.36
N LEU B 187 -15.63 13.23 7.42
CA LEU B 187 -14.94 12.51 8.49
C LEU B 187 -14.89 13.45 9.70
N VAL B 188 -15.37 12.95 10.85
CA VAL B 188 -15.27 13.60 12.16
C VAL B 188 -14.58 12.52 13.08
N ILE B 189 -13.25 12.41 13.08
CA ILE B 189 -12.58 11.32 13.81
C ILE B 189 -11.61 11.82 14.88
N LYS B 190 -11.43 11.00 15.93
CA LYS B 190 -10.40 11.14 16.98
C LYS B 190 -9.05 11.11 16.29
N PRO B 191 -8.04 11.92 16.69
CA PRO B 191 -8.06 12.91 17.78
C PRO B 191 -8.40 14.36 17.36
N GLN B 192 -9.11 14.57 16.25
CA GLN B 192 -9.25 15.90 15.74
C GLN B 192 -10.21 16.75 16.65
N HIS B 193 -9.96 18.06 16.71
CA HIS B 193 -10.79 18.94 17.54
C HIS B 193 -12.27 19.03 17.11
N ILE B 194 -12.57 18.87 15.84
CA ILE B 194 -13.94 18.83 15.40
C ILE B 194 -14.77 17.71 16.15
N ARG B 195 -14.20 16.50 16.24
CA ARG B 195 -14.73 15.37 17.06
C ARG B 195 -14.70 15.66 18.57
N GLN B 196 -13.63 16.26 19.07
CA GLN B 196 -13.63 16.58 20.48
C GLN B 196 -14.81 17.49 20.88
N ILE B 197 -15.01 18.55 20.11
CA ILE B 197 -16.10 19.49 20.36
C ILE B 197 -17.47 18.86 20.14
N ALA B 198 -17.62 18.16 19.03
CA ALA B 198 -18.88 17.49 18.75
C ALA B 198 -19.26 16.57 19.90
N ASP B 199 -18.29 15.81 20.44
CA ASP B 199 -18.54 14.95 21.64
C ASP B 199 -19.05 15.68 22.92
N SER B 200 -18.62 16.94 23.13
N SER B 200 -18.63 16.94 23.14
CA SER B 200 -19.15 17.77 24.22
CA SER B 200 -19.16 17.75 24.24
C SER B 200 -20.66 18.06 24.07
C SER B 200 -20.66 18.04 24.06
N TRP B 201 -21.11 18.22 22.83
CA TRP B 201 -22.53 18.38 22.56
C TRP B 201 -23.33 17.08 22.84
N ALA B 202 -22.80 15.94 22.37
CA ALA B 202 -23.41 14.62 22.66
C ALA B 202 -23.53 14.31 24.17
N ALA B 203 -22.55 14.75 24.96
CA ALA B 203 -22.48 14.47 26.37
C ALA B 203 -23.60 15.21 27.15
N ILE B 204 -24.20 16.25 26.59
CA ILE B 204 -25.36 16.95 27.21
C ILE B 204 -26.65 16.69 26.41
N GLY B 205 -26.70 15.61 25.60
CA GLY B 205 -27.95 15.20 24.93
C GLY B 205 -28.34 15.89 23.63
N LYS B 206 -27.35 16.50 22.95
CA LYS B 206 -27.61 17.25 21.74
C LYS B 206 -26.70 16.79 20.60
N ALA B 207 -26.47 15.49 20.53
CA ALA B 207 -25.74 14.87 19.44
C ALA B 207 -26.33 15.11 18.02
N ASN B 208 -27.60 15.48 17.99
N ASN B 208 -27.61 15.45 17.94
CA ASN B 208 -28.42 15.65 16.79
CA ASN B 208 -28.30 15.54 16.65
C ASN B 208 -28.37 16.96 16.09
C ASN B 208 -28.53 16.97 16.13
N GLU B 209 -28.09 18.02 16.83
CA GLU B 209 -28.33 19.39 16.35
C GLU B 209 -27.15 20.24 16.84
N ILE B 210 -25.94 19.95 16.38
CA ILE B 210 -24.76 20.76 16.68
C ILE B 210 -24.62 21.89 15.63
N PRO B 211 -24.72 23.17 16.02
CA PRO B 211 -24.57 24.24 15.04
C PRO B 211 -23.19 24.26 14.39
N PHE B 212 -23.17 24.57 13.09
CA PHE B 212 -21.93 24.73 12.33
C PHE B 212 -22.02 25.84 11.28
N ALA B 213 -20.85 26.32 10.89
CA ALA B 213 -20.65 27.08 9.67
C ALA B 213 -19.50 26.47 8.86
N LEU B 214 -19.64 26.52 7.54
CA LEU B 214 -18.64 26.13 6.52
C LEU B 214 -18.34 27.34 5.60
N CYS B 215 -17.09 27.80 5.60
CA CYS B 215 -16.70 29.05 4.90
C CYS B 215 -15.64 28.84 3.85
N PHE B 216 -15.86 29.43 2.66
CA PHE B 216 -14.90 29.37 1.53
C PHE B 216 -14.37 30.72 1.12
N GLY B 217 -13.11 30.76 0.73
CA GLY B 217 -12.47 32.00 0.32
C GLY B 217 -12.25 32.90 1.53
N VAL B 218 -11.95 32.29 2.67
CA VAL B 218 -11.74 33.05 3.91
C VAL B 218 -10.39 33.79 3.76
N PRO B 219 -10.10 34.69 4.69
CA PRO B 219 -8.70 35.25 4.75
C PRO B 219 -7.62 34.17 4.71
N PRO B 220 -6.65 34.29 3.79
CA PRO B 220 -5.70 33.20 3.69
C PRO B 220 -4.95 32.85 4.98
N ALA B 221 -4.65 33.78 5.87
CA ALA B 221 -3.97 33.38 7.12
C ALA B 221 -4.79 32.36 7.95
N ALA B 222 -6.12 32.52 7.90
CA ALA B 222 -7.11 31.70 8.60
C ALA B 222 -7.20 30.27 8.05
N ILE B 223 -7.16 30.14 6.72
CA ILE B 223 -7.20 28.78 6.09
C ILE B 223 -5.92 28.06 6.46
N LEU B 224 -4.79 28.80 6.55
CA LEU B 224 -3.52 28.13 6.86
C LEU B 224 -3.54 27.55 8.27
N VAL B 225 -4.06 28.37 9.20
CA VAL B 225 -4.14 27.98 10.61
C VAL B 225 -5.27 26.90 10.84
N SER B 226 -6.30 26.91 9.99
CA SER B 226 -7.28 25.85 10.00
C SER B 226 -6.66 24.47 9.84
N SER B 227 -5.52 24.40 9.12
N SER B 227 -5.53 24.36 9.12
CA SER B 227 -4.77 23.15 8.86
CA SER B 227 -4.87 23.06 8.94
C SER B 227 -3.66 22.81 9.84
C SER B 227 -3.65 22.82 9.83
N MET B 228 -3.49 23.64 10.89
CA MET B 228 -2.39 23.49 11.83
C MET B 228 -2.88 22.86 13.14
N PRO B 229 -2.13 21.90 13.70
CA PRO B 229 -2.49 21.34 14.98
C PRO B 229 -2.04 22.18 16.23
N ILE B 230 -2.69 23.35 16.44
CA ILE B 230 -2.48 24.20 17.64
C ILE B 230 -3.16 23.56 18.85
N PRO B 231 -2.74 23.96 20.07
CA PRO B 231 -3.23 23.27 21.32
C PRO B 231 -4.77 23.25 21.52
N GLU B 232 -5.30 22.21 22.16
CA GLU B 232 -6.72 22.13 22.50
C GLU B 232 -7.13 23.32 23.36
N GLY B 233 -8.36 23.80 23.13
CA GLY B 233 -8.89 24.95 23.88
C GLY B 233 -8.42 26.32 23.43
N VAL B 234 -7.57 26.41 22.39
CA VAL B 234 -7.13 27.69 21.83
C VAL B 234 -7.97 27.94 20.53
N SER B 235 -8.73 29.04 20.53
CA SER B 235 -9.46 29.49 19.37
C SER B 235 -8.48 29.95 18.28
N GLU B 236 -8.50 29.27 17.11
CA GLU B 236 -7.67 29.61 15.97
C GLU B 236 -7.78 31.08 15.58
N SER B 237 -8.99 31.65 15.58
CA SER B 237 -9.15 33.09 15.31
C SER B 237 -8.18 34.04 16.05
N ASP B 238 -7.83 33.73 17.30
CA ASP B 238 -6.98 34.61 18.10
C ASP B 238 -5.50 34.62 17.62
N TYR B 239 -5.01 33.43 17.26
CA TYR B 239 -3.65 33.24 16.72
C TYR B 239 -3.55 33.83 15.30
N VAL B 240 -4.59 33.64 14.49
CA VAL B 240 -4.71 34.28 13.19
C VAL B 240 -4.58 35.82 13.33
N GLY B 241 -5.31 36.39 14.29
CA GLY B 241 -5.10 37.76 14.67
C GLY B 241 -3.68 38.17 14.94
N ALA B 242 -2.96 37.42 15.80
CA ALA B 242 -1.52 37.66 16.08
C ALA B 242 -0.72 37.71 14.80
N ILE B 243 -0.94 36.75 13.90
CA ILE B 243 -0.23 36.66 12.61
C ILE B 243 -0.49 37.85 11.70
N LEU B 244 -1.74 38.29 11.59
CA LEU B 244 -2.10 39.41 10.75
C LEU B 244 -1.68 40.79 11.33
N GLY B 245 -1.43 40.89 12.63
CA GLY B 245 -1.30 42.18 13.29
C GLY B 245 -2.62 42.92 13.55
N GLU B 246 -3.79 42.28 13.37
CA GLU B 246 -5.06 42.93 13.66
C GLU B 246 -6.16 41.84 13.78
N SER B 247 -7.30 42.20 14.35
CA SER B 247 -8.41 41.29 14.52
C SER B 247 -9.00 40.87 13.19
N VAL B 248 -9.38 39.61 13.07
CA VAL B 248 -10.13 39.18 11.89
C VAL B 248 -11.52 39.82 11.93
N PRO B 249 -11.94 40.50 10.83
CA PRO B 249 -13.28 41.07 10.83
C PRO B 249 -14.35 40.00 10.53
N VAL B 250 -15.38 39.92 11.42
CA VAL B 250 -16.44 38.89 11.40
C VAL B 250 -17.85 39.51 11.49
N VAL B 251 -18.82 38.69 11.05
CA VAL B 251 -20.25 38.91 11.18
C VAL B 251 -20.97 37.64 11.64
N LYS B 252 -22.15 37.82 12.19
CA LYS B 252 -22.90 36.71 12.70
C LYS B 252 -23.65 35.99 11.56
N CYS B 253 -23.80 34.66 11.69
CA CYS B 253 -24.58 33.83 10.75
C CYS B 253 -26.06 34.23 10.85
N GLU B 254 -26.82 33.98 9.76
CA GLU B 254 -28.25 34.21 9.70
C GLU B 254 -29.05 33.33 10.70
N THR B 255 -28.65 32.09 10.90
CA THR B 255 -29.47 31.15 11.63
C THR B 255 -28.90 30.66 12.95
N ASN B 256 -27.70 31.09 13.35
CA ASN B 256 -27.15 30.70 14.65
C ASN B 256 -26.17 31.75 15.13
N ASP B 257 -25.54 31.52 16.27
CA ASP B 257 -24.67 32.56 16.89
C ASP B 257 -23.19 32.51 16.52
N LEU B 258 -22.82 31.66 15.55
CA LEU B 258 -21.43 31.52 15.10
C LEU B 258 -21.00 32.76 14.29
N MET B 259 -19.75 33.20 14.49
CA MET B 259 -19.23 34.34 13.75
C MET B 259 -18.38 33.82 12.59
N VAL B 260 -18.57 34.38 11.39
CA VAL B 260 -17.78 34.02 10.22
C VAL B 260 -17.05 35.23 9.61
N PRO B 261 -15.98 34.94 8.85
CA PRO B 261 -15.22 36.06 8.32
C PRO B 261 -16.04 36.86 7.33
N ALA B 262 -15.98 38.19 7.44
CA ALA B 262 -16.82 39.06 6.63
C ALA B 262 -16.45 39.07 5.15
N THR B 263 -15.17 38.80 4.86
CA THR B 263 -14.73 38.72 3.43
C THR B 263 -14.81 37.31 2.76
N SER B 264 -15.48 36.35 3.38
CA SER B 264 -15.64 35.03 2.76
C SER B 264 -16.32 35.13 1.39
N GLU B 265 -15.93 34.30 0.43
CA GLU B 265 -16.67 34.14 -0.81
C GLU B 265 -18.01 33.47 -0.58
N MET B 266 -18.06 32.42 0.23
CA MET B 266 -19.32 31.72 0.47
C MET B 266 -19.38 31.21 1.91
N VAL B 267 -20.58 31.21 2.48
CA VAL B 267 -20.88 30.69 3.83
C VAL B 267 -22.09 29.72 3.77
N PHE B 268 -21.93 28.50 4.28
CA PHE B 268 -23.01 27.55 4.50
C PHE B 268 -23.24 27.37 5.99
N GLU B 269 -24.50 27.22 6.41
CA GLU B 269 -24.80 27.04 7.84
C GLU B 269 -25.91 26.04 8.10
N GLY B 270 -25.86 25.46 9.27
CA GLY B 270 -26.85 24.49 9.63
C GLY B 270 -26.53 23.78 10.91
N THR B 271 -26.99 22.53 10.97
CA THR B 271 -26.69 21.63 12.08
C THR B 271 -26.09 20.32 11.63
N LEU B 272 -25.24 19.79 12.52
CA LEU B 272 -24.53 18.54 12.36
C LEU B 272 -25.21 17.50 13.24
N SER B 273 -25.35 16.28 12.74
CA SER B 273 -25.78 15.14 13.56
C SER B 273 -24.74 14.05 13.52
N LEU B 274 -24.25 13.65 14.70
CA LEU B 274 -23.34 12.51 14.81
C LEU B 274 -24.01 11.13 14.74
N THR B 275 -25.32 11.05 14.93
CA THR B 275 -26.06 9.77 15.01
C THR B 275 -26.98 9.49 13.82
N ASP B 276 -27.05 10.40 12.85
CA ASP B 276 -27.62 10.13 11.51
C ASP B 276 -26.45 10.07 10.55
N THR B 277 -26.23 8.91 9.97
CA THR B 277 -25.02 8.68 9.20
C THR B 277 -25.33 8.38 7.75
N HIS B 278 -24.27 8.47 6.94
CA HIS B 278 -24.30 8.11 5.53
C HIS B 278 -22.89 7.61 5.13
N LEU B 279 -22.80 6.77 4.09
CA LEU B 279 -21.47 6.40 3.50
C LEU B 279 -20.72 7.59 2.74
N GLU B 280 -19.50 7.98 3.16
CA GLU B 280 -18.78 8.81 2.67
C GLU B 280 -17.62 8.25 1.99
N GLY B 281 -17.07 8.82 0.96
CA GLY B 281 -15.97 8.17 0.24
C GLY B 281 -16.39 7.06 -0.74
N PRO B 282 -15.44 6.43 -1.42
CA PRO B 282 -14.01 6.72 -1.32
C PRO B 282 -13.60 8.10 -1.83
N PHE B 283 -12.43 8.55 -1.40
CA PHE B 283 -11.86 9.82 -1.88
C PHE B 283 -10.36 9.66 -2.00
N GLY B 284 -9.75 10.15 -3.08
CA GLY B 284 -8.28 10.10 -3.23
C GLY B 284 -7.55 10.95 -2.15
N GLU B 285 -6.49 10.47 -1.49
CA GLU B 285 -5.97 10.87 -0.53
C GLU B 285 -4.50 11.25 -0.57
N MET B 286 -4.00 11.79 0.53
CA MET B 286 -2.61 12.39 0.64
C MET B 286 -1.37 11.45 0.38
N HIS B 287 -1.61 10.15 0.45
CA HIS B 287 -0.62 9.15 0.11
C HIS B 287 -0.64 8.65 -1.38
N GLY B 288 -1.61 9.10 -2.19
CA GLY B 288 -1.61 8.88 -3.63
C GLY B 288 -2.57 7.82 -4.19
N TYR B 289 -3.58 7.40 -3.43
CA TYR B 289 -4.47 6.29 -3.82
C TYR B 289 -6.00 6.55 -3.65
N VAL B 290 -6.80 6.02 -4.57
CA VAL B 290 -8.25 5.74 -4.31
C VAL B 290 -8.40 4.24 -4.16
N PHE B 291 -8.69 3.77 -2.95
CA PHE B 291 -9.13 2.39 -2.71
C PHE B 291 -10.69 2.24 -2.75
N LYS B 292 -11.26 1.06 -2.99
CA LYS B 292 -12.73 0.93 -3.42
C LYS B 292 -14.02 0.88 -2.50
N SER B 293 -13.95 0.75 -1.17
CA SER B 293 -12.74 0.86 -0.35
C SER B 293 -11.86 -0.43 -0.31
N PRO B 297 -19.10 5.03 7.03
CA PRO B 297 -20.29 5.61 7.71
C PRO B 297 -19.87 6.80 8.56
N CYS B 298 -20.56 7.92 8.38
CA CYS B 298 -20.06 9.24 8.81
C CYS B 298 -21.22 10.19 9.07
N PRO B 299 -20.96 11.26 9.82
CA PRO B 299 -22.03 12.14 10.20
C PRO B 299 -22.66 12.97 9.06
N LEU B 300 -23.88 13.43 9.29
CA LEU B 300 -24.60 14.24 8.31
C LEU B 300 -24.66 15.69 8.74
N TYR B 301 -24.24 16.57 7.83
CA TYR B 301 -24.41 18.02 7.97
C TYR B 301 -25.65 18.46 7.21
N THR B 302 -26.61 19.10 7.87
CA THR B 302 -27.80 19.66 7.19
C THR B 302 -27.66 21.15 6.93
N VAL B 303 -27.71 21.55 5.67
CA VAL B 303 -27.55 22.96 5.29
C VAL B 303 -28.92 23.70 5.34
N LYS B 304 -29.04 24.68 6.23
CA LYS B 304 -30.28 25.45 6.44
C LYS B 304 -30.24 26.87 5.88
N ALA B 305 -29.06 27.42 5.63
CA ALA B 305 -28.96 28.67 4.91
C ALA B 305 -27.60 28.86 4.23
N MET B 306 -27.50 29.90 3.39
N MET B 306 -27.51 29.87 3.37
CA MET B 306 -26.29 30.16 2.66
CA MET B 306 -26.28 30.17 2.65
C MET B 306 -26.23 31.65 2.36
C MET B 306 -26.22 31.64 2.31
N SER B 307 -25.02 32.18 2.25
CA SER B 307 -24.81 33.55 1.85
C SER B 307 -23.55 33.63 0.97
N TYR B 308 -23.46 34.55 0.00
CA TYR B 308 -22.28 34.68 -0.90
C TYR B 308 -22.10 36.03 -1.56
N ARG B 309 -20.87 36.23 -2.03
CA ARG B 309 -20.45 37.34 -2.91
C ARG B 309 -21.00 37.21 -4.35
N ASP B 310 -21.05 38.34 -5.04
CA ASP B 310 -21.09 38.33 -6.50
C ASP B 310 -19.81 37.66 -7.05
N ASN B 311 -19.96 36.90 -8.14
CA ASN B 311 -18.79 36.26 -8.86
C ASN B 311 -17.90 35.52 -7.85
N ALA B 312 -18.56 34.62 -7.11
CA ALA B 312 -17.93 33.85 -6.06
C ALA B 312 -16.94 32.78 -6.60
N ILE B 313 -15.88 32.57 -5.79
CA ILE B 313 -14.76 31.69 -6.10
C ILE B 313 -14.59 30.60 -5.01
N LEU B 314 -14.66 29.33 -5.41
CA LEU B 314 -14.40 28.15 -4.56
C LEU B 314 -12.94 27.75 -4.74
N PRO B 315 -12.10 27.90 -3.71
CA PRO B 315 -10.82 27.22 -3.79
C PRO B 315 -10.94 25.71 -3.54
N VAL B 316 -10.07 24.96 -4.23
CA VAL B 316 -10.09 23.53 -4.24
C VAL B 316 -8.68 22.96 -4.09
N SER B 317 -8.53 21.90 -3.26
CA SER B 317 -7.30 21.07 -3.23
C SER B 317 -7.64 19.71 -3.84
N ASN B 318 -6.78 19.19 -4.72
CA ASN B 318 -6.97 17.81 -5.30
C ASN B 318 -5.81 16.83 -4.88
N PRO B 319 -5.97 16.07 -3.77
CA PRO B 319 -4.87 15.35 -3.12
C PRO B 319 -4.42 14.14 -3.89
N GLY B 320 -3.17 13.72 -3.67
CA GLY B 320 -2.53 12.70 -4.51
C GLY B 320 -1.03 12.54 -4.29
N LEU B 321 -0.33 12.06 -5.34
CA LEU B 321 1.14 12.05 -5.40
C LEU B 321 1.70 13.43 -4.98
N CYS B 322 2.93 13.44 -4.47
CA CYS B 322 3.57 14.75 -4.12
C CYS B 322 3.64 15.63 -5.39
N THR B 323 3.53 16.96 -5.37
CA THR B 323 3.33 17.83 -4.21
C THR B 323 2.04 18.67 -4.26
N ASP B 324 1.22 18.59 -3.23
CA ASP B 324 -0.01 19.41 -3.11
C ASP B 324 -0.15 19.88 -1.64
N GLU B 325 -1.29 20.45 -1.31
CA GLU B 325 -1.54 21.09 0.02
C GLU B 325 -1.53 20.10 1.16
N THR B 326 -1.83 18.83 0.87
CA THR B 326 -1.73 17.78 1.89
C THR B 326 -0.26 17.52 2.26
N HIS B 327 0.70 18.02 1.47
CA HIS B 327 2.12 17.92 1.82
C HIS B 327 2.74 19.30 2.28
N THR B 328 2.38 20.35 1.58
CA THR B 328 2.94 21.67 1.90
C THR B 328 2.26 22.32 3.09
N LEU B 329 0.98 22.02 3.34
CA LEU B 329 0.39 22.49 4.60
C LEU B 329 0.36 21.44 5.69
N ILE B 330 -0.29 20.28 5.47
CA ILE B 330 -0.39 19.31 6.52
C ILE B 330 0.98 18.97 7.12
N GLY B 331 1.93 18.59 6.28
CA GLY B 331 3.25 18.19 6.71
C GLY B 331 4.10 19.24 7.39
N SER B 332 4.19 20.40 6.78
CA SER B 332 4.99 21.51 7.31
C SER B 332 4.40 22.09 8.61
N LEU B 333 3.10 22.02 8.77
CA LEU B 333 2.47 22.56 10.00
C LEU B 333 2.61 21.54 11.16
N VAL B 334 2.60 20.24 10.84
CA VAL B 334 3.01 19.20 11.81
C VAL B 334 4.47 19.42 12.20
N ALA B 335 5.34 19.68 11.23
CA ALA B 335 6.75 19.94 11.50
C ALA B 335 6.96 21.15 12.42
N THR B 336 6.13 22.17 12.25
CA THR B 336 6.20 23.43 13.07
C THR B 336 5.92 23.13 14.56
N GLU B 337 4.83 22.40 14.80
CA GLU B 337 4.43 22.00 16.16
C GLU B 337 5.35 20.94 16.74
N ALA B 338 5.98 20.15 15.85
CA ALA B 338 7.02 19.25 16.25
C ALA B 338 8.28 19.97 16.77
N LYS B 339 8.65 21.06 16.12
CA LYS B 339 9.78 21.83 16.64
C LYS B 339 9.44 22.43 18.01
N GLU B 340 8.23 22.94 18.15
CA GLU B 340 7.76 23.52 19.42
C GLU B 340 7.75 22.47 20.55
N LEU B 341 7.28 21.27 20.25
CA LEU B 341 7.34 20.20 21.23
C LEU B 341 8.77 19.82 21.61
N ALA B 342 9.70 19.81 20.65
CA ALA B 342 11.08 19.51 20.95
C ALA B 342 11.66 20.62 21.89
N ILE B 343 11.39 21.89 21.62
CA ILE B 343 11.76 22.98 22.52
C ILE B 343 11.12 22.79 23.93
N GLU B 344 9.81 22.62 24.00
CA GLU B 344 9.17 22.42 25.35
C GLU B 344 9.66 21.16 26.09
N SER B 345 10.05 20.10 25.39
N SER B 345 10.04 20.10 25.40
CA SER B 345 10.50 18.87 26.04
CA SER B 345 10.53 18.88 26.04
C SER B 345 12.00 18.76 26.31
C SER B 345 11.99 18.83 26.43
N GLY B 346 12.79 19.79 25.97
CA GLY B 346 14.21 19.78 26.26
C GLY B 346 15.06 18.90 25.32
N LEU B 347 14.55 18.50 24.14
CA LEU B 347 15.38 17.75 23.18
C LEU B 347 16.28 18.68 22.37
N PRO B 348 17.51 18.25 22.04
CA PRO B 348 18.45 19.17 21.30
C PRO B 348 18.26 19.14 19.76
N ILE B 349 17.16 19.75 19.30
CA ILE B 349 16.72 19.70 17.94
C ILE B 349 16.91 21.07 17.40
N LEU B 350 17.53 21.22 16.24
CA LEU B 350 17.68 22.50 15.54
C LEU B 350 16.48 22.78 14.62
N ASP B 351 16.04 21.77 13.85
CA ASP B 351 14.90 21.94 12.94
C ASP B 351 14.14 20.60 12.74
N ALA B 352 12.90 20.68 12.31
CA ALA B 352 12.06 19.54 11.84
C ALA B 352 11.36 19.80 10.47
N PHE B 353 11.12 18.72 9.71
CA PHE B 353 10.58 18.82 8.39
C PHE B 353 10.00 17.47 7.92
N MET B 354 8.94 17.51 7.11
CA MET B 354 8.29 16.33 6.52
C MET B 354 8.48 16.36 5.00
N PRO B 355 9.53 15.66 4.47
CA PRO B 355 9.77 15.68 3.05
C PRO B 355 8.55 15.40 2.20
N TYR B 356 8.34 16.16 1.13
CA TYR B 356 7.14 15.98 0.32
C TYR B 356 7.17 14.65 -0.41
N GLU B 357 8.39 14.19 -0.74
CA GLU B 357 8.60 12.94 -1.45
C GLU B 357 8.19 11.69 -0.66
N ALA B 358 8.21 11.79 0.67
CA ALA B 358 7.70 10.72 1.51
C ALA B 358 6.19 10.82 1.88
N GLN B 359 5.41 11.62 1.14
CA GLN B 359 3.94 11.71 1.23
C GLN B 359 3.46 12.03 2.66
N ALA B 360 4.23 12.86 3.35
CA ALA B 360 3.95 13.27 4.71
C ALA B 360 3.88 12.15 5.75
N LEU B 361 4.69 11.12 5.58
CA LEU B 361 4.76 9.99 6.55
C LEU B 361 6.13 9.98 7.32
N TRP B 362 7.11 10.75 6.84
CA TRP B 362 8.44 10.80 7.42
C TRP B 362 8.62 12.15 8.14
N LEU B 363 9.08 12.15 9.38
CA LEU B 363 9.45 13.40 10.09
C LEU B 363 10.98 13.35 10.31
N ILE B 364 11.73 14.27 9.69
CA ILE B 364 13.18 14.36 9.86
C ILE B 364 13.46 15.36 11.01
N LEU B 365 14.28 14.98 12.01
CA LEU B 365 14.83 15.86 13.07
C LEU B 365 16.36 16.04 12.98
N LYS B 366 16.76 17.30 12.90
CA LYS B 366 18.15 17.72 12.77
C LYS B 366 18.68 17.96 14.16
N VAL B 367 19.62 17.12 14.57
CA VAL B 367 20.10 17.09 15.94
C VAL B 367 21.41 17.90 16.04
N ASP B 368 21.40 18.85 16.96
CA ASP B 368 22.62 19.52 17.43
C ASP B 368 23.53 18.55 18.22
N LEU B 369 24.66 18.16 17.60
CA LEU B 369 25.54 17.18 18.16
C LEU B 369 26.17 17.62 19.48
N LYS B 370 26.54 18.91 19.62
CA LYS B 370 27.10 19.41 20.92
C LYS B 370 26.02 19.13 22.02
N GLY B 371 24.78 19.47 21.72
CA GLY B 371 23.67 19.21 22.63
C GLY B 371 23.46 17.72 22.86
N LEU B 372 23.55 16.89 21.79
CA LEU B 372 23.40 15.43 21.97
C LEU B 372 24.47 14.89 22.92
N GLN B 373 25.71 15.29 22.64
CA GLN B 373 26.88 14.80 23.40
C GLN B 373 26.86 15.17 24.90
N ALA B 374 26.34 16.35 25.22
CA ALA B 374 26.14 16.73 26.63
C ALA B 374 25.09 15.87 27.36
N LEU B 375 24.22 15.11 26.68
CA LEU B 375 23.30 14.16 27.40
C LEU B 375 24.00 12.88 27.84
N LYS B 376 25.21 12.63 27.32
CA LYS B 376 25.96 11.37 27.57
C LYS B 376 25.08 10.13 27.53
N THR B 377 24.45 9.91 26.39
CA THR B 377 23.43 8.87 26.17
C THR B 377 23.89 7.86 25.07
N THR B 378 23.00 6.94 24.71
CA THR B 378 23.21 5.97 23.63
C THR B 378 22.06 6.01 22.62
N PRO B 379 22.30 5.49 21.40
CA PRO B 379 21.24 5.51 20.41
C PRO B 379 19.95 4.85 20.91
N GLU B 380 20.07 3.74 21.61
CA GLU B 380 18.91 3.00 22.12
C GLU B 380 18.08 3.87 23.12
N GLU B 381 18.75 4.55 24.04
CA GLU B 381 18.05 5.34 25.05
C GLU B 381 17.44 6.55 24.38
N PHE B 382 18.19 7.23 23.48
CA PHE B 382 17.70 8.43 22.78
C PHE B 382 16.49 8.14 21.88
N CYS B 383 16.55 7.08 21.07
CA CYS B 383 15.43 6.73 20.20
C CYS B 383 14.11 6.52 20.94
N LYS B 384 14.20 5.88 22.09
CA LYS B 384 13.05 5.60 22.95
C LYS B 384 12.49 6.87 23.54
N LYS B 385 13.37 7.78 23.92
CA LYS B 385 12.94 9.06 24.49
C LYS B 385 12.20 9.88 23.44
N VAL B 386 12.74 9.89 22.21
CA VAL B 386 12.14 10.63 21.09
C VAL B 386 10.78 10.05 20.67
N GLY B 387 10.71 8.73 20.47
CA GLY B 387 9.44 8.10 20.06
C GLY B 387 8.35 8.28 21.12
N ASP B 388 8.71 8.23 22.38
CA ASP B 388 7.71 8.38 23.48
C ASP B 388 7.14 9.79 23.53
N ILE B 389 7.98 10.77 23.26
CA ILE B 389 7.55 12.19 23.15
C ILE B 389 6.56 12.48 22.00
N TYR B 390 6.84 11.99 20.77
CA TYR B 390 6.03 12.29 19.61
C TYR B 390 4.89 11.33 19.38
N PHE B 391 5.15 10.02 19.40
CA PHE B 391 4.11 9.03 18.97
C PHE B 391 2.93 8.87 19.95
N ARG B 392 3.01 9.49 21.14
CA ARG B 392 1.86 9.45 22.09
C ARG B 392 1.09 10.73 22.17
N THR B 393 1.28 11.63 21.24
CA THR B 393 0.53 12.88 21.25
C THR B 393 -0.09 13.12 19.88
N LYS B 394 -1.00 14.09 19.87
CA LYS B 394 -1.78 14.44 18.69
C LYS B 394 -0.94 14.95 17.53
N VAL B 395 0.11 15.68 17.88
CA VAL B 395 1.06 16.15 16.86
C VAL B 395 1.76 15.01 16.06
N GLY B 396 2.09 13.90 16.69
CA GLY B 396 2.67 12.73 15.98
C GLY B 396 1.68 11.79 15.24
N PHE B 397 0.39 12.09 15.28
CA PHE B 397 -0.68 11.15 14.76
C PHE B 397 -0.36 10.64 13.32
N ILE B 398 -0.09 11.56 12.38
CA ILE B 398 0.15 11.20 10.95
C ILE B 398 1.52 10.58 10.65
N VAL B 399 2.49 10.70 11.58
CA VAL B 399 3.84 10.32 11.36
C VAL B 399 4.07 8.84 11.67
N HIS B 400 4.58 8.07 10.70
CA HIS B 400 4.94 6.67 10.94
C HIS B 400 6.44 6.45 11.07
N GLU B 401 7.32 7.35 10.63
CA GLU B 401 8.74 7.08 10.78
C GLU B 401 9.44 8.41 11.10
N ILE B 402 10.18 8.44 12.21
CA ILE B 402 10.96 9.60 12.67
C ILE B 402 12.41 9.23 12.46
N ILE B 403 13.09 10.10 11.76
CA ILE B 403 14.44 9.83 11.29
C ILE B 403 15.37 10.92 11.90
N LEU B 404 16.42 10.49 12.58
CA LEU B 404 17.34 11.38 13.29
C LEU B 404 18.63 11.53 12.50
N VAL B 405 19.00 12.78 12.21
CA VAL B 405 20.24 13.10 11.47
C VAL B 405 21.08 14.14 12.20
N ALA B 406 22.39 14.11 11.96
CA ALA B 406 23.31 15.15 12.45
C ALA B 406 23.14 16.53 11.78
N ASP B 407 23.79 17.55 12.36
CA ASP B 407 23.67 18.93 11.91
C ASP B 407 24.43 19.28 10.65
N ASP B 408 25.08 18.33 9.97
CA ASP B 408 25.63 18.52 8.59
C ASP B 408 24.58 18.30 7.43
N ILE B 409 23.36 17.85 7.75
CA ILE B 409 22.31 17.58 6.74
C ILE B 409 21.35 18.75 6.64
N ASP B 410 21.16 19.27 5.42
CA ASP B 410 20.06 20.19 5.16
C ASP B 410 18.79 19.36 4.95
N ILE B 411 17.96 19.28 6.00
CA ILE B 411 16.75 18.46 6.00
C ILE B 411 15.67 18.98 5.06
N PHE B 412 15.81 20.20 4.52
CA PHE B 412 14.87 20.75 3.58
C PHE B 412 15.24 20.44 2.13
N ASN B 413 16.34 19.73 1.90
CA ASN B 413 16.83 19.29 0.59
C ASN B 413 16.79 17.77 0.58
N PHE B 414 15.82 17.19 -0.15
CA PHE B 414 15.65 15.76 -0.15
C PHE B 414 16.88 14.96 -0.64
N LYS B 415 17.71 15.56 -1.50
CA LYS B 415 18.98 14.94 -1.92
C LYS B 415 19.85 14.60 -0.75
N GLU B 416 19.91 15.50 0.24
CA GLU B 416 20.75 15.24 1.41
C GLU B 416 20.09 14.28 2.38
N VAL B 417 18.77 14.32 2.50
CA VAL B 417 18.03 13.42 3.39
C VAL B 417 18.16 11.95 2.92
N ILE B 418 17.92 11.69 1.63
CA ILE B 418 17.91 10.30 1.19
C ILE B 418 19.34 9.74 1.26
N TRP B 419 20.33 10.55 0.99
CA TRP B 419 21.73 10.11 1.17
C TRP B 419 22.01 9.72 2.59
N ALA B 420 21.60 10.54 3.56
CA ALA B 420 21.84 10.25 4.97
C ALA B 420 21.09 8.99 5.41
N TYR B 421 19.85 8.86 5.00
CA TYR B 421 19.05 7.70 5.34
C TYR B 421 19.74 6.43 4.93
N VAL B 422 20.14 6.31 3.66
CA VAL B 422 20.60 5.01 3.19
C VAL B 422 22.01 4.77 3.61
N THR B 423 22.85 5.80 3.81
CA THR B 423 24.23 5.54 4.22
C THR B 423 24.50 5.46 5.73
N ARG B 424 23.64 5.96 6.62
CA ARG B 424 24.02 6.11 8.04
C ARG B 424 23.18 5.29 9.00
N HIS B 425 22.21 4.50 8.47
CA HIS B 425 21.47 3.54 9.33
C HIS B 425 21.59 2.12 8.83
N THR B 426 21.83 1.20 9.75
CA THR B 426 21.78 -0.25 9.49
C THR B 426 20.33 -0.73 9.38
N PRO B 427 19.97 -1.34 8.23
CA PRO B 427 18.58 -1.88 8.10
C PRO B 427 18.23 -2.83 9.24
N VAL B 428 17.10 -2.54 9.88
CA VAL B 428 16.51 -3.21 11.04
C VAL B 428 17.21 -2.97 12.39
N ALA B 429 18.50 -3.26 12.46
CA ALA B 429 19.29 -3.08 13.66
C ALA B 429 19.25 -1.62 14.21
N ASP B 430 19.20 -0.60 13.36
CA ASP B 430 19.17 0.84 13.81
C ASP B 430 17.75 1.46 13.82
N GLN B 431 16.69 0.62 13.80
CA GLN B 431 15.30 1.01 13.81
C GLN B 431 14.60 0.46 15.06
N MET B 432 13.93 1.33 15.81
CA MET B 432 13.18 0.92 17.00
C MET B 432 11.66 0.93 16.77
N ALA B 433 11.01 -0.23 16.82
CA ALA B 433 9.55 -0.29 16.59
C ALA B 433 8.76 0.18 17.85
N PHE B 434 7.65 0.86 17.65
CA PHE B 434 6.67 1.24 18.67
C PHE B 434 5.37 0.52 18.34
N ASP B 435 5.13 -0.55 19.09
CA ASP B 435 4.02 -1.49 18.82
C ASP B 435 2.68 -1.15 19.41
N ASP B 436 2.62 -0.29 20.42
CA ASP B 436 1.37 -0.06 21.12
C ASP B 436 0.87 1.39 20.99
N VAL B 437 1.47 2.18 20.10
CA VAL B 437 0.97 3.54 19.82
C VAL B 437 -0.10 3.48 18.77
N THR B 438 -0.89 4.55 18.71
CA THR B 438 -1.95 4.68 17.72
C THR B 438 -1.39 4.88 16.30
N SER B 439 -1.94 4.08 15.38
CA SER B 439 -1.60 4.00 13.96
C SER B 439 -2.36 5.07 13.27
N PHE B 440 -1.86 5.55 12.16
CA PHE B 440 -2.65 6.48 11.31
C PHE B 440 -3.51 5.62 10.37
N PRO B 441 -4.86 5.67 10.47
CA PRO B 441 -5.67 4.77 9.59
C PRO B 441 -5.57 4.99 8.09
N LEU B 442 -5.22 6.20 7.64
CA LEU B 442 -5.03 6.46 6.21
C LEU B 442 -3.72 5.90 5.56
N ALA B 443 -2.71 5.53 6.35
CA ALA B 443 -1.47 5.02 5.78
C ALA B 443 -1.80 3.74 5.01
N PRO B 444 -1.48 3.71 3.72
CA PRO B 444 -1.97 2.52 2.94
C PRO B 444 -1.52 1.14 3.47
N PHE B 445 -0.31 1.08 4.02
CA PHE B 445 0.15 -0.17 4.65
C PHE B 445 -0.62 -0.57 5.94
N VAL B 446 -1.25 0.41 6.58
CA VAL B 446 -2.24 0.14 7.61
C VAL B 446 -3.62 -0.28 7.03
N SER B 447 -4.22 0.57 6.19
CA SER B 447 -5.64 0.36 5.76
C SER B 447 -5.80 -0.95 5.01
N GLN B 448 -4.76 -1.37 4.27
CA GLN B 448 -4.73 -2.59 3.47
C GLN B 448 -4.04 -3.77 4.18
N SER B 449 -4.16 -3.84 5.51
CA SER B 449 -3.62 -4.94 6.31
C SER B 449 -4.60 -5.14 7.46
N SER B 450 -4.38 -6.20 8.22
CA SER B 450 -5.23 -6.42 9.39
C SER B 450 -5.02 -5.38 10.51
N ARG B 451 -3.90 -4.62 10.46
CA ARG B 451 -3.73 -3.54 11.37
C ARG B 451 -4.88 -2.53 11.28
N SER B 452 -5.65 -2.51 10.18
CA SER B 452 -6.81 -1.59 10.13
C SER B 452 -7.89 -1.94 11.21
N LYS B 453 -7.90 -3.17 11.74
CA LYS B 453 -8.90 -3.58 12.75
C LYS B 453 -8.44 -3.37 14.18
N THR B 454 -7.13 -3.39 14.41
CA THR B 454 -6.51 -3.29 15.72
C THR B 454 -5.90 -1.94 15.95
N MET B 455 -5.58 -1.19 14.91
CA MET B 455 -5.25 0.25 15.01
C MET B 455 -4.08 0.63 15.95
N LYS B 456 -3.23 -0.34 16.29
CA LYS B 456 -2.00 -0.12 17.04
C LYS B 456 -0.71 -0.47 16.29
N GLY B 457 0.32 0.36 16.45
CA GLY B 457 1.67 -0.03 16.06
C GLY B 457 2.07 0.32 14.64
N GLY B 458 3.15 -0.29 14.20
CA GLY B 458 3.74 -0.05 12.87
C GLY B 458 4.39 1.29 12.66
N LYS B 459 4.94 1.86 13.75
CA LYS B 459 5.68 3.10 13.72
C LYS B 459 7.10 2.84 14.14
N CYS B 460 8.04 3.72 13.73
CA CYS B 460 9.38 3.57 14.18
C CYS B 460 10.23 4.84 14.25
N VAL B 461 11.26 4.83 15.12
CA VAL B 461 12.31 5.85 15.13
C VAL B 461 13.56 5.24 14.47
N THR B 462 14.11 5.92 13.44
CA THR B 462 15.28 5.36 12.71
C THR B 462 16.50 6.22 13.07
N ASN B 463 17.54 5.61 13.61
CA ASN B 463 18.78 6.35 13.99
C ASN B 463 19.73 6.45 12.78
N CYS B 464 19.90 7.68 12.24
CA CYS B 464 20.92 7.97 11.18
C CYS B 464 22.09 8.86 11.66
N ILE B 465 22.44 8.70 12.94
CA ILE B 465 23.59 9.37 13.57
C ILE B 465 24.59 8.30 13.89
N PHE B 466 25.77 8.39 13.31
CA PHE B 466 26.84 7.46 13.63
C PHE B 466 27.08 7.39 15.16
N ARG B 467 27.44 6.19 15.63
CA ARG B 467 27.68 5.92 17.03
C ARG B 467 28.70 6.89 17.69
N GLN B 468 29.72 7.29 16.95
CA GLN B 468 30.77 8.16 17.47
C GLN B 468 30.22 9.58 17.64
N GLN B 469 29.22 9.97 16.85
CA GLN B 469 28.63 11.31 16.98
C GLN B 469 27.86 11.54 18.30
N TYR B 470 27.49 10.45 18.99
CA TYR B 470 26.96 10.50 20.35
C TYR B 470 28.06 10.86 21.42
N GLU B 471 29.33 10.66 21.13
CA GLU B 471 30.41 10.83 22.07
C GLU B 471 31.19 12.08 21.73
N ARG B 472 31.55 12.28 20.45
CA ARG B 472 32.49 13.33 20.13
C ARG B 472 32.54 13.75 18.68
N SER B 473 33.39 14.74 18.46
N SER B 473 33.39 14.75 18.44
CA SER B 473 33.96 15.14 17.16
CA SER B 473 33.75 15.24 17.10
C SER B 473 34.19 13.94 16.22
C SER B 473 34.26 14.10 16.19
N PHE B 474 33.73 14.04 14.97
CA PHE B 474 34.06 12.97 14.03
C PHE B 474 34.08 13.66 12.71
N ASP B 475 35.30 13.94 12.22
CA ASP B 475 35.54 14.61 10.95
C ASP B 475 35.70 13.62 9.82
N TYR B 476 34.89 13.79 8.76
CA TYR B 476 34.94 13.02 7.51
C TYR B 476 34.70 14.00 6.36
N ILE B 477 35.17 13.69 5.15
CA ILE B 477 34.89 14.51 3.96
C ILE B 477 33.62 14.00 3.30
N THR B 478 32.71 14.91 2.93
CA THR B 478 31.54 14.65 2.07
C THR B 478 31.92 14.83 0.55
N CYS B 479 31.94 13.74 -0.22
CA CYS B 479 32.43 13.77 -1.59
C CYS B 479 31.46 14.35 -2.64
N ASN B 480 31.26 15.67 -2.60
CA ASN B 480 30.59 16.33 -3.64
C ASN B 480 31.33 17.60 -3.91
N PHE B 481 30.84 18.39 -4.86
CA PHE B 481 31.49 19.64 -5.27
C PHE B 481 31.51 20.74 -4.18
N GLU B 482 30.35 21.10 -3.65
CA GLU B 482 30.23 22.25 -2.69
C GLU B 482 30.84 22.00 -1.31
N LYS B 483 30.72 20.79 -0.75
CA LYS B 483 31.27 20.44 0.56
C LYS B 483 32.62 19.75 0.50
N GLY B 484 32.98 19.21 -0.64
CA GLY B 484 34.15 18.36 -0.67
C GLY B 484 35.48 19.07 -0.84
N TYR B 485 35.44 20.31 -1.33
CA TYR B 485 36.64 21.06 -1.75
C TYR B 485 36.76 22.42 -1.02
N PRO B 486 37.98 22.97 -0.88
CA PRO B 486 38.06 24.29 -0.16
C PRO B 486 37.27 25.42 -0.87
N LYS B 487 36.77 26.36 -0.09
CA LYS B 487 35.95 27.44 -0.65
C LYS B 487 36.67 28.19 -1.79
N GLY B 488 37.99 28.41 -1.64
CA GLY B 488 38.82 29.05 -2.68
C GLY B 488 38.77 28.31 -4.02
N LEU B 489 38.78 26.98 -3.97
CA LEU B 489 38.77 26.19 -5.21
C LEU B 489 37.37 26.16 -5.85
N VAL B 490 36.36 26.06 -5.02
CA VAL B 490 34.97 26.12 -5.50
C VAL B 490 34.72 27.47 -6.17
N ASP B 491 35.22 28.54 -5.55
CA ASP B 491 34.96 29.90 -6.11
C ASP B 491 35.69 30.10 -7.46
N LYS B 492 36.90 29.58 -7.55
CA LYS B 492 37.70 29.62 -8.78
C LYS B 492 37.00 28.80 -9.90
N VAL B 493 36.58 27.57 -9.58
CA VAL B 493 35.89 26.75 -10.61
C VAL B 493 34.63 27.47 -11.11
N ASN B 494 33.84 28.04 -10.22
CA ASN B 494 32.65 28.83 -10.63
C ASN B 494 32.95 30.10 -11.47
N GLU B 495 33.93 30.90 -11.07
CA GLU B 495 34.40 32.01 -11.88
C GLU B 495 34.86 31.59 -13.26
N ASN B 496 35.66 30.51 -13.37
CA ASN B 496 36.19 30.07 -14.69
C ASN B 496 35.25 29.16 -15.52
N TRP B 497 34.07 28.78 -15.00
CA TRP B 497 33.18 27.82 -15.73
C TRP B 497 32.84 28.17 -17.22
N LYS B 498 32.33 29.39 -17.48
CA LYS B 498 32.01 29.89 -18.86
C LYS B 498 33.27 29.80 -19.72
N ARG B 499 34.40 30.16 -19.14
CA ARG B 499 35.64 30.24 -19.88
C ARG B 499 36.26 28.89 -20.28
N TYR B 500 36.05 27.85 -19.48
CA TYR B 500 36.48 26.48 -19.82
C TYR B 500 35.80 25.98 -21.09
N GLY B 501 34.55 26.41 -21.30
CA GLY B 501 33.76 26.07 -22.48
C GLY B 501 32.33 25.58 -22.23
N TYR B 502 31.82 25.68 -21.00
CA TYR B 502 30.50 25.18 -20.64
C TYR B 502 29.39 26.18 -20.87
N LYS B 503 28.21 25.68 -21.26
CA LYS B 503 26.91 26.41 -21.47
C LYS B 503 27.02 27.39 -22.63
N LYS C 3 3.10 -42.58 -15.88
CA LYS C 3 1.74 -41.97 -16.01
C LYS C 3 1.79 -40.89 -17.11
N LEU C 4 0.99 -41.05 -18.15
CA LEU C 4 0.94 -40.12 -19.24
C LEU C 4 -0.10 -39.03 -19.00
N ASN C 5 0.21 -37.81 -19.43
CA ASN C 5 -0.67 -36.66 -19.26
C ASN C 5 -0.70 -35.94 -20.59
N PRO C 6 -1.57 -36.44 -21.51
CA PRO C 6 -1.57 -35.92 -22.84
C PRO C 6 -2.01 -34.43 -22.97
N ALA C 7 -2.85 -33.94 -22.07
CA ALA C 7 -3.22 -32.55 -22.12
C ALA C 7 -2.06 -31.57 -21.78
N LEU C 8 -1.09 -32.00 -20.95
CA LEU C 8 0.03 -31.14 -20.42
C LEU C 8 1.35 -31.27 -21.19
N GLU C 9 1.57 -32.42 -21.87
CA GLU C 9 2.80 -32.73 -22.55
C GLU C 9 2.53 -33.23 -23.97
N PHE C 10 3.01 -32.47 -24.96
CA PHE C 10 2.95 -32.88 -26.35
C PHE C 10 3.54 -34.30 -26.58
N ARG C 11 4.66 -34.63 -25.90
CA ARG C 11 5.30 -35.93 -26.08
C ARG C 11 4.49 -37.09 -25.46
N ASP C 12 3.72 -36.84 -24.40
CA ASP C 12 2.86 -37.82 -23.87
C ASP C 12 1.66 -38.02 -24.76
N PHE C 13 1.20 -36.94 -25.42
CA PHE C 13 0.15 -37.02 -26.45
C PHE C 13 0.57 -37.95 -27.65
N ILE C 14 1.79 -37.78 -28.14
CA ILE C 14 2.38 -38.74 -29.10
C ILE C 14 2.32 -40.23 -28.63
N GLN C 15 2.79 -40.46 -27.40
CA GLN C 15 2.83 -41.80 -26.79
C GLN C 15 1.49 -42.46 -26.65
N VAL C 16 0.44 -41.74 -26.20
N VAL C 16 0.44 -41.76 -26.20
CA VAL C 16 -0.88 -42.36 -26.08
CA VAL C 16 -0.88 -42.42 -26.08
C VAL C 16 -1.50 -42.71 -27.43
C VAL C 16 -1.54 -42.71 -27.43
N LEU C 17 -1.27 -41.89 -28.46
CA LEU C 17 -1.69 -42.25 -29.81
C LEU C 17 -0.95 -43.53 -30.30
N LYS C 18 0.35 -43.66 -30.02
CA LYS C 18 1.09 -44.90 -30.26
C LYS C 18 0.50 -46.12 -29.55
N ASP C 19 0.06 -45.94 -28.30
CA ASP C 19 -0.54 -47.01 -27.48
C ASP C 19 -1.86 -47.43 -28.07
N GLU C 20 -2.55 -46.57 -28.80
CA GLU C 20 -3.85 -46.87 -29.38
C GLU C 20 -3.70 -47.23 -30.87
N ASP C 21 -2.48 -47.52 -31.31
CA ASP C 21 -2.16 -47.78 -32.72
C ASP C 21 -2.76 -46.69 -33.70
N ASP C 22 -2.59 -45.42 -33.34
CA ASP C 22 -3.22 -44.30 -34.04
C ASP C 22 -2.16 -43.33 -34.54
N LEU C 23 -0.95 -43.80 -34.70
CA LEU C 23 0.17 -43.02 -35.14
C LEU C 23 1.17 -43.92 -35.87
N ILE C 24 1.62 -43.54 -37.05
CA ILE C 24 2.56 -44.29 -37.85
C ILE C 24 3.89 -43.52 -37.93
N GLU C 25 4.95 -44.09 -37.38
CA GLU C 25 6.29 -43.52 -37.61
C GLU C 25 6.85 -43.94 -38.96
N ILE C 26 6.97 -42.97 -39.86
CA ILE C 26 7.45 -43.23 -41.20
C ILE C 26 8.96 -42.96 -41.20
N THR C 27 9.76 -44.01 -41.36
CA THR C 27 11.23 -43.88 -41.31
C THR C 27 11.88 -43.63 -42.64
N GLU C 28 11.26 -43.98 -43.74
CA GLU C 28 11.89 -43.62 -45.02
C GLU C 28 11.83 -42.14 -45.34
N GLU C 29 12.64 -41.75 -46.29
CA GLU C 29 12.80 -40.36 -46.65
C GLU C 29 11.54 -39.85 -47.37
N ILE C 30 10.98 -38.74 -46.88
CA ILE C 30 9.79 -38.06 -47.45
C ILE C 30 10.16 -36.62 -47.73
N ASP C 31 9.74 -36.14 -48.90
CA ASP C 31 10.03 -34.77 -49.34
C ASP C 31 9.01 -33.81 -48.70
N PRO C 32 9.49 -32.77 -47.99
CA PRO C 32 8.52 -31.74 -47.55
C PRO C 32 7.76 -31.05 -48.69
N ASN C 33 8.32 -31.06 -49.90
CA ASN C 33 7.64 -30.54 -51.11
C ASN C 33 6.55 -31.51 -51.63
N LEU C 34 5.27 -31.18 -51.35
CA LEU C 34 4.00 -31.95 -51.71
C LEU C 34 3.74 -33.26 -51.02
N GLU C 35 4.77 -34.06 -50.81
CA GLU C 35 4.65 -35.46 -50.37
C GLU C 35 4.03 -35.55 -48.97
N VAL C 36 4.56 -34.76 -48.02
CA VAL C 36 4.00 -34.67 -46.69
C VAL C 36 2.53 -34.37 -46.81
N GLY C 37 2.21 -33.32 -47.56
CA GLY C 37 0.82 -32.86 -47.72
C GLY C 37 -0.16 -33.88 -48.30
N ALA C 38 0.26 -34.65 -49.30
CA ALA C 38 -0.62 -35.62 -49.91
C ALA C 38 -0.86 -36.79 -48.98
N ILE C 39 0.17 -37.16 -48.21
CA ILE C 39 0.06 -38.26 -47.26
C ILE C 39 -0.99 -37.87 -46.17
N MET C 40 -0.88 -36.61 -45.70
CA MET C 40 -1.84 -36.05 -44.73
C MET C 40 -3.26 -36.06 -45.25
N ARG C 41 -3.48 -35.57 -46.48
CA ARG C 41 -4.83 -35.61 -47.06
C ARG C 41 -5.39 -37.02 -47.18
N LYS C 42 -4.56 -37.97 -47.59
CA LYS C 42 -5.07 -39.37 -47.68
C LYS C 42 -5.50 -39.86 -46.27
N ALA C 43 -4.68 -39.59 -45.23
CA ALA C 43 -5.02 -40.02 -43.88
C ALA C 43 -6.27 -39.30 -43.34
N TYR C 44 -6.44 -38.00 -43.57
CA TYR C 44 -7.64 -37.28 -43.05
C TYR C 44 -8.89 -37.89 -43.69
N GLU C 45 -8.89 -38.08 -45.00
CA GLU C 45 -10.14 -38.37 -45.72
C GLU C 45 -10.70 -39.78 -45.52
N SER C 46 -9.86 -40.78 -45.20
CA SER C 46 -10.33 -42.09 -44.78
C SER C 46 -10.24 -42.32 -43.25
N HIS C 47 -10.05 -41.24 -42.46
CA HIS C 47 -10.09 -41.36 -40.98
C HIS C 47 -9.02 -42.36 -40.49
N LEU C 48 -7.80 -42.27 -41.01
CA LEU C 48 -6.70 -43.21 -40.72
C LEU C 48 -5.66 -42.64 -39.71
N PRO C 49 -4.79 -43.50 -39.15
CA PRO C 49 -3.77 -43.07 -38.16
C PRO C 49 -2.94 -41.83 -38.55
N ALA C 50 -2.52 -41.05 -37.53
CA ALA C 50 -1.71 -39.85 -37.78
C ALA C 50 -0.32 -40.19 -38.22
N PRO C 51 0.18 -39.56 -39.29
CA PRO C 51 1.56 -39.79 -39.76
C PRO C 51 2.60 -38.97 -39.00
N LEU C 52 3.71 -39.59 -38.59
CA LEU C 52 4.80 -38.91 -37.90
C LEU C 52 6.03 -39.14 -38.80
N PHE C 53 6.46 -38.08 -39.50
CA PHE C 53 7.52 -38.16 -40.48
C PHE C 53 8.86 -37.94 -39.77
N LYS C 54 9.65 -39.00 -39.61
CA LYS C 54 10.96 -38.95 -38.88
C LYS C 54 12.16 -38.67 -39.72
N ASN C 55 12.01 -38.71 -41.04
CA ASN C 55 13.16 -38.58 -41.94
C ASN C 55 12.77 -37.72 -43.12
N LEU C 56 12.70 -36.42 -42.88
CA LEU C 56 12.39 -35.49 -43.96
C LEU C 56 13.64 -35.14 -44.77
N LYS C 57 13.41 -35.07 -46.06
CA LYS C 57 14.44 -34.57 -46.97
C LYS C 57 14.89 -33.13 -46.62
N GLY C 58 16.17 -32.97 -46.30
CA GLY C 58 16.73 -31.68 -45.92
C GLY C 58 16.87 -31.44 -44.43
N ALA C 59 16.34 -32.32 -43.58
CA ALA C 59 16.31 -32.08 -42.14
C ALA C 59 17.67 -32.22 -41.49
N SER C 60 17.89 -31.65 -40.30
CA SER C 60 19.01 -32.04 -39.44
C SER C 60 18.49 -32.98 -38.34
N LYS C 61 19.38 -33.51 -37.47
CA LYS C 61 18.93 -34.44 -36.39
C LYS C 61 17.86 -33.73 -35.49
N ASP C 62 18.03 -32.44 -35.22
CA ASP C 62 17.13 -31.66 -34.35
C ASP C 62 15.98 -30.91 -35.02
N LEU C 63 16.16 -30.50 -36.28
CA LEU C 63 15.20 -29.62 -36.96
C LEU C 63 14.83 -30.15 -38.35
N PHE C 64 13.69 -30.87 -38.53
CA PHE C 64 12.76 -31.32 -37.52
C PHE C 64 12.00 -32.58 -38.04
N SER C 65 11.34 -33.31 -37.16
CA SER C 65 10.22 -34.18 -37.57
C SER C 65 8.90 -33.43 -37.75
N ILE C 66 7.91 -34.04 -38.43
CA ILE C 66 6.55 -33.50 -38.57
C ILE C 66 5.52 -34.50 -38.06
N LEU C 67 4.63 -34.02 -37.20
CA LEU C 67 3.40 -34.73 -36.85
C LEU C 67 2.22 -34.13 -37.60
N GLY C 68 1.66 -34.85 -38.54
CA GLY C 68 0.45 -34.41 -39.26
C GLY C 68 -0.84 -34.88 -38.64
N CYS C 69 -1.93 -34.21 -38.99
CA CYS C 69 -3.29 -34.62 -38.56
C CYS C 69 -3.44 -34.74 -37.03
N PRO C 70 -2.90 -33.77 -36.24
CA PRO C 70 -3.05 -33.86 -34.77
C PRO C 70 -4.51 -33.86 -34.25
N ALA C 71 -5.48 -33.34 -35.01
CA ALA C 71 -6.87 -33.48 -34.58
C ALA C 71 -7.81 -33.94 -35.68
N GLY C 72 -7.30 -34.83 -36.55
CA GLY C 72 -8.17 -35.56 -37.46
C GLY C 72 -9.02 -36.62 -36.71
N LEU C 73 -10.02 -37.12 -37.43
CA LEU C 73 -10.91 -38.20 -37.00
C LEU C 73 -10.34 -39.59 -37.31
N ARG C 74 -10.79 -40.56 -36.54
CA ARG C 74 -10.26 -41.92 -36.65
C ARG C 74 -11.46 -42.88 -36.56
N SER C 75 -11.19 -44.18 -36.56
CA SER C 75 -12.32 -45.17 -36.51
C SER C 75 -13.16 -45.17 -35.21
N LYS C 76 -14.47 -45.40 -35.41
CA LYS C 76 -15.50 -45.38 -34.33
C LYS C 76 -15.17 -46.32 -33.18
N GLU C 77 -14.53 -47.47 -33.46
CA GLU C 77 -14.14 -48.47 -32.44
C GLU C 77 -13.15 -47.88 -31.42
N LYS C 78 -12.13 -47.14 -31.88
CA LYS C 78 -11.14 -46.50 -30.96
C LYS C 78 -11.66 -45.20 -30.34
N GLY C 79 -12.86 -44.75 -30.75
CA GLY C 79 -13.39 -43.41 -30.44
C GLY C 79 -13.00 -42.40 -31.51
N ASP C 80 -13.96 -41.97 -32.31
CA ASP C 80 -13.60 -41.23 -33.52
C ASP C 80 -13.03 -39.81 -33.28
N HIS C 81 -13.44 -39.17 -32.19
CA HIS C 81 -12.89 -37.91 -31.73
C HIS C 81 -11.82 -38.08 -30.62
N GLY C 82 -11.30 -39.29 -30.45
CA GLY C 82 -10.19 -39.56 -29.55
C GLY C 82 -9.06 -38.52 -29.50
N ARG C 83 -8.63 -38.03 -30.66
CA ARG C 83 -7.47 -37.09 -30.72
C ARG C 83 -7.82 -35.74 -30.04
N ILE C 84 -9.04 -35.25 -30.29
CA ILE C 84 -9.56 -34.08 -29.61
C ILE C 84 -9.66 -34.33 -28.09
N ALA C 85 -10.25 -35.46 -27.71
CA ALA C 85 -10.48 -35.80 -26.32
C ALA C 85 -9.18 -35.83 -25.57
N HIS C 86 -8.09 -36.33 -26.19
CA HIS C 86 -6.76 -36.35 -25.55
C HIS C 86 -6.10 -34.95 -25.42
N HIS C 87 -6.47 -33.95 -26.22
CA HIS C 87 -6.01 -32.55 -25.94
C HIS C 87 -6.55 -32.00 -24.59
N LEU C 88 -7.66 -32.57 -24.14
CA LEU C 88 -8.29 -32.20 -22.89
C LEU C 88 -8.11 -33.23 -21.76
N GLY C 89 -7.38 -34.30 -21.99
CA GLY C 89 -7.23 -35.27 -20.91
C GLY C 89 -8.46 -36.16 -20.63
N LEU C 90 -9.35 -36.29 -21.59
CA LEU C 90 -10.60 -37.05 -21.41
C LEU C 90 -10.48 -38.43 -22.03
N ASP C 91 -11.43 -39.31 -21.67
CA ASP C 91 -11.45 -40.71 -22.12
C ASP C 91 -11.54 -40.64 -23.61
N PRO C 92 -10.77 -41.47 -24.34
CA PRO C 92 -10.86 -41.45 -25.83
C PRO C 92 -12.25 -41.71 -26.45
N LYS C 93 -13.16 -42.31 -25.73
CA LYS C 93 -14.52 -42.57 -26.31
C LYS C 93 -15.51 -41.48 -26.11
N THR C 94 -15.12 -40.42 -25.38
CA THR C 94 -15.99 -39.27 -25.13
C THR C 94 -16.49 -38.69 -26.45
N THR C 95 -17.79 -38.40 -26.55
CA THR C 95 -18.41 -37.83 -27.73
C THR C 95 -18.11 -36.33 -27.84
N ILE C 96 -18.33 -35.74 -29.02
N ILE C 96 -18.35 -35.76 -29.04
CA ILE C 96 -18.08 -34.33 -29.20
CA ILE C 96 -18.19 -34.35 -29.30
C ILE C 96 -19.15 -33.50 -28.50
C ILE C 96 -19.13 -33.58 -28.40
N LYS C 97 -20.38 -34.04 -28.31
CA LYS C 97 -21.39 -33.38 -27.41
C LYS C 97 -20.82 -33.23 -25.98
N GLU C 98 -20.27 -34.33 -25.47
CA GLU C 98 -19.62 -34.35 -24.16
C GLU C 98 -18.37 -33.45 -24.04
N ILE C 99 -17.51 -33.45 -25.04
CA ILE C 99 -16.34 -32.56 -25.08
C ILE C 99 -16.75 -31.07 -24.93
N ILE C 100 -17.69 -30.63 -25.78
CA ILE C 100 -18.31 -29.31 -25.68
C ILE C 100 -18.80 -29.02 -24.24
N ASP C 101 -19.61 -29.90 -23.63
CA ASP C 101 -20.16 -29.62 -22.30
C ASP C 101 -19.08 -29.62 -21.18
N TYR C 102 -18.02 -30.41 -21.34
CA TYR C 102 -16.83 -30.27 -20.52
C TYR C 102 -16.19 -28.86 -20.59
N LEU C 103 -16.00 -28.34 -21.81
CA LEU C 103 -15.38 -26.99 -21.95
C LEU C 103 -16.23 -25.95 -21.26
N LEU C 104 -17.56 -26.08 -21.33
CA LEU C 104 -18.43 -25.14 -20.63
C LEU C 104 -18.32 -25.32 -19.13
N GLU C 105 -18.27 -26.56 -18.59
CA GLU C 105 -18.02 -26.73 -17.13
C GLU C 105 -16.75 -26.02 -16.65
N CYS C 106 -15.67 -26.14 -17.39
CA CYS C 106 -14.35 -25.54 -17.03
C CYS C 106 -14.42 -24.00 -16.96
N LYS C 107 -15.36 -23.36 -17.64
CA LYS C 107 -15.63 -21.91 -17.43
C LYS C 107 -16.03 -21.54 -16.00
N GLU C 108 -16.61 -22.48 -15.26
CA GLU C 108 -17.05 -22.29 -13.87
C GLU C 108 -15.95 -22.58 -12.84
N LYS C 109 -14.82 -23.16 -13.25
CA LYS C 109 -13.71 -23.45 -12.34
C LYS C 109 -12.79 -22.25 -12.21
N GLU C 110 -11.98 -22.27 -11.16
CA GLU C 110 -11.10 -21.13 -10.85
C GLU C 110 -10.00 -21.04 -11.93
N PRO C 111 -9.83 -19.86 -12.55
CA PRO C 111 -8.69 -19.69 -13.49
C PRO C 111 -7.34 -19.79 -12.75
N LEU C 112 -6.38 -20.52 -13.32
CA LEU C 112 -5.08 -20.73 -12.73
C LEU C 112 -4.04 -20.11 -13.67
N PRO C 113 -3.42 -19.00 -13.24
CA PRO C 113 -2.42 -18.42 -14.14
C PRO C 113 -1.13 -19.23 -14.17
N PRO C 114 -0.29 -19.06 -15.21
CA PRO C 114 0.94 -19.83 -15.41
C PRO C 114 1.93 -19.65 -14.28
N ILE C 115 2.81 -20.62 -14.13
CA ILE C 115 3.83 -20.64 -13.06
C ILE C 115 5.23 -20.54 -13.70
N THR C 116 6.06 -19.61 -13.29
CA THR C 116 7.45 -19.56 -13.79
C THR C 116 8.32 -20.68 -13.22
N VAL C 117 9.14 -21.32 -14.04
CA VAL C 117 10.04 -22.36 -13.56
C VAL C 117 11.49 -22.01 -13.92
N PRO C 118 12.47 -22.66 -13.26
CA PRO C 118 13.89 -22.38 -13.54
C PRO C 118 14.28 -22.76 -14.98
N VAL C 119 15.15 -22.00 -15.66
CA VAL C 119 15.38 -22.30 -17.11
C VAL C 119 15.92 -23.70 -17.33
N SER C 120 16.68 -24.24 -16.39
CA SER C 120 17.23 -25.62 -16.55
C SER C 120 16.13 -26.74 -16.57
N SER C 121 14.94 -26.45 -16.09
CA SER C 121 13.77 -27.31 -16.19
C SER C 121 12.96 -27.16 -17.46
N ALA C 122 13.33 -26.29 -18.39
CA ALA C 122 12.56 -26.08 -19.62
C ALA C 122 13.29 -26.77 -20.79
N PRO C 123 12.77 -27.91 -21.28
CA PRO C 123 13.41 -28.51 -22.46
C PRO C 123 13.40 -27.58 -23.69
N CYS C 124 12.44 -26.64 -23.75
CA CYS C 124 12.48 -25.64 -24.84
C CYS C 124 13.74 -24.74 -24.85
N LYS C 125 14.53 -24.73 -23.76
CA LYS C 125 15.83 -23.95 -23.73
C LYS C 125 17.09 -24.78 -23.98
N THR C 126 16.97 -26.03 -24.42
CA THR C 126 18.17 -26.88 -24.63
C THR C 126 19.13 -26.25 -25.64
N HIS C 127 18.63 -25.81 -26.79
CA HIS C 127 19.46 -25.09 -27.79
C HIS C 127 18.88 -23.69 -28.01
N ILE C 128 19.76 -22.68 -28.11
CA ILE C 128 19.38 -21.30 -28.33
C ILE C 128 20.21 -20.72 -29.45
N LEU C 129 19.56 -20.00 -30.38
CA LEU C 129 20.20 -19.41 -31.53
C LEU C 129 19.95 -17.92 -31.49
N SER C 130 21.03 -17.13 -31.59
CA SER C 130 20.87 -15.69 -31.62
C SER C 130 20.62 -15.25 -33.06
N GLU C 131 20.38 -13.96 -33.23
CA GLU C 131 20.02 -13.35 -34.51
C GLU C 131 20.87 -13.79 -35.72
N GLU C 132 22.19 -13.74 -35.62
CA GLU C 132 23.01 -14.11 -36.80
C GLU C 132 22.94 -15.60 -37.19
N LYS C 133 22.47 -16.47 -36.30
CA LYS C 133 22.26 -17.88 -36.57
C LYS C 133 20.86 -18.25 -37.09
N ILE C 134 19.96 -17.29 -37.26
CA ILE C 134 18.59 -17.59 -37.76
C ILE C 134 18.64 -17.75 -39.31
N HIS C 135 18.29 -18.94 -39.80
CA HIS C 135 18.24 -19.21 -41.23
C HIS C 135 16.96 -19.96 -41.57
N LEU C 136 15.84 -19.25 -41.70
CA LEU C 136 14.53 -19.91 -41.90
C LEU C 136 14.47 -20.72 -43.19
N GLN C 137 15.21 -20.31 -44.23
CA GLN C 137 15.20 -21.08 -45.51
C GLN C 137 15.89 -22.43 -45.45
N SER C 138 16.71 -22.69 -44.44
N SER C 138 16.70 -22.71 -44.44
CA SER C 138 17.37 -23.99 -44.23
CA SER C 138 17.34 -24.00 -44.27
C SER C 138 16.51 -25.06 -43.52
C SER C 138 16.48 -25.06 -43.56
N LEU C 139 15.34 -24.67 -43.02
CA LEU C 139 14.48 -25.62 -42.37
C LEU C 139 13.69 -26.42 -43.44
N PRO C 140 13.38 -27.69 -43.15
CA PRO C 140 12.54 -28.54 -44.03
C PRO C 140 11.04 -28.21 -43.97
N THR C 141 10.74 -26.94 -44.23
CA THR C 141 9.38 -26.42 -44.09
C THR C 141 8.54 -27.07 -45.21
N PRO C 142 7.29 -27.50 -44.91
CA PRO C 142 6.44 -28.12 -45.94
C PRO C 142 5.82 -27.15 -47.01
N TYR C 143 5.68 -27.62 -48.27
CA TYR C 143 4.97 -26.96 -49.34
C TYR C 143 3.72 -27.83 -49.50
N LEU C 144 2.60 -27.34 -48.97
CA LEU C 144 1.52 -28.22 -48.58
C LEU C 144 0.47 -28.49 -49.71
N HIS C 145 0.12 -27.49 -50.51
CA HIS C 145 -0.85 -27.63 -51.58
C HIS C 145 -0.22 -27.18 -52.91
N VAL C 146 -0.61 -27.86 -54.01
CA VAL C 146 -0.28 -27.37 -55.35
C VAL C 146 -0.79 -25.91 -55.49
N SER C 147 0.07 -25.02 -56.01
CA SER C 147 -0.24 -23.61 -56.21
C SER C 147 -0.22 -22.72 -54.99
N ASP C 148 0.14 -23.23 -53.83
CA ASP C 148 0.42 -22.33 -52.71
C ASP C 148 1.51 -21.34 -53.09
N GLY C 149 1.46 -20.17 -52.49
CA GLY C 149 2.44 -19.07 -52.73
C GLY C 149 3.77 -19.18 -52.03
N GLY C 150 3.90 -20.11 -51.10
CA GLY C 150 5.14 -20.28 -50.37
C GLY C 150 5.01 -21.51 -49.50
N LYS C 151 5.98 -21.70 -48.63
CA LYS C 151 6.01 -22.79 -47.67
C LYS C 151 5.47 -22.29 -46.36
N TYR C 152 4.49 -23.00 -45.79
CA TYR C 152 3.86 -22.54 -44.55
C TYR C 152 4.45 -23.27 -43.35
N LEU C 153 5.34 -22.58 -42.62
CA LEU C 153 5.87 -23.08 -41.37
C LEU C 153 4.81 -23.17 -40.24
N GLN C 154 3.92 -22.16 -40.18
CA GLN C 154 2.96 -21.97 -39.07
C GLN C 154 1.52 -22.39 -39.48
N THR C 155 1.17 -23.66 -39.21
CA THR C 155 -0.20 -24.13 -39.30
C THR C 155 -0.75 -24.69 -38.03
N TYR C 156 0.08 -25.01 -37.03
CA TYR C 156 -0.41 -25.62 -35.75
C TYR C 156 0.45 -25.22 -34.53
N GLY C 157 0.91 -23.98 -34.54
CA GLY C 157 1.64 -23.33 -33.46
C GLY C 157 0.79 -22.16 -32.95
N MET C 158 1.31 -21.56 -31.89
CA MET C 158 0.59 -20.60 -31.08
C MET C 158 1.31 -19.23 -31.22
N TRP C 159 0.65 -18.22 -31.78
CA TRP C 159 1.16 -16.85 -31.67
C TRP C 159 0.87 -16.28 -30.27
N ILE C 160 1.85 -15.60 -29.63
CA ILE C 160 1.66 -14.99 -28.34
C ILE C 160 1.92 -13.52 -28.47
N LEU C 161 0.92 -12.72 -28.09
CA LEU C 161 1.01 -11.26 -28.12
C LEU C 161 0.42 -10.73 -26.82
N GLN C 162 1.00 -9.62 -26.34
CA GLN C 162 0.56 -8.98 -25.11
C GLN C 162 0.30 -7.45 -25.34
N THR C 163 -0.69 -6.91 -24.62
CA THR C 163 -1.04 -5.49 -24.69
C THR C 163 0.08 -4.56 -24.14
N PRO C 164 0.09 -3.27 -24.56
CA PRO C 164 1.12 -2.36 -23.98
C PRO C 164 1.01 -2.22 -22.47
N ASP C 165 -0.21 -2.27 -21.93
CA ASP C 165 -0.41 -2.17 -20.47
C ASP C 165 -0.18 -3.49 -19.75
N LYS C 166 0.25 -4.55 -20.47
CA LYS C 166 0.55 -5.88 -19.89
C LYS C 166 -0.63 -6.67 -19.26
N LYS C 167 -1.86 -6.14 -19.25
CA LYS C 167 -3.02 -6.77 -18.61
C LYS C 167 -3.59 -8.02 -19.36
N TRP C 168 -3.35 -8.13 -20.68
CA TRP C 168 -3.97 -9.18 -21.54
C TRP C 168 -2.92 -9.74 -22.43
N THR C 169 -2.65 -11.03 -22.25
CA THR C 169 -1.78 -11.78 -23.14
C THR C 169 -2.68 -12.79 -23.90
N ASN C 170 -2.59 -12.75 -25.22
CA ASN C 170 -3.42 -13.55 -26.15
C ASN C 170 -2.60 -14.69 -26.78
N TRP C 171 -3.22 -15.89 -26.83
CA TRP C 171 -2.75 -17.06 -27.56
C TRP C 171 -3.77 -17.47 -28.65
N SER C 172 -3.31 -17.58 -29.90
CA SER C 172 -4.18 -17.89 -31.06
C SER C 172 -3.37 -18.56 -32.17
N ILE C 173 -4.09 -19.14 -33.11
CA ILE C 173 -3.50 -19.74 -34.29
C ILE C 173 -3.93 -18.88 -35.48
N ALA C 174 -2.95 -18.57 -36.34
CA ALA C 174 -3.18 -18.00 -37.70
C ALA C 174 -2.05 -18.43 -38.63
N ALA C 175 -2.38 -18.72 -39.90
CA ALA C 175 -1.39 -19.28 -40.85
C ALA C 175 -0.15 -18.35 -41.07
N GLY C 176 1.04 -18.92 -41.20
CA GLY C 176 2.30 -18.15 -41.33
C GLY C 176 3.23 -18.71 -42.38
N MET C 177 3.59 -17.89 -43.35
CA MET C 177 4.34 -18.30 -44.56
C MET C 177 5.79 -17.80 -44.43
N VAL C 178 6.80 -18.65 -44.71
CA VAL C 178 8.20 -18.20 -44.76
C VAL C 178 8.37 -17.28 -46.00
N VAL C 179 8.91 -16.09 -45.79
CA VAL C 179 9.15 -15.07 -46.84
C VAL C 179 10.60 -15.14 -47.33
N ASP C 180 11.54 -15.14 -46.36
CA ASP C 180 12.98 -15.19 -46.60
C ASP C 180 13.71 -15.72 -45.38
N ASP C 181 15.00 -15.48 -45.28
CA ASP C 181 15.81 -16.14 -44.26
C ASP C 181 15.53 -15.67 -42.81
N LYS C 182 14.90 -14.50 -42.65
CA LYS C 182 14.56 -13.98 -41.33
C LYS C 182 13.06 -13.55 -41.14
N HIS C 183 12.17 -13.76 -42.13
CA HIS C 183 10.82 -13.19 -42.07
C HIS C 183 9.72 -14.18 -42.37
N ILE C 184 8.62 -14.02 -41.66
CA ILE C 184 7.36 -14.75 -41.82
C ILE C 184 6.26 -13.67 -42.01
N THR C 185 5.20 -14.00 -42.77
CA THR C 185 4.06 -13.10 -43.04
C THR C 185 2.77 -13.86 -42.91
N GLY C 186 1.73 -13.17 -42.54
CA GLY C 186 0.47 -13.85 -42.36
C GLY C 186 -0.63 -12.86 -42.11
N LEU C 187 -1.86 -13.34 -42.29
CA LEU C 187 -3.08 -12.57 -42.03
C LEU C 187 -3.20 -12.05 -40.58
N VAL C 188 -3.45 -10.75 -40.48
CA VAL C 188 -3.71 -10.08 -39.21
C VAL C 188 -4.98 -9.21 -39.40
N ILE C 189 -6.14 -9.86 -39.46
CA ILE C 189 -7.42 -9.19 -39.81
C ILE C 189 -8.36 -9.05 -38.64
N LYS C 190 -9.23 -8.05 -38.70
CA LYS C 190 -10.35 -7.91 -37.74
C LYS C 190 -11.33 -9.02 -38.05
N PRO C 191 -12.05 -9.54 -37.08
CA PRO C 191 -12.09 -9.05 -35.70
C PRO C 191 -11.15 -9.85 -34.77
N GLN C 192 -10.09 -10.45 -35.29
CA GLN C 192 -9.31 -11.37 -34.51
C GLN C 192 -8.48 -10.59 -33.45
N HIS C 193 -8.20 -11.23 -32.35
CA HIS C 193 -7.54 -10.56 -31.21
C HIS C 193 -6.11 -10.21 -31.43
N ILE C 194 -5.44 -10.97 -32.27
CA ILE C 194 -4.08 -10.61 -32.72
C ILE C 194 -4.05 -9.24 -33.38
N ARG C 195 -5.07 -8.95 -34.18
CA ARG C 195 -5.22 -7.63 -34.79
C ARG C 195 -5.61 -6.53 -33.78
N GLN C 196 -6.51 -6.86 -32.86
CA GLN C 196 -6.88 -5.90 -31.81
C GLN C 196 -5.70 -5.50 -30.93
N ILE C 197 -4.82 -6.45 -30.59
CA ILE C 197 -3.63 -6.14 -29.78
C ILE C 197 -2.61 -5.32 -30.60
N ALA C 198 -2.44 -5.61 -31.89
CA ALA C 198 -1.51 -4.84 -32.71
C ALA C 198 -1.96 -3.40 -32.89
N ASP C 199 -3.25 -3.22 -33.11
CA ASP C 199 -3.84 -1.88 -33.22
C ASP C 199 -3.59 -1.05 -31.96
N SER C 200 -3.60 -1.69 -30.81
N SER C 200 -3.60 -1.69 -30.82
CA SER C 200 -3.26 -1.00 -29.56
CA SER C 200 -3.26 -1.00 -29.57
C SER C 200 -1.77 -0.60 -29.46
C SER C 200 -1.77 -0.62 -29.44
N TRP C 201 -0.87 -1.33 -30.12
CA TRP C 201 0.56 -0.92 -30.19
C TRP C 201 0.73 0.30 -31.14
N ALA C 202 0.06 0.25 -32.28
CA ALA C 202 -0.01 1.39 -33.19
C ALA C 202 -0.51 2.66 -32.49
N ALA C 203 -1.55 2.53 -31.65
CA ALA C 203 -2.17 3.67 -30.93
C ALA C 203 -1.25 4.44 -30.02
N ILE C 204 -0.19 3.82 -29.52
CA ILE C 204 0.82 4.51 -28.66
C ILE C 204 2.16 4.73 -29.37
N GLY C 205 2.16 4.62 -30.71
CA GLY C 205 3.30 4.98 -31.49
C GLY C 205 4.27 3.90 -31.83
N LYS C 206 3.91 2.61 -31.66
CA LYS C 206 4.84 1.48 -31.87
C LYS C 206 4.35 0.38 -32.84
N ALA C 207 3.78 0.82 -33.97
CA ALA C 207 3.30 -0.05 -35.05
C ALA C 207 4.36 -0.94 -35.74
N ASN C 208 5.62 -0.51 -35.75
N ASN C 208 5.62 -0.49 -35.69
CA ASN C 208 6.73 -1.22 -36.44
CA ASN C 208 6.73 -1.13 -36.37
C ASN C 208 7.54 -2.12 -35.48
C ASN C 208 7.52 -2.10 -35.48
N GLU C 209 7.15 -2.21 -34.21
CA GLU C 209 7.92 -2.96 -33.19
C GLU C 209 7.08 -3.68 -32.14
N ILE C 210 6.13 -4.50 -32.58
CA ILE C 210 5.27 -5.23 -31.68
C ILE C 210 5.99 -6.56 -31.31
N PRO C 211 6.28 -6.80 -30.02
CA PRO C 211 6.84 -8.10 -29.56
C PRO C 211 5.92 -9.29 -29.78
N PHE C 212 6.48 -10.38 -30.33
CA PHE C 212 5.74 -11.65 -30.41
C PHE C 212 6.62 -12.85 -30.03
N ALA C 213 5.98 -13.99 -29.76
CA ALA C 213 6.59 -15.33 -29.73
C ALA C 213 5.68 -16.30 -30.50
N LEU C 214 6.29 -17.33 -31.11
CA LEU C 214 5.59 -18.34 -31.93
C LEU C 214 6.08 -19.70 -31.42
N CYS C 215 5.15 -20.53 -30.95
CA CYS C 215 5.53 -21.75 -30.14
C CYS C 215 4.93 -22.97 -30.77
N PHE C 216 5.78 -23.97 -31.03
CA PHE C 216 5.32 -25.23 -31.64
C PHE C 216 5.46 -26.38 -30.67
N GLY C 217 4.47 -27.28 -30.67
CA GLY C 217 4.44 -28.43 -29.77
C GLY C 217 4.23 -27.99 -28.33
N VAL C 218 3.35 -27.01 -28.15
CA VAL C 218 2.89 -26.59 -26.82
C VAL C 218 2.04 -27.70 -26.16
N PRO C 219 1.80 -27.60 -24.83
CA PRO C 219 0.70 -28.39 -24.17
C PRO C 219 -0.53 -28.49 -25.03
N PRO C 220 -1.01 -29.71 -25.34
CA PRO C 220 -2.19 -29.82 -26.20
C PRO C 220 -3.40 -29.03 -25.79
N ALA C 221 -3.68 -28.94 -24.51
CA ALA C 221 -4.78 -28.08 -24.11
C ALA C 221 -4.59 -26.59 -24.50
N ALA C 222 -3.34 -26.10 -24.53
CA ALA C 222 -3.04 -24.72 -24.92
C ALA C 222 -3.32 -24.53 -26.43
N ILE C 223 -2.99 -25.52 -27.29
CA ILE C 223 -3.18 -25.29 -28.73
C ILE C 223 -4.68 -25.28 -29.07
N LEU C 224 -5.47 -26.03 -28.30
CA LEU C 224 -6.91 -26.11 -28.57
C LEU C 224 -7.60 -24.82 -28.11
N VAL C 225 -7.26 -24.32 -26.93
CA VAL C 225 -7.78 -23.00 -26.48
C VAL C 225 -7.24 -21.86 -27.40
N SER C 226 -6.04 -21.99 -27.98
CA SER C 226 -5.60 -21.03 -29.05
C SER C 226 -6.57 -20.93 -30.22
N SER C 227 -7.26 -22.03 -30.53
N SER C 227 -7.26 -22.03 -30.54
CA SER C 227 -8.25 -22.09 -31.57
CA SER C 227 -8.26 -22.06 -31.60
C SER C 227 -9.66 -21.61 -31.19
C SER C 227 -9.67 -21.61 -31.19
N MET C 228 -9.87 -21.26 -29.92
CA MET C 228 -11.21 -21.00 -29.37
C MET C 228 -11.48 -19.51 -29.21
N PRO C 229 -12.64 -19.03 -29.63
CA PRO C 229 -12.88 -17.58 -29.53
C PRO C 229 -13.45 -17.19 -28.15
N ILE C 230 -12.63 -17.28 -27.10
CA ILE C 230 -13.06 -16.79 -25.76
C ILE C 230 -13.15 -15.22 -25.78
N PRO C 231 -13.72 -14.57 -24.70
CA PRO C 231 -13.96 -13.13 -24.68
C PRO C 231 -12.70 -12.27 -24.82
N GLU C 232 -12.88 -11.08 -25.39
CA GLU C 232 -11.82 -10.06 -25.36
C GLU C 232 -11.37 -9.77 -23.94
N GLY C 233 -10.09 -9.44 -23.77
CA GLY C 233 -9.50 -9.19 -22.42
C GLY C 233 -9.18 -10.40 -21.57
N VAL C 234 -9.62 -11.62 -21.95
CA VAL C 234 -9.36 -12.81 -21.14
C VAL C 234 -8.14 -13.51 -21.67
N SER C 235 -7.13 -13.72 -20.82
CA SER C 235 -5.91 -14.44 -21.18
C SER C 235 -6.13 -15.95 -21.27
N GLU C 236 -5.92 -16.50 -22.48
CA GLU C 236 -6.06 -17.95 -22.74
C GLU C 236 -5.39 -18.85 -21.69
N SER C 237 -4.19 -18.44 -21.26
CA SER C 237 -3.39 -19.22 -20.34
C SER C 237 -4.12 -19.56 -19.03
N ASP C 238 -4.93 -18.63 -18.53
CA ASP C 238 -5.61 -18.82 -17.25
C ASP C 238 -6.75 -19.88 -17.38
N TYR C 239 -7.49 -19.88 -18.48
CA TYR C 239 -8.51 -20.94 -18.76
C TYR C 239 -7.83 -22.31 -19.02
N VAL C 240 -6.69 -22.32 -19.72
CA VAL C 240 -5.95 -23.56 -19.92
C VAL C 240 -5.60 -24.16 -18.56
N GLY C 241 -5.18 -23.32 -17.62
CA GLY C 241 -4.94 -23.81 -16.27
C GLY C 241 -6.14 -24.48 -15.57
N ALA C 242 -7.31 -23.86 -15.70
CA ALA C 242 -8.56 -24.48 -15.25
C ALA C 242 -8.82 -25.88 -15.88
N ILE C 243 -8.51 -26.04 -17.17
CA ILE C 243 -8.70 -27.32 -17.87
C ILE C 243 -7.66 -28.33 -17.38
N LEU C 244 -6.42 -27.93 -17.14
CA LEU C 244 -5.42 -28.85 -16.65
C LEU C 244 -5.58 -29.19 -15.17
N GLY C 245 -6.25 -28.36 -14.36
CA GLY C 245 -6.15 -28.49 -12.93
C GLY C 245 -4.81 -28.04 -12.33
N GLU C 246 -3.94 -27.38 -13.08
CA GLU C 246 -2.66 -26.84 -12.56
C GLU C 246 -2.13 -25.72 -13.53
N SER C 247 -1.31 -24.78 -13.01
CA SER C 247 -0.71 -23.77 -13.85
C SER C 247 0.14 -24.35 -14.97
N VAL C 248 0.04 -23.80 -16.17
CA VAL C 248 1.01 -24.16 -17.23
C VAL C 248 2.44 -23.68 -16.83
N PRO C 249 3.44 -24.57 -16.84
CA PRO C 249 4.81 -24.03 -16.60
C PRO C 249 5.38 -23.25 -17.77
N VAL C 250 5.97 -22.08 -17.48
CA VAL C 250 6.47 -21.13 -18.49
C VAL C 250 7.88 -20.58 -18.13
N VAL C 251 8.62 -20.12 -19.14
CA VAL C 251 9.87 -19.38 -18.96
C VAL C 251 9.83 -18.17 -19.86
N LYS C 252 10.69 -17.19 -19.63
CA LYS C 252 10.71 -16.00 -20.40
C LYS C 252 11.46 -16.17 -21.72
N CYS C 253 11.02 -15.46 -22.76
CA CYS C 253 11.79 -15.32 -23.99
C CYS C 253 13.19 -14.72 -23.78
N GLU C 254 14.11 -14.99 -24.71
CA GLU C 254 15.48 -14.44 -24.71
C GLU C 254 15.53 -12.96 -25.01
N THR C 255 14.67 -12.46 -25.90
CA THR C 255 14.79 -11.13 -26.39
C THR C 255 13.60 -10.21 -26.04
N ASN C 256 12.61 -10.64 -25.26
CA ASN C 256 11.51 -9.75 -24.83
C ASN C 256 10.95 -10.27 -23.55
N ASP C 257 9.90 -9.67 -23.03
CA ASP C 257 9.31 -9.99 -21.73
C ASP C 257 8.21 -11.08 -21.83
N LEU C 258 7.92 -11.62 -22.99
CA LEU C 258 6.85 -12.65 -23.05
C LEU C 258 7.26 -14.06 -22.45
N MET C 259 6.25 -14.78 -21.95
CA MET C 259 6.44 -16.11 -21.31
C MET C 259 5.96 -17.22 -22.29
N VAL C 260 6.75 -18.26 -22.46
CA VAL C 260 6.44 -19.33 -23.40
C VAL C 260 6.30 -20.67 -22.63
N PRO C 261 5.46 -21.62 -23.11
CA PRO C 261 5.41 -22.87 -22.35
C PRO C 261 6.78 -23.53 -22.32
N ALA C 262 7.22 -23.98 -21.12
CA ALA C 262 8.51 -24.63 -20.90
C ALA C 262 8.73 -25.94 -21.69
N THR C 263 7.66 -26.69 -21.97
CA THR C 263 7.83 -27.93 -22.73
C THR C 263 7.64 -27.82 -24.25
N SER C 264 7.61 -26.61 -24.81
CA SER C 264 7.49 -26.42 -26.26
C SER C 264 8.65 -27.17 -26.95
N GLU C 265 8.36 -27.71 -28.13
CA GLU C 265 9.38 -28.27 -29.04
C GLU C 265 10.30 -27.18 -29.63
N MET C 266 9.70 -26.09 -30.11
CA MET C 266 10.39 -24.97 -30.76
C MET C 266 9.73 -23.62 -30.40
N VAL C 267 10.56 -22.59 -30.23
CA VAL C 267 10.09 -21.23 -29.95
C VAL C 267 10.79 -20.24 -30.90
N PHE C 268 10.03 -19.45 -31.66
CA PHE C 268 10.60 -18.34 -32.45
C PHE C 268 10.19 -16.98 -31.83
N GLU C 269 11.11 -16.02 -31.79
CA GLU C 269 10.80 -14.69 -31.19
C GLU C 269 11.28 -13.55 -32.03
N GLY C 270 10.59 -12.42 -31.85
CA GLY C 270 10.84 -11.25 -32.64
C GLY C 270 9.93 -10.06 -32.43
N THR C 271 9.87 -9.21 -33.48
CA THR C 271 8.91 -8.14 -33.57
C THR C 271 8.12 -8.20 -34.88
N LEU C 272 6.85 -7.84 -34.76
CA LEU C 272 5.91 -7.68 -35.87
C LEU C 272 5.83 -6.19 -36.30
N SER C 273 5.79 -5.95 -37.62
CA SER C 273 5.58 -4.56 -38.17
C SER C 273 4.29 -4.43 -38.98
N LEU C 274 3.39 -3.51 -38.59
CA LEU C 274 2.19 -3.18 -39.44
C LEU C 274 2.49 -2.26 -40.66
N THR C 275 3.65 -1.62 -40.67
CA THR C 275 4.09 -0.69 -41.75
C THR C 275 4.99 -1.32 -42.81
N ASP C 276 5.60 -2.45 -42.49
CA ASP C 276 6.44 -3.15 -43.44
C ASP C 276 5.68 -4.45 -43.81
N THR C 277 5.23 -4.52 -45.06
CA THR C 277 4.28 -5.54 -45.47
C THR C 277 4.79 -6.35 -46.66
N HIS C 278 4.12 -7.46 -46.98
CA HIS C 278 4.55 -8.34 -48.04
C HIS C 278 3.32 -9.11 -48.54
N LEU C 279 3.35 -9.51 -49.81
CA LEU C 279 2.28 -10.38 -50.36
C LEU C 279 2.31 -11.78 -49.72
N GLU C 280 1.14 -12.27 -49.34
CA GLU C 280 0.97 -13.55 -48.61
C GLU C 280 0.05 -14.45 -49.43
N GLY C 281 0.28 -15.77 -49.37
CA GLY C 281 -0.56 -16.70 -50.10
C GLY C 281 -0.27 -16.75 -51.59
N PRO C 282 -1.04 -17.53 -52.35
CA PRO C 282 -2.25 -18.18 -51.85
C PRO C 282 -1.95 -19.36 -50.92
N PHE C 283 -2.96 -19.76 -50.17
CA PHE C 283 -2.94 -20.94 -49.29
C PHE C 283 -4.27 -21.70 -49.34
N GLY C 284 -4.19 -23.00 -49.61
CA GLY C 284 -5.36 -23.90 -49.58
C GLY C 284 -6.08 -23.74 -48.23
N GLU C 285 -7.40 -23.72 -48.25
CA GLU C 285 -8.17 -23.21 -47.11
C GLU C 285 -9.31 -24.14 -46.74
N MET C 286 -9.94 -23.82 -45.59
CA MET C 286 -10.92 -24.61 -44.90
C MET C 286 -12.19 -24.96 -45.68
N HIS C 287 -12.42 -24.28 -46.80
CA HIS C 287 -13.54 -24.59 -47.64
C HIS C 287 -13.22 -25.55 -48.83
N GLY C 288 -11.97 -25.94 -49.00
CA GLY C 288 -11.54 -26.86 -50.03
C GLY C 288 -10.82 -26.33 -51.28
N TYR C 289 -10.35 -25.08 -51.30
CA TYR C 289 -9.84 -24.47 -52.54
C TYR C 289 -8.49 -23.75 -52.35
N VAL C 290 -7.63 -23.79 -53.40
CA VAL C 290 -6.58 -22.79 -53.64
C VAL C 290 -7.03 -21.94 -54.85
N PHE C 291 -7.33 -20.67 -54.58
CA PHE C 291 -7.65 -19.66 -55.57
C PHE C 291 -6.39 -18.85 -55.89
N LYS C 292 -6.12 -18.50 -57.14
CA LYS C 292 -4.90 -17.71 -57.48
C LYS C 292 -4.82 -16.20 -57.09
N SER C 293 -5.96 -15.60 -56.68
CA SER C 293 -6.01 -14.28 -56.01
C SER C 293 -4.67 -13.96 -55.21
N GLN C 294 -3.96 -12.87 -55.53
CA GLN C 294 -2.69 -12.53 -54.83
C GLN C 294 -2.90 -12.04 -53.36
N GLY C 295 -4.13 -11.58 -53.06
CA GLY C 295 -4.56 -11.06 -51.74
C GLY C 295 -4.08 -9.66 -51.34
N HIS C 296 -4.63 -9.13 -50.25
CA HIS C 296 -3.99 -7.97 -49.65
C HIS C 296 -2.56 -8.35 -49.22
N PRO C 297 -1.70 -7.36 -49.13
CA PRO C 297 -0.38 -7.47 -48.49
C PRO C 297 -0.54 -7.61 -47.00
N CYS C 298 0.35 -8.35 -46.33
CA CYS C 298 0.17 -8.65 -44.92
C CYS C 298 1.36 -8.14 -44.14
N PRO C 299 1.19 -7.91 -42.82
CA PRO C 299 2.35 -7.54 -41.95
C PRO C 299 3.51 -8.54 -41.94
N LEU C 300 4.70 -8.04 -41.64
CA LEU C 300 5.90 -8.86 -41.57
C LEU C 300 6.39 -9.09 -40.11
N TYR C 301 6.62 -10.37 -39.80
CA TYR C 301 7.25 -10.82 -38.54
C TYR C 301 8.74 -11.06 -38.74
N THR C 302 9.57 -10.35 -37.99
CA THR C 302 11.02 -10.46 -38.03
C THR C 302 11.47 -11.38 -36.91
N VAL C 303 12.09 -12.50 -37.24
CA VAL C 303 12.57 -13.44 -36.22
C VAL C 303 13.98 -13.03 -35.76
N LYS C 304 14.17 -12.83 -34.46
CA LYS C 304 15.46 -12.43 -33.89
C LYS C 304 16.11 -13.43 -32.95
N ALA C 305 15.39 -14.49 -32.57
CA ALA C 305 15.96 -15.59 -31.83
C ALA C 305 15.10 -16.82 -31.95
N MET C 306 15.69 -18.00 -31.71
N MET C 306 15.66 -17.96 -31.53
CA MET C 306 14.95 -19.24 -31.66
CA MET C 306 15.08 -19.25 -31.76
C MET C 306 15.55 -20.03 -30.51
C MET C 306 15.64 -20.20 -30.69
N SER C 307 14.77 -20.98 -30.05
CA SER C 307 15.22 -21.97 -29.11
C SER C 307 14.46 -23.25 -29.39
N TYR C 308 15.11 -24.40 -29.11
CA TYR C 308 14.49 -25.71 -29.35
C TYR C 308 15.03 -26.89 -28.51
N ARG C 309 14.20 -27.94 -28.41
CA ARG C 309 14.54 -29.26 -27.84
C ARG C 309 15.43 -30.10 -28.77
N ASP C 310 16.15 -31.08 -28.22
CA ASP C 310 16.78 -32.15 -29.05
C ASP C 310 15.67 -32.94 -29.78
N ASN C 311 15.89 -33.29 -31.05
CA ASN C 311 14.91 -34.08 -31.87
C ASN C 311 13.49 -33.47 -31.92
N ALA C 312 13.41 -32.20 -32.34
CA ALA C 312 12.20 -31.38 -32.23
C ALA C 312 11.19 -31.81 -33.30
N ILE C 313 9.93 -31.69 -32.95
CA ILE C 313 8.80 -32.14 -33.76
C ILE C 313 7.94 -30.91 -34.04
N LEU C 314 7.69 -30.61 -35.31
CA LEU C 314 6.71 -29.57 -35.73
C LEU C 314 5.31 -30.19 -35.99
N PRO C 315 4.25 -29.84 -35.20
CA PRO C 315 2.93 -30.30 -35.71
C PRO C 315 2.41 -29.46 -36.89
N VAL C 316 1.72 -30.13 -37.82
CA VAL C 316 1.21 -29.56 -39.03
C VAL C 316 -0.28 -29.89 -39.28
N SER C 317 -1.04 -28.86 -39.70
CA SER C 317 -2.39 -28.98 -40.25
C SER C 317 -2.41 -28.59 -41.75
N ASN C 318 -3.03 -29.45 -42.59
CA ASN C 318 -3.14 -29.21 -44.04
C ASN C 318 -4.60 -29.07 -44.44
N PRO C 319 -5.11 -27.83 -44.48
CA PRO C 319 -6.57 -27.69 -44.70
C PRO C 319 -7.14 -27.94 -46.10
N GLY C 320 -8.41 -28.35 -46.13
CA GLY C 320 -9.06 -28.58 -47.37
C GLY C 320 -10.49 -29.07 -47.16
N LEU C 321 -10.85 -30.07 -48.00
CA LEU C 321 -12.15 -30.75 -47.95
C LEU C 321 -12.28 -31.38 -46.56
N CYS C 322 -13.52 -31.56 -46.11
CA CYS C 322 -13.77 -32.16 -44.79
C CYS C 322 -13.07 -33.55 -44.79
N THR C 323 -12.47 -34.06 -43.70
CA THR C 323 -12.45 -33.49 -42.35
C THR C 323 -11.02 -33.30 -41.81
N ASP C 324 -10.71 -32.08 -41.37
CA ASP C 324 -9.41 -31.76 -40.79
C ASP C 324 -9.56 -30.81 -39.57
N GLU C 325 -8.46 -30.27 -39.07
CA GLU C 325 -8.52 -29.39 -37.88
C GLU C 325 -9.33 -28.15 -38.08
N THR C 326 -9.41 -27.62 -39.30
CA THR C 326 -10.26 -26.45 -39.51
C THR C 326 -11.80 -26.71 -39.37
N HIS C 327 -12.20 -27.98 -39.25
CA HIS C 327 -13.60 -28.35 -39.01
C HIS C 327 -13.77 -28.90 -37.62
N THR C 328 -12.86 -29.76 -37.15
CA THR C 328 -13.01 -30.36 -35.80
C THR C 328 -12.69 -29.37 -34.66
N LEU C 329 -11.68 -28.51 -34.80
CA LEU C 329 -11.40 -27.41 -33.83
C LEU C 329 -12.12 -26.05 -34.11
N ILE C 330 -11.93 -25.42 -35.26
CA ILE C 330 -12.52 -24.10 -35.49
C ILE C 330 -14.05 -24.18 -35.36
N GLY C 331 -14.67 -25.12 -36.08
CA GLY C 331 -16.09 -25.33 -36.02
C GLY C 331 -16.64 -25.72 -34.68
N SER C 332 -16.16 -26.79 -34.07
CA SER C 332 -16.72 -27.21 -32.77
C SER C 332 -16.44 -26.23 -31.62
N LEU C 333 -15.40 -25.37 -31.76
CA LEU C 333 -15.11 -24.37 -30.71
C LEU C 333 -15.95 -23.10 -30.90
N VAL C 334 -16.31 -22.75 -32.15
CA VAL C 334 -17.37 -21.76 -32.37
C VAL C 334 -18.72 -22.29 -31.76
N ALA C 335 -19.02 -23.56 -31.99
CA ALA C 335 -20.22 -24.15 -31.41
C ALA C 335 -20.28 -24.11 -29.84
N THR C 336 -19.16 -24.41 -29.18
CA THR C 336 -19.04 -24.26 -27.75
C THR C 336 -19.40 -22.86 -27.32
N GLU C 337 -18.79 -21.86 -27.93
CA GLU C 337 -19.08 -20.48 -27.55
C GLU C 337 -20.46 -19.99 -28.00
N ALA C 338 -21.01 -20.58 -29.07
CA ALA C 338 -22.38 -20.30 -29.47
C ALA C 338 -23.40 -20.85 -28.45
N LYS C 339 -23.14 -22.02 -27.88
CA LYS C 339 -24.00 -22.54 -26.81
C LYS C 339 -23.93 -21.67 -25.57
N GLU C 340 -22.71 -21.23 -25.23
CA GLU C 340 -22.53 -20.33 -24.08
C GLU C 340 -23.33 -19.06 -24.26
N LEU C 341 -23.29 -18.47 -25.47
CA LEU C 341 -24.01 -17.24 -25.77
C LEU C 341 -25.55 -17.36 -25.73
N ALA C 342 -26.08 -18.51 -26.15
CA ALA C 342 -27.52 -18.80 -26.05
C ALA C 342 -27.94 -18.86 -24.61
N ILE C 343 -27.15 -19.56 -23.79
CA ILE C 343 -27.45 -19.62 -22.38
C ILE C 343 -27.45 -18.19 -21.71
N GLU C 344 -26.44 -17.37 -21.99
CA GLU C 344 -26.34 -16.05 -21.37
C GLU C 344 -27.41 -15.11 -21.90
N SER C 345 -27.85 -15.25 -23.15
N SER C 345 -27.81 -15.30 -23.16
CA SER C 345 -28.93 -14.38 -23.66
CA SER C 345 -28.86 -14.50 -23.80
C SER C 345 -30.32 -14.98 -23.51
C SER C 345 -30.28 -14.92 -23.41
N GLY C 346 -30.47 -16.07 -22.76
CA GLY C 346 -31.80 -16.62 -22.48
C GLY C 346 -32.50 -17.44 -23.58
N LEU C 347 -31.91 -17.67 -24.76
CA LEU C 347 -32.58 -18.45 -25.83
C LEU C 347 -32.77 -19.91 -25.41
N PRO C 348 -33.85 -20.60 -25.83
CA PRO C 348 -34.10 -22.01 -25.42
C PRO C 348 -33.37 -23.07 -26.31
N ILE C 349 -32.03 -23.00 -26.33
CA ILE C 349 -31.14 -23.90 -27.10
C ILE C 349 -30.64 -25.03 -26.19
N LEU C 350 -30.77 -26.27 -26.63
CA LEU C 350 -30.16 -27.43 -25.94
C LEU C 350 -28.68 -27.71 -26.35
N ASP C 351 -28.37 -27.50 -27.64
CA ASP C 351 -27.06 -27.82 -28.22
C ASP C 351 -26.84 -27.06 -29.49
N ALA C 352 -25.57 -26.91 -29.87
CA ALA C 352 -25.11 -26.25 -31.11
C ALA C 352 -24.02 -27.10 -31.77
N PHE C 353 -23.91 -27.03 -33.08
CA PHE C 353 -22.86 -27.82 -33.79
C PHE C 353 -22.65 -27.29 -35.21
N MET C 354 -21.41 -27.37 -35.68
CA MET C 354 -21.04 -27.01 -37.04
C MET C 354 -20.64 -28.31 -37.86
N PRO C 355 -21.57 -28.83 -38.69
CA PRO C 355 -21.27 -30.11 -39.36
C PRO C 355 -20.04 -30.05 -40.27
N TYR C 356 -19.25 -31.10 -40.26
CA TYR C 356 -18.05 -31.14 -41.08
C TYR C 356 -18.33 -31.12 -42.59
N GLU C 357 -19.40 -31.79 -43.01
CA GLU C 357 -19.83 -31.85 -44.41
C GLU C 357 -20.16 -30.46 -44.93
N ALA C 358 -20.60 -29.53 -44.07
CA ALA C 358 -20.86 -28.14 -44.50
C ALA C 358 -19.64 -27.18 -44.41
N GLN C 359 -18.45 -27.76 -44.21
CA GLN C 359 -17.15 -27.07 -44.26
C GLN C 359 -17.11 -25.91 -43.25
N ALA C 360 -17.74 -26.10 -42.09
CA ALA C 360 -17.81 -25.02 -41.06
C ALA C 360 -18.42 -23.66 -41.50
N LEU C 361 -19.43 -23.71 -42.38
CA LEU C 361 -20.25 -22.56 -42.77
C LEU C 361 -21.66 -22.58 -42.16
N TRP C 362 -22.13 -23.76 -41.68
CA TRP C 362 -23.48 -23.97 -41.16
C TRP C 362 -23.32 -24.20 -39.64
N LEU C 363 -24.06 -23.43 -38.84
CA LEU C 363 -24.26 -23.63 -37.41
C LEU C 363 -25.73 -24.09 -37.18
N ILE C 364 -25.91 -25.29 -36.62
CA ILE C 364 -27.22 -25.87 -36.31
C ILE C 364 -27.49 -25.60 -34.85
N LEU C 365 -28.66 -25.03 -34.55
CA LEU C 365 -29.13 -24.88 -33.17
C LEU C 365 -30.31 -25.83 -32.86
N LYS C 366 -30.14 -26.71 -31.90
CA LYS C 366 -31.21 -27.62 -31.49
C LYS C 366 -32.05 -26.95 -30.39
N VAL C 367 -33.33 -26.76 -30.69
CA VAL C 367 -34.24 -25.90 -29.94
C VAL C 367 -35.24 -26.72 -29.11
N ASP C 368 -35.30 -26.41 -27.81
CA ASP C 368 -36.20 -27.07 -26.84
C ASP C 368 -37.60 -26.61 -27.13
N LEU C 369 -38.53 -27.49 -27.49
CA LEU C 369 -39.84 -26.94 -28.00
C LEU C 369 -40.73 -26.31 -26.91
N LYS C 370 -40.69 -26.83 -25.68
CA LYS C 370 -41.42 -26.22 -24.54
C LYS C 370 -40.93 -24.84 -24.20
N GLY C 371 -39.61 -24.70 -24.12
CA GLY C 371 -39.00 -23.39 -24.02
C GLY C 371 -39.41 -22.38 -25.10
N LEU C 372 -39.45 -22.83 -26.37
CA LEU C 372 -39.82 -21.97 -27.52
C LEU C 372 -41.28 -21.51 -27.42
N GLN C 373 -42.16 -22.46 -27.05
CA GLN C 373 -43.63 -22.21 -26.86
C GLN C 373 -43.92 -21.24 -25.73
N ALA C 374 -43.18 -21.34 -24.62
CA ALA C 374 -43.23 -20.35 -23.53
C ALA C 374 -43.05 -18.89 -23.95
N LEU C 375 -42.35 -18.63 -25.04
CA LEU C 375 -42.02 -17.26 -25.48
C LEU C 375 -43.15 -16.65 -26.26
N LYS C 376 -44.06 -17.49 -26.74
CA LYS C 376 -45.25 -17.04 -27.45
C LYS C 376 -44.88 -16.08 -28.56
N THR C 377 -44.08 -16.59 -29.51
CA THR C 377 -43.47 -15.79 -30.56
C THR C 377 -43.81 -16.38 -31.93
N THR C 378 -43.36 -15.71 -33.01
CA THR C 378 -43.51 -16.21 -34.36
C THR C 378 -42.14 -16.59 -34.95
N PRO C 379 -42.12 -17.39 -36.02
CA PRO C 379 -40.89 -17.64 -36.72
C PRO C 379 -40.17 -16.39 -37.17
N GLU C 380 -40.89 -15.38 -37.65
CA GLU C 380 -40.25 -14.16 -38.11
C GLU C 380 -39.48 -13.37 -37.02
N GLU C 381 -40.09 -13.25 -35.86
CA GLU C 381 -39.47 -12.58 -34.71
C GLU C 381 -38.30 -13.39 -34.09
N PHE C 382 -38.45 -14.72 -33.98
CA PHE C 382 -37.42 -15.61 -33.43
C PHE C 382 -36.16 -15.60 -34.32
N CYS C 383 -36.33 -15.70 -35.64
CA CYS C 383 -35.19 -15.64 -36.58
C CYS C 383 -34.43 -14.32 -36.51
N LYS C 384 -35.16 -13.23 -36.29
CA LYS C 384 -34.51 -11.93 -36.19
C LYS C 384 -33.73 -11.80 -34.90
N LYS C 385 -34.34 -12.20 -33.80
CA LYS C 385 -33.67 -12.18 -32.52
C LYS C 385 -32.37 -13.02 -32.54
N VAL C 386 -32.45 -14.24 -33.08
CA VAL C 386 -31.29 -15.13 -33.17
C VAL C 386 -30.18 -14.52 -34.03
N GLY C 387 -30.54 -14.06 -35.22
CA GLY C 387 -29.54 -13.51 -36.13
C GLY C 387 -28.84 -12.27 -35.55
N ASP C 388 -29.61 -11.42 -34.85
CA ASP C 388 -29.06 -10.22 -34.22
C ASP C 388 -28.08 -10.58 -33.11
N ILE C 389 -28.36 -11.63 -32.33
CA ILE C 389 -27.41 -12.14 -31.32
C ILE C 389 -26.09 -12.66 -31.93
N TYR C 390 -26.17 -13.43 -33.02
CA TYR C 390 -25.00 -14.18 -33.50
C TYR C 390 -24.17 -13.39 -34.56
N PHE C 391 -24.81 -12.76 -35.54
CA PHE C 391 -24.09 -12.20 -36.69
C PHE C 391 -23.43 -10.82 -36.43
N ARG C 392 -23.68 -10.21 -35.30
CA ARG C 392 -23.15 -8.87 -34.96
C ARG C 392 -22.13 -9.03 -33.85
N THR C 393 -21.60 -10.24 -33.70
CA THR C 393 -20.59 -10.51 -32.70
C THR C 393 -19.49 -11.40 -33.31
N LYS C 394 -18.33 -11.39 -32.65
CA LYS C 394 -17.14 -12.11 -33.10
C LYS C 394 -17.36 -13.64 -33.17
N VAL C 395 -18.08 -14.24 -32.23
CA VAL C 395 -18.38 -15.68 -32.28
C VAL C 395 -19.08 -16.07 -33.59
N GLY C 396 -19.91 -15.18 -34.17
CA GLY C 396 -20.58 -15.46 -35.44
C GLY C 396 -19.83 -15.25 -36.77
N PHE C 397 -18.59 -14.79 -36.69
CA PHE C 397 -17.84 -14.31 -37.83
C PHE C 397 -17.72 -15.31 -38.99
N ILE C 398 -17.38 -16.57 -38.71
CA ILE C 398 -17.15 -17.57 -39.81
C ILE C 398 -18.49 -18.16 -40.34
N VAL C 399 -19.57 -17.95 -39.59
CA VAL C 399 -20.87 -18.63 -39.87
C VAL C 399 -21.69 -17.88 -40.90
N HIS C 400 -22.06 -18.54 -42.01
CA HIS C 400 -22.90 -17.91 -43.05
C HIS C 400 -24.40 -18.33 -43.05
N GLU C 401 -24.74 -19.47 -42.46
CA GLU C 401 -26.11 -19.93 -42.36
C GLU C 401 -26.37 -20.55 -40.97
N ILE C 402 -27.37 -20.03 -40.27
CA ILE C 402 -27.79 -20.56 -38.95
C ILE C 402 -29.09 -21.28 -39.20
N ILE C 403 -29.15 -22.55 -38.75
CA ILE C 403 -30.28 -23.42 -39.08
C ILE C 403 -30.94 -23.85 -37.79
N LEU C 404 -32.24 -23.55 -37.63
CA LEU C 404 -33.04 -23.89 -36.43
C LEU C 404 -33.86 -25.13 -36.62
N VAL C 405 -33.68 -26.15 -35.75
CA VAL C 405 -34.42 -27.44 -35.79
C VAL C 405 -34.94 -27.83 -34.39
N ALA C 406 -35.99 -28.65 -34.36
CA ALA C 406 -36.59 -29.08 -33.10
C ALA C 406 -35.74 -30.12 -32.42
N ASP C 407 -36.05 -30.33 -31.16
CA ASP C 407 -35.34 -31.30 -30.34
C ASP C 407 -35.55 -32.78 -30.71
N ASP C 408 -36.30 -33.13 -31.77
CA ASP C 408 -36.33 -34.51 -32.25
C ASP C 408 -35.17 -34.82 -33.22
N ILE C 409 -34.28 -33.84 -33.50
CA ILE C 409 -33.15 -34.03 -34.44
C ILE C 409 -31.82 -34.13 -33.67
N ASP C 410 -31.07 -35.21 -33.91
CA ASP C 410 -29.69 -35.35 -33.47
C ASP C 410 -28.77 -34.51 -34.36
N ILE C 411 -28.42 -33.33 -33.89
CA ILE C 411 -27.63 -32.40 -34.71
C ILE C 411 -26.21 -32.84 -35.02
N PHE C 412 -25.74 -33.86 -34.31
CA PHE C 412 -24.41 -34.42 -34.50
C PHE C 412 -24.39 -35.52 -35.53
N ASN C 413 -25.55 -35.87 -36.04
CA ASN C 413 -25.64 -36.84 -37.11
C ASN C 413 -26.05 -36.10 -38.40
N PHE C 414 -25.16 -36.01 -39.36
CA PHE C 414 -25.52 -35.27 -40.57
C PHE C 414 -26.69 -35.83 -41.42
N LYS C 415 -27.02 -37.10 -41.26
CA LYS C 415 -28.19 -37.66 -41.98
C LYS C 415 -29.48 -37.08 -41.39
N GLU C 416 -29.51 -36.87 -40.09
CA GLU C 416 -30.70 -36.24 -39.53
C GLU C 416 -30.83 -34.79 -39.92
N VAL C 417 -29.68 -34.09 -40.04
CA VAL C 417 -29.65 -32.67 -40.30
C VAL C 417 -30.05 -32.43 -41.75
N ILE C 418 -29.56 -33.21 -42.72
CA ILE C 418 -29.92 -32.90 -44.11
C ILE C 418 -31.42 -33.21 -44.34
N TRP C 419 -31.92 -34.28 -43.75
CA TRP C 419 -33.38 -34.57 -43.73
C TRP C 419 -34.26 -33.42 -43.24
N ALA C 420 -33.93 -32.88 -42.07
CA ALA C 420 -34.70 -31.74 -41.51
C ALA C 420 -34.54 -30.53 -42.41
N TYR C 421 -33.33 -30.28 -42.96
CA TYR C 421 -33.11 -29.09 -43.78
C TYR C 421 -34.02 -29.09 -45.05
N VAL C 422 -33.94 -30.12 -45.88
CA VAL C 422 -34.73 -30.17 -47.13
C VAL C 422 -36.22 -30.36 -46.92
N THR C 423 -36.66 -31.04 -45.86
CA THR C 423 -38.11 -31.32 -45.67
C THR C 423 -38.89 -30.30 -44.77
N ARG C 424 -38.19 -29.46 -44.03
CA ARG C 424 -38.87 -28.51 -43.11
C ARG C 424 -38.68 -27.00 -43.34
N HIS C 425 -37.94 -26.56 -44.35
CA HIS C 425 -37.88 -25.15 -44.68
C HIS C 425 -38.32 -24.99 -46.11
N THR C 426 -39.17 -24.00 -46.33
CA THR C 426 -39.59 -23.56 -47.68
C THR C 426 -38.47 -22.70 -48.27
N PRO C 427 -37.91 -23.08 -49.45
CA PRO C 427 -36.85 -22.30 -50.09
C PRO C 427 -37.19 -20.84 -50.23
N VAL C 428 -36.26 -19.99 -49.81
CA VAL C 428 -36.45 -18.55 -49.77
C VAL C 428 -37.44 -18.01 -48.77
N ALA C 429 -38.69 -18.41 -48.83
CA ALA C 429 -39.67 -17.86 -47.90
C ALA C 429 -39.34 -18.11 -46.41
N ASP C 430 -38.65 -19.18 -46.05
CA ASP C 430 -38.34 -19.45 -44.64
C ASP C 430 -36.89 -19.04 -44.33
N GLN C 431 -36.27 -18.21 -45.16
CA GLN C 431 -34.90 -17.78 -44.91
C GLN C 431 -34.81 -16.28 -44.70
N MET C 432 -34.27 -15.83 -43.57
CA MET C 432 -34.14 -14.39 -43.30
C MET C 432 -32.73 -13.87 -43.59
N ALA C 433 -32.58 -13.00 -44.61
CA ALA C 433 -31.26 -12.42 -44.98
C ALA C 433 -30.78 -11.35 -43.99
N PHE C 434 -29.50 -11.29 -43.75
CA PHE C 434 -28.90 -10.19 -42.95
C PHE C 434 -27.93 -9.46 -43.88
N ASP C 435 -28.37 -8.33 -44.44
CA ASP C 435 -27.58 -7.61 -45.48
C ASP C 435 -26.42 -6.71 -44.95
N ASP C 436 -26.49 -6.28 -43.70
CA ASP C 436 -25.64 -5.22 -43.12
C ASP C 436 -24.51 -5.71 -42.19
N VAL C 437 -24.47 -7.01 -41.92
CA VAL C 437 -23.47 -7.65 -41.06
C VAL C 437 -22.14 -7.94 -41.78
N THR C 438 -21.07 -8.15 -41.00
CA THR C 438 -19.77 -8.48 -41.58
C THR C 438 -19.75 -9.87 -42.31
N SER C 439 -19.35 -9.87 -43.58
CA SER C 439 -19.14 -11.11 -44.35
C SER C 439 -17.86 -11.81 -43.89
N PHE C 440 -17.79 -13.12 -44.02
CA PHE C 440 -16.52 -13.85 -43.79
C PHE C 440 -15.75 -13.87 -45.10
N PRO C 441 -14.55 -13.23 -45.14
CA PRO C 441 -13.81 -13.08 -46.39
C PRO C 441 -13.30 -14.37 -47.04
N LEU C 442 -13.06 -15.46 -46.28
CA LEU C 442 -12.59 -16.70 -46.88
C LEU C 442 -13.73 -17.46 -47.60
N ALA C 443 -15.01 -17.20 -47.29
CA ALA C 443 -16.07 -18.00 -47.91
C ALA C 443 -15.93 -17.81 -49.43
N PRO C 444 -15.80 -18.88 -50.23
CA PRO C 444 -15.57 -18.71 -51.70
C PRO C 444 -16.64 -17.95 -52.44
N PHE C 445 -17.91 -18.07 -52.07
CA PHE C 445 -18.97 -17.23 -52.66
C PHE C 445 -18.83 -15.72 -52.35
N VAL C 446 -18.07 -15.40 -51.29
CA VAL C 446 -17.68 -14.02 -51.00
C VAL C 446 -16.39 -13.63 -51.75
N SER C 447 -15.34 -14.42 -51.59
CA SER C 447 -14.02 -14.06 -52.11
C SER C 447 -14.06 -13.93 -53.63
N GLN C 448 -14.91 -14.74 -54.28
CA GLN C 448 -15.02 -14.76 -55.74
C GLN C 448 -16.25 -14.02 -56.27
N SER C 449 -16.63 -12.95 -55.58
CA SER C 449 -17.68 -12.01 -56.00
C SER C 449 -17.29 -10.55 -55.69
N SER C 450 -18.15 -9.64 -56.16
CA SER C 450 -18.06 -8.19 -55.88
C SER C 450 -18.15 -7.93 -54.37
N ARG C 451 -18.79 -8.87 -53.65
CA ARG C 451 -18.92 -8.78 -52.19
C ARG C 451 -17.57 -8.75 -51.42
N SER C 452 -16.48 -9.21 -52.07
CA SER C 452 -15.12 -9.01 -51.57
C SER C 452 -14.69 -7.54 -51.43
N LYS C 453 -15.16 -6.63 -52.29
CA LYS C 453 -14.84 -5.19 -52.20
C LYS C 453 -15.60 -4.60 -51.02
N THR C 454 -16.91 -4.92 -50.87
CA THR C 454 -17.82 -4.33 -49.86
C THR C 454 -17.80 -4.99 -48.46
N MET C 455 -17.56 -6.29 -48.36
CA MET C 455 -17.42 -6.98 -47.07
C MET C 455 -18.67 -7.06 -46.15
N LYS C 456 -19.86 -6.83 -46.72
CA LYS C 456 -21.10 -6.91 -45.98
C LYS C 456 -22.13 -7.88 -46.58
N GLY C 457 -22.85 -8.56 -45.69
CA GLY C 457 -24.01 -9.37 -46.05
C GLY C 457 -23.76 -10.80 -46.51
N GLY C 458 -24.72 -11.37 -47.22
CA GLY C 458 -24.68 -12.80 -47.58
C GLY C 458 -24.86 -13.83 -46.48
N LYS C 459 -25.51 -13.45 -45.39
CA LYS C 459 -25.67 -14.36 -44.25
C LYS C 459 -27.16 -14.58 -44.03
N CYS C 460 -27.55 -15.67 -43.36
N CYS C 460 -27.60 -15.72 -43.51
CA CYS C 460 -28.97 -15.99 -43.21
CA CYS C 460 -29.04 -15.90 -43.22
C CYS C 460 -29.30 -16.84 -41.99
C CYS C 460 -29.34 -16.86 -42.07
N VAL C 461 -30.52 -16.66 -41.47
CA VAL C 461 -31.12 -17.59 -40.50
C VAL C 461 -32.28 -18.31 -41.26
N THR C 462 -32.26 -19.65 -41.22
CA THR C 462 -33.17 -20.53 -41.97
C THR C 462 -33.96 -21.29 -40.94
N ASN C 463 -35.28 -21.12 -41.00
CA ASN C 463 -36.22 -21.74 -40.04
C ASN C 463 -36.64 -23.14 -40.50
N CYS C 464 -36.21 -24.18 -39.80
CA CYS C 464 -36.61 -25.59 -40.05
C CYS C 464 -37.47 -26.12 -38.93
N ILE C 465 -38.21 -25.22 -38.28
CA ILE C 465 -39.16 -25.57 -37.19
C ILE C 465 -40.56 -25.33 -37.76
N PHE C 466 -41.38 -26.40 -37.82
CA PHE C 466 -42.78 -26.28 -38.27
C PHE C 466 -43.61 -25.20 -37.50
N ARG C 467 -44.46 -24.46 -38.22
CA ARG C 467 -45.26 -23.35 -37.63
C ARG C 467 -46.00 -23.78 -36.33
N GLN C 468 -46.66 -24.94 -36.36
CA GLN C 468 -47.33 -25.49 -35.19
C GLN C 468 -46.40 -25.72 -33.98
N GLN C 469 -45.16 -26.11 -34.25
CA GLN C 469 -44.14 -26.27 -33.18
C GLN C 469 -43.81 -25.00 -32.40
N TYR C 470 -44.10 -23.81 -32.95
CA TYR C 470 -44.02 -22.56 -32.16
C TYR C 470 -45.21 -22.38 -31.16
N GLU C 471 -46.33 -23.09 -31.35
CA GLU C 471 -47.58 -22.86 -30.59
C GLU C 471 -47.88 -24.02 -29.61
N ARG C 472 -47.64 -25.28 -30.00
CA ARG C 472 -48.04 -26.44 -29.19
C ARG C 472 -47.44 -27.71 -29.72
N SER C 473 -47.71 -28.82 -29.03
N SER C 473 -47.68 -28.82 -29.03
CA SER C 473 -47.24 -30.15 -29.42
CA SER C 473 -47.13 -30.12 -29.42
C SER C 473 -47.74 -30.54 -30.81
C SER C 473 -47.74 -30.59 -30.75
N PHE C 474 -46.95 -31.33 -31.52
CA PHE C 474 -47.34 -31.72 -32.86
C PHE C 474 -46.72 -33.06 -33.06
N ASP C 475 -47.53 -34.12 -32.95
CA ASP C 475 -47.03 -35.52 -33.02
C ASP C 475 -47.20 -36.10 -34.42
N TYR C 476 -46.07 -36.53 -34.98
CA TYR C 476 -46.02 -37.13 -36.29
C TYR C 476 -45.04 -38.30 -36.22
N ILE C 477 -45.19 -39.23 -37.18
CA ILE C 477 -44.34 -40.43 -37.25
C ILE C 477 -43.18 -40.19 -38.20
N THR C 478 -41.97 -40.53 -37.75
CA THR C 478 -40.79 -40.51 -38.59
C THR C 478 -40.66 -41.90 -39.19
N CYS C 479 -40.65 -41.95 -40.54
CA CYS C 479 -40.77 -43.23 -41.31
C CYS C 479 -39.43 -43.88 -41.64
N ASN C 480 -38.79 -44.41 -40.58
CA ASN C 480 -37.64 -45.31 -40.67
C ASN C 480 -37.83 -46.46 -39.65
N PHE C 481 -36.89 -47.42 -39.67
CA PHE C 481 -36.97 -48.65 -38.85
C PHE C 481 -36.90 -48.34 -37.34
N GLU C 482 -35.88 -47.60 -36.89
CA GLU C 482 -35.63 -47.43 -35.44
C GLU C 482 -36.66 -46.56 -34.76
N LYS C 483 -37.06 -45.47 -35.41
CA LYS C 483 -38.09 -44.56 -34.85
C LYS C 483 -39.58 -44.76 -35.30
N GLY C 484 -39.83 -45.49 -36.39
CA GLY C 484 -41.20 -45.61 -36.94
C GLY C 484 -42.09 -46.68 -36.32
N TYR C 485 -41.45 -47.62 -35.64
CA TYR C 485 -42.12 -48.84 -35.11
C TYR C 485 -41.93 -48.92 -33.61
N PRO C 486 -42.90 -49.54 -32.88
CA PRO C 486 -42.64 -49.62 -31.44
C PRO C 486 -41.44 -50.49 -31.08
N LYS C 487 -40.82 -50.12 -29.96
CA LYS C 487 -39.58 -50.74 -29.45
C LYS C 487 -39.59 -52.29 -29.44
N GLY C 488 -40.65 -52.89 -28.88
CA GLY C 488 -40.85 -54.35 -28.93
C GLY C 488 -40.77 -54.99 -30.32
N LEU C 489 -41.36 -54.35 -31.33
CA LEU C 489 -41.29 -54.87 -32.68
C LEU C 489 -39.87 -54.74 -33.27
N VAL C 490 -39.20 -53.63 -32.97
CA VAL C 490 -37.84 -53.37 -33.44
C VAL C 490 -36.93 -54.48 -32.89
N ASP C 491 -37.09 -54.73 -31.59
CA ASP C 491 -36.28 -55.75 -30.89
C ASP C 491 -36.53 -57.16 -31.43
N LYS C 492 -37.80 -57.48 -31.68
CA LYS C 492 -38.17 -58.76 -32.28
C LYS C 492 -37.54 -58.95 -33.67
N VAL C 493 -37.58 -57.91 -34.52
CA VAL C 493 -36.97 -58.00 -35.88
C VAL C 493 -35.47 -58.17 -35.74
N ASN C 494 -34.83 -57.40 -34.86
CA ASN C 494 -33.37 -57.53 -34.68
C ASN C 494 -32.98 -58.93 -34.19
N GLU C 495 -33.76 -59.50 -33.25
CA GLU C 495 -33.57 -60.90 -32.75
C GLU C 495 -33.67 -61.99 -33.80
N ASN C 496 -34.65 -61.90 -34.69
CA ASN C 496 -34.97 -63.01 -35.66
C ASN C 496 -34.31 -62.88 -37.02
N TRP C 497 -33.46 -61.84 -37.14
CA TRP C 497 -32.81 -61.43 -38.39
C TRP C 497 -31.98 -62.55 -39.05
N LYS C 498 -31.22 -63.25 -38.21
CA LYS C 498 -30.45 -64.41 -38.62
C LYS C 498 -31.32 -65.56 -39.06
N ARG C 499 -32.32 -65.90 -38.24
CA ARG C 499 -33.22 -67.03 -38.52
C ARG C 499 -34.03 -66.87 -39.82
N TYR C 500 -34.40 -65.61 -40.12
CA TYR C 500 -35.06 -65.27 -41.39
C TYR C 500 -34.21 -65.63 -42.62
N GLY C 501 -32.89 -65.48 -42.48
CA GLY C 501 -31.99 -65.84 -43.58
C GLY C 501 -30.91 -64.83 -43.90
N TYR C 502 -30.93 -63.65 -43.26
CA TYR C 502 -29.85 -62.68 -43.42
C TYR C 502 -28.59 -63.09 -42.56
N LEU D 4 -23.03 14.87 64.88
N LEU D 4 -21.84 13.60 64.49
CA LEU D 4 -22.36 13.99 63.83
CA LEU D 4 -22.64 14.80 64.04
C LEU D 4 -22.67 14.44 62.39
C LEU D 4 -22.74 14.90 62.45
N ASN D 5 -21.63 14.86 61.66
CA ASN D 5 -21.72 15.11 60.20
C ASN D 5 -20.95 14.09 59.36
N PRO D 6 -21.59 12.95 59.06
CA PRO D 6 -20.91 11.86 58.33
C PRO D 6 -20.56 12.19 56.86
N ALA D 7 -21.24 13.12 56.21
CA ALA D 7 -20.89 13.51 54.82
C ALA D 7 -19.55 14.31 54.77
N LEU D 8 -19.27 15.06 55.85
CA LEU D 8 -18.11 16.01 55.96
C LEU D 8 -16.88 15.42 56.62
N GLU D 9 -17.07 14.53 57.59
CA GLU D 9 -15.97 13.93 58.37
C GLU D 9 -16.00 12.40 58.33
N PHE D 10 -14.91 11.81 57.84
CA PHE D 10 -14.74 10.35 57.80
C PHE D 10 -14.84 9.70 59.18
N ARG D 11 -14.33 10.36 60.21
CA ARG D 11 -14.43 9.80 61.59
C ARG D 11 -15.86 9.84 62.18
N ASP D 12 -16.65 10.83 61.76
CA ASP D 12 -18.08 10.89 62.07
C ASP D 12 -18.92 9.83 61.35
N PHE D 13 -18.60 9.57 60.10
CA PHE D 13 -19.09 8.36 59.37
C PHE D 13 -18.80 7.06 60.14
N ILE D 14 -17.58 6.88 60.62
CA ILE D 14 -17.28 5.68 61.40
C ILE D 14 -18.14 5.59 62.72
N GLN D 15 -18.36 6.73 63.36
CA GLN D 15 -19.13 6.77 64.60
C GLN D 15 -20.62 6.49 64.36
N VAL D 16 -21.22 7.04 63.30
N VAL D 16 -21.24 7.04 63.32
CA VAL D 16 -22.63 6.80 63.03
CA VAL D 16 -22.67 6.76 63.12
C VAL D 16 -22.90 5.35 62.69
C VAL D 16 -22.91 5.33 62.70
N LEU D 17 -21.90 4.67 62.15
CA LEU D 17 -21.98 3.23 61.89
C LEU D 17 -21.90 2.46 63.21
N LYS D 18 -21.00 2.87 64.12
CA LYS D 18 -20.99 2.35 65.52
C LYS D 18 -22.35 2.48 66.21
N ASP D 19 -22.92 3.67 66.20
CA ASP D 19 -24.24 3.90 66.79
C ASP D 19 -25.37 3.01 66.17
N GLU D 20 -25.20 2.53 64.92
CA GLU D 20 -26.20 1.67 64.25
C GLU D 20 -25.92 0.17 64.32
N ASP D 21 -24.95 -0.23 65.16
CA ASP D 21 -24.39 -1.62 65.24
C ASP D 21 -23.93 -2.21 63.89
N ASP D 22 -23.48 -1.32 62.97
CA ASP D 22 -23.12 -1.63 61.57
C ASP D 22 -21.60 -1.58 61.39
N LEU D 23 -20.86 -1.57 62.50
CA LEU D 23 -19.39 -1.64 62.52
C LEU D 23 -18.78 -2.56 63.60
N ILE D 24 -17.87 -3.45 63.24
CA ILE D 24 -17.24 -4.34 64.20
C ILE D 24 -15.74 -3.92 64.35
N GLU D 25 -15.33 -3.44 65.53
CA GLU D 25 -13.91 -3.14 65.78
C GLU D 25 -13.25 -4.44 66.08
N ILE D 26 -12.38 -4.92 65.20
CA ILE D 26 -11.66 -6.17 65.42
C ILE D 26 -10.30 -5.87 66.00
N THR D 27 -10.11 -6.35 67.23
CA THR D 27 -8.96 -6.01 68.09
C THR D 27 -7.87 -7.08 68.04
N GLU D 28 -8.23 -8.35 67.80
CA GLU D 28 -7.20 -9.37 67.64
C GLU D 28 -6.31 -9.14 66.38
N GLU D 29 -5.17 -9.82 66.29
CA GLU D 29 -4.20 -9.59 65.20
C GLU D 29 -4.70 -10.28 63.96
N ILE D 30 -4.67 -9.56 62.83
CA ILE D 30 -5.19 -10.04 61.54
C ILE D 30 -4.07 -9.80 60.53
N ASP D 31 -3.75 -10.81 59.75
CA ASP D 31 -2.73 -10.69 58.67
C ASP D 31 -3.29 -9.91 57.41
N PRO D 32 -2.61 -8.82 56.94
CA PRO D 32 -3.05 -8.20 55.70
C PRO D 32 -2.83 -9.11 54.48
N ASN D 33 -1.95 -10.10 54.58
CA ASN D 33 -1.87 -11.19 53.57
C ASN D 33 -3.13 -12.12 53.58
N LEU D 34 -4.07 -11.86 52.65
CA LEU D 34 -5.35 -12.61 52.43
C LEU D 34 -6.47 -12.51 53.51
N GLU D 35 -6.17 -12.37 54.80
CA GLU D 35 -7.18 -12.46 55.84
C GLU D 35 -8.12 -11.29 55.84
N VAL D 36 -7.57 -10.09 55.70
CA VAL D 36 -8.37 -8.88 55.52
C VAL D 36 -9.38 -9.14 54.36
N GLY D 37 -8.89 -9.57 53.22
CA GLY D 37 -9.75 -9.73 52.04
C GLY D 37 -10.89 -10.72 52.26
N ALA D 38 -10.56 -11.86 52.83
CA ALA D 38 -11.52 -12.95 53.06
C ALA D 38 -12.65 -12.55 54.03
N ILE D 39 -12.29 -11.84 55.10
CA ILE D 39 -13.22 -11.29 56.06
C ILE D 39 -14.16 -10.29 55.37
N MET D 40 -13.58 -9.43 54.55
CA MET D 40 -14.40 -8.48 53.79
C MET D 40 -15.44 -9.18 52.88
N ARG D 41 -15.00 -10.15 52.12
CA ARG D 41 -15.89 -10.91 51.26
C ARG D 41 -17.09 -11.56 51.99
N LYS D 42 -16.86 -12.06 53.21
CA LYS D 42 -17.89 -12.77 53.92
C LYS D 42 -18.91 -11.76 54.37
N ALA D 43 -18.39 -10.63 54.84
CA ALA D 43 -19.26 -9.51 55.23
C ALA D 43 -20.14 -8.96 54.10
N TYR D 44 -19.53 -8.71 52.95
CA TYR D 44 -20.22 -8.17 51.79
C TYR D 44 -21.39 -9.09 51.40
N GLU D 45 -21.08 -10.37 51.28
CA GLU D 45 -21.97 -11.35 50.64
C GLU D 45 -23.19 -11.73 51.47
N SER D 46 -23.13 -11.64 52.80
CA SER D 46 -24.33 -11.77 53.65
C SER D 46 -24.85 -10.42 54.21
N HIS D 47 -24.38 -9.30 53.65
CA HIS D 47 -24.88 -7.96 53.95
C HIS D 47 -24.67 -7.68 55.44
N LEU D 48 -23.48 -8.02 55.94
CA LEU D 48 -23.13 -7.91 57.35
C LEU D 48 -22.36 -6.61 57.70
N PRO D 49 -22.28 -6.29 59.02
CA PRO D 49 -21.56 -5.09 59.47
C PRO D 49 -20.14 -4.95 58.91
N ALA D 50 -19.72 -3.68 58.74
CA ALA D 50 -18.41 -3.37 58.16
C ALA D 50 -17.31 -3.66 59.20
N PRO D 51 -16.25 -4.44 58.84
CA PRO D 51 -15.13 -4.69 59.75
C PRO D 51 -14.14 -3.54 59.79
N LEU D 52 -13.82 -3.04 61.00
CA LEU D 52 -12.73 -2.10 61.21
C LEU D 52 -11.56 -2.87 61.87
N PHE D 53 -10.47 -3.09 61.10
CA PHE D 53 -9.28 -3.86 61.51
C PHE D 53 -8.27 -2.97 62.29
N LYS D 54 -8.22 -3.14 63.60
CA LYS D 54 -7.51 -2.26 64.48
C LYS D 54 -6.08 -2.70 64.76
N ASN D 55 -5.76 -3.97 64.52
CA ASN D 55 -4.47 -4.45 64.87
C ASN D 55 -3.96 -5.36 63.76
N LEU D 56 -3.48 -4.72 62.69
CA LEU D 56 -2.87 -5.42 61.56
C LEU D 56 -1.45 -5.78 61.84
N LYS D 57 -1.14 -7.05 61.60
CA LYS D 57 0.22 -7.56 61.62
C LYS D 57 1.15 -6.69 60.78
N GLY D 58 2.22 -6.20 61.40
CA GLY D 58 3.19 -5.34 60.70
C GLY D 58 2.90 -3.85 60.79
N ALA D 59 1.85 -3.45 61.52
CA ALA D 59 1.49 -2.03 61.57
C ALA D 59 2.37 -1.33 62.58
N SER D 60 2.55 -0.03 62.42
CA SER D 60 2.94 0.88 63.53
C SER D 60 1.68 1.47 64.26
N LYS D 61 1.90 2.25 65.32
CA LYS D 61 0.81 2.89 66.08
C LYS D 61 -0.05 3.67 65.08
N ASP D 62 0.62 4.42 64.21
CA ASP D 62 -0.01 5.37 63.31
C ASP D 62 -0.35 4.85 61.89
N LEU D 63 0.32 3.82 61.40
CA LEU D 63 0.16 3.40 60.01
C LEU D 63 0.03 1.90 59.95
N PHE D 64 -1.19 1.35 59.87
CA PHE D 64 -2.49 2.03 59.91
C PHE D 64 -3.51 0.97 60.29
N SER D 65 -4.75 1.42 60.57
CA SER D 65 -5.92 0.52 60.56
C SER D 65 -6.56 0.45 59.15
N ILE D 66 -7.41 -0.55 58.92
CA ILE D 66 -8.25 -0.64 57.71
C ILE D 66 -9.75 -0.68 58.04
N LEU D 67 -10.53 0.22 57.44
CA LEU D 67 -11.98 0.07 57.38
C LEU D 67 -12.35 -0.63 56.09
N GLY D 68 -12.89 -1.83 56.15
CA GLY D 68 -13.45 -2.46 54.93
C GLY D 68 -14.95 -2.31 54.74
N CYS D 69 -15.42 -2.46 53.51
CA CYS D 69 -16.84 -2.45 53.18
C CYS D 69 -17.55 -1.11 53.43
N PRO D 70 -16.93 0.02 53.04
CA PRO D 70 -17.54 1.28 53.42
C PRO D 70 -18.82 1.60 52.67
N ALA D 71 -19.05 0.99 51.49
CA ALA D 71 -20.34 1.18 50.79
C ALA D 71 -21.03 -0.13 50.45
N GLY D 72 -20.77 -1.14 51.26
CA GLY D 72 -21.50 -2.41 51.22
C GLY D 72 -22.96 -2.30 51.71
N LEU D 73 -23.75 -3.28 51.30
CA LEU D 73 -25.16 -3.40 51.74
C LEU D 73 -25.28 -3.97 53.17
N ARG D 74 -26.37 -3.59 53.86
CA ARG D 74 -26.74 -4.12 55.20
C ARG D 74 -28.21 -4.54 55.28
N SER D 75 -28.65 -5.06 56.44
CA SER D 75 -30.05 -5.53 56.61
C SER D 75 -31.10 -4.46 56.37
N LYS D 76 -32.24 -4.86 55.83
CA LYS D 76 -33.33 -3.94 55.50
C LYS D 76 -33.81 -3.20 56.72
N GLU D 77 -33.80 -3.84 57.89
CA GLU D 77 -34.24 -3.25 59.21
C GLU D 77 -33.59 -1.88 59.50
N LYS D 78 -32.27 -1.80 59.23
CA LYS D 78 -31.46 -0.58 59.41
C LYS D 78 -31.46 0.43 58.26
N GLY D 79 -32.16 0.13 57.15
CA GLY D 79 -31.94 0.80 55.88
C GLY D 79 -30.81 0.13 55.10
N ASP D 80 -31.15 -0.57 54.01
CA ASP D 80 -30.13 -1.43 53.29
C ASP D 80 -29.02 -0.65 52.52
N HIS D 81 -29.33 0.53 52.03
CA HIS D 81 -28.34 1.43 51.49
C HIS D 81 -27.95 2.52 52.52
N GLY D 82 -28.01 2.22 53.80
CA GLY D 82 -27.62 3.17 54.86
C GLY D 82 -26.21 3.74 54.74
N ARG D 83 -25.23 2.87 54.47
CA ARG D 83 -23.82 3.34 54.28
C ARG D 83 -23.65 4.41 53.19
N ILE D 84 -24.38 4.23 52.08
CA ILE D 84 -24.38 5.17 50.97
C ILE D 84 -25.13 6.41 51.34
N ALA D 85 -26.34 6.29 51.91
CA ALA D 85 -27.01 7.48 52.41
C ALA D 85 -26.11 8.33 53.38
N HIS D 86 -25.30 7.69 54.21
CA HIS D 86 -24.44 8.45 55.13
C HIS D 86 -23.31 9.25 54.39
N HIS D 87 -22.83 8.79 53.21
CA HIS D 87 -21.83 9.52 52.43
C HIS D 87 -22.38 10.86 52.01
N LEU D 88 -23.71 10.97 51.99
CA LEU D 88 -24.42 12.15 51.56
C LEU D 88 -25.17 12.90 52.64
N GLY D 89 -25.09 12.47 53.87
CA GLY D 89 -25.81 13.14 54.98
C GLY D 89 -27.32 12.89 55.01
N LEU D 90 -27.80 11.83 54.36
CA LEU D 90 -29.25 11.56 54.30
C LEU D 90 -29.65 10.56 55.39
N ASP D 91 -30.95 10.55 55.69
CA ASP D 91 -31.56 9.53 56.55
C ASP D 91 -31.14 8.14 56.11
N PRO D 92 -30.78 7.26 57.06
CA PRO D 92 -30.24 5.94 56.67
C PRO D 92 -31.22 4.99 55.97
N LYS D 93 -32.53 5.24 56.05
CA LYS D 93 -33.53 4.40 55.36
C LYS D 93 -33.97 4.97 54.01
N THR D 94 -33.28 6.02 53.55
CA THR D 94 -33.48 6.56 52.23
C THR D 94 -33.28 5.45 51.17
N THR D 95 -34.20 5.30 50.22
CA THR D 95 -34.03 4.29 49.17
C THR D 95 -32.96 4.69 48.09
N ILE D 96 -32.48 3.73 47.33
CA ILE D 96 -31.52 4.05 46.26
C ILE D 96 -32.16 5.01 45.25
N LYS D 97 -33.45 4.85 44.99
CA LYS D 97 -34.17 5.82 44.17
C LYS D 97 -34.09 7.27 44.67
N GLU D 98 -34.32 7.44 45.96
CA GLU D 98 -34.31 8.79 46.54
C GLU D 98 -32.86 9.36 46.54
N ILE D 99 -31.87 8.49 46.74
CA ILE D 99 -30.47 8.89 46.71
C ILE D 99 -30.08 9.43 45.35
N ILE D 100 -30.48 8.71 44.31
CA ILE D 100 -30.22 9.12 42.94
C ILE D 100 -30.92 10.45 42.67
N ASP D 101 -32.20 10.55 42.98
CA ASP D 101 -32.93 11.81 42.77
C ASP D 101 -32.31 13.01 43.57
N TYR D 102 -31.76 12.75 44.74
CA TYR D 102 -31.11 13.78 45.54
C TYR D 102 -29.84 14.31 44.83
N LEU D 103 -29.03 13.39 44.29
CA LEU D 103 -27.86 13.76 43.51
C LEU D 103 -28.21 14.64 42.29
N LEU D 104 -29.32 14.35 41.61
CA LEU D 104 -29.82 15.22 40.53
C LEU D 104 -30.29 16.60 41.00
N GLU D 105 -31.02 16.68 42.13
CA GLU D 105 -31.45 17.99 42.67
C GLU D 105 -30.23 18.80 43.07
N CYS D 106 -29.18 18.14 43.58
CA CYS D 106 -27.96 18.85 43.93
C CYS D 106 -27.23 19.47 42.75
N LYS D 107 -27.44 18.97 41.51
CA LYS D 107 -26.89 19.62 40.34
C LYS D 107 -27.48 21.02 40.09
N GLU D 108 -28.62 21.35 40.68
CA GLU D 108 -29.25 22.65 40.44
C GLU D 108 -28.91 23.69 41.51
N LYS D 109 -28.13 23.30 42.52
CA LYS D 109 -27.67 24.22 43.55
C LYS D 109 -26.41 24.90 43.12
N GLU D 110 -26.05 25.98 43.81
CA GLU D 110 -24.88 26.74 43.41
C GLU D 110 -23.65 25.99 43.84
N PRO D 111 -22.68 25.83 42.93
CA PRO D 111 -21.41 25.17 43.32
C PRO D 111 -20.68 25.99 44.36
N LEU D 112 -20.00 25.34 45.31
CA LEU D 112 -19.27 26.02 46.39
C LEU D 112 -17.82 25.57 46.34
N PRO D 113 -16.93 26.38 45.80
CA PRO D 113 -15.51 25.94 45.74
C PRO D 113 -14.83 25.74 47.13
N PRO D 114 -13.72 25.01 47.17
CA PRO D 114 -13.07 24.76 48.47
C PRO D 114 -12.54 26.03 49.14
N ILE D 115 -12.34 25.97 50.46
CA ILE D 115 -11.90 27.09 51.31
C ILE D 115 -10.58 26.74 52.03
N THR D 116 -9.55 27.55 51.86
CA THR D 116 -8.28 27.20 52.45
C THR D 116 -8.34 27.46 53.93
N VAL D 117 -7.88 26.53 54.75
CA VAL D 117 -7.86 26.71 56.22
C VAL D 117 -6.39 26.68 56.69
N PRO D 118 -6.11 27.16 57.94
CA PRO D 118 -4.71 27.15 58.45
C PRO D 118 -4.16 25.74 58.66
N VAL D 119 -2.87 25.54 58.38
CA VAL D 119 -2.17 24.28 58.55
C VAL D 119 -2.26 23.70 59.98
N SER D 120 -2.16 24.57 60.98
CA SER D 120 -2.38 24.17 62.39
C SER D 120 -3.77 23.53 62.67
N SER D 121 -4.83 23.99 62.00
CA SER D 121 -6.14 23.34 62.18
C SER D 121 -6.38 22.03 61.30
N ALA D 122 -5.36 21.52 60.60
CA ALA D 122 -5.53 20.43 59.60
C ALA D 122 -4.89 19.11 60.05
N PRO D 123 -5.70 18.12 60.52
CA PRO D 123 -5.19 16.81 61.02
C PRO D 123 -4.30 16.05 60.05
N CYS D 124 -4.56 16.17 58.75
CA CYS D 124 -3.71 15.48 57.75
C CYS D 124 -2.25 15.90 57.79
N LYS D 125 -1.99 17.04 58.47
CA LYS D 125 -0.65 17.60 58.62
C LYS D 125 0.02 17.30 59.93
N THR D 126 -0.56 16.43 60.73
CA THR D 126 0.01 16.10 62.05
C THR D 126 1.41 15.52 62.01
N HIS D 127 1.64 14.60 61.08
CA HIS D 127 2.97 14.02 60.83
C HIS D 127 3.30 14.26 59.38
N ILE D 128 4.55 14.62 59.08
CA ILE D 128 5.01 14.94 57.73
C ILE D 128 6.34 14.20 57.44
N LEU D 129 6.40 13.40 56.38
CA LEU D 129 7.61 12.77 55.91
C LEU D 129 8.15 13.42 54.66
N SER D 130 9.48 13.52 54.63
CA SER D 130 10.24 14.00 53.47
C SER D 130 10.66 12.78 52.62
N GLU D 131 11.14 13.04 51.39
CA GLU D 131 11.49 11.96 50.43
C GLU D 131 12.24 10.76 51.01
N GLU D 132 13.37 10.95 51.73
CA GLU D 132 14.13 9.76 52.24
C GLU D 132 13.42 9.00 53.38
N LYS D 133 12.41 9.60 54.01
CA LYS D 133 11.55 8.90 55.00
C LYS D 133 10.37 8.09 54.41
N ILE D 134 10.20 8.10 53.09
CA ILE D 134 9.18 7.28 52.39
C ILE D 134 9.62 5.82 52.23
N HIS D 135 8.91 4.88 52.88
CA HIS D 135 9.19 3.45 52.71
C HIS D 135 7.91 2.63 52.46
N LEU D 136 7.41 2.65 51.24
CA LEU D 136 6.10 2.00 50.96
C LEU D 136 6.03 0.50 51.29
N GLN D 137 7.15 -0.23 51.26
CA GLN D 137 7.13 -1.67 51.62
C GLN D 137 7.04 -1.95 53.14
N SER D 138 7.21 -0.93 53.99
N SER D 138 7.24 -0.92 53.96
CA SER D 138 6.99 -1.09 55.44
CA SER D 138 7.02 -1.00 55.39
C SER D 138 5.54 -0.82 55.88
C SER D 138 5.54 -1.00 55.78
N LEU D 139 4.68 -0.37 54.98
CA LEU D 139 3.23 -0.31 55.27
C LEU D 139 2.56 -1.71 55.24
N PRO D 140 1.58 -1.97 56.14
CA PRO D 140 0.80 -3.23 56.12
C PRO D 140 -0.32 -3.15 55.05
N THR D 141 0.10 -3.05 53.78
CA THR D 141 -0.81 -2.94 52.65
C THR D 141 -1.43 -4.35 52.36
N PRO D 142 -2.75 -4.42 52.02
CA PRO D 142 -3.39 -5.74 51.92
C PRO D 142 -3.07 -6.48 50.64
N TYR D 143 -3.03 -7.80 50.72
CA TYR D 143 -2.93 -8.66 49.55
C TYR D 143 -4.34 -9.33 49.50
N LEU D 144 -5.14 -8.83 48.56
CA LEU D 144 -6.61 -8.90 48.64
C LEU D 144 -7.24 -10.17 48.06
N HIS D 145 -6.81 -10.57 46.87
CA HIS D 145 -7.27 -11.78 46.21
C HIS D 145 -6.09 -12.73 45.94
N VAL D 146 -6.32 -14.04 46.08
CA VAL D 146 -5.37 -15.08 45.57
C VAL D 146 -5.00 -14.78 44.09
N SER D 147 -3.71 -14.88 43.73
CA SER D 147 -3.21 -14.56 42.37
C SER D 147 -3.19 -13.08 41.98
N ASP D 148 -3.49 -12.18 42.89
CA ASP D 148 -3.26 -10.75 42.57
C ASP D 148 -1.75 -10.61 42.27
N GLY D 149 -1.44 -9.74 41.32
CA GLY D 149 -0.05 -9.39 40.95
C GLY D 149 0.73 -8.49 41.91
N GLY D 150 0.09 -8.07 43.01
CA GLY D 150 0.76 -7.39 44.12
C GLY D 150 -0.22 -6.80 45.11
N LYS D 151 0.30 -5.97 45.98
CA LYS D 151 -0.44 -5.41 47.08
C LYS D 151 -1.04 -4.06 46.65
N TYR D 152 -2.35 -3.91 46.86
CA TYR D 152 -3.13 -2.81 46.35
C TYR D 152 -3.45 -1.89 47.55
N LEU D 153 -2.72 -0.78 47.58
CA LEU D 153 -2.91 0.30 48.59
C LEU D 153 -4.06 1.20 48.27
N GLN D 154 -4.21 1.48 46.96
CA GLN D 154 -5.23 2.41 46.47
C GLN D 154 -6.44 1.59 45.91
N THR D 155 -7.49 1.49 46.72
CA THR D 155 -8.80 0.95 46.32
C THR D 155 -9.99 1.78 46.75
N TYR D 156 -9.81 2.73 47.68
CA TYR D 156 -10.88 3.68 48.02
C TYR D 156 -10.34 5.05 48.46
N GLY D 157 -9.28 5.50 47.79
CA GLY D 157 -8.75 6.81 47.90
C GLY D 157 -8.97 7.64 46.64
N MET D 158 -8.49 8.87 46.68
CA MET D 158 -8.86 9.89 45.73
C MET D 158 -7.57 10.41 45.07
N TRP D 159 -7.44 10.17 43.74
CA TRP D 159 -6.42 10.78 42.91
C TRP D 159 -6.80 12.25 42.56
N ILE D 160 -5.87 13.15 42.83
CA ILE D 160 -6.00 14.57 42.44
C ILE D 160 -5.00 14.96 41.32
N LEU D 161 -5.52 15.38 40.15
CA LEU D 161 -4.73 15.92 39.04
C LEU D 161 -5.35 17.20 38.55
N GLN D 162 -4.50 18.14 38.13
CA GLN D 162 -4.92 19.46 37.62
C GLN D 162 -4.31 19.70 36.28
N THR D 163 -5.03 20.42 35.46
CA THR D 163 -4.57 20.84 34.16
C THR D 163 -3.41 21.89 34.28
N PRO D 164 -2.57 22.02 33.23
CA PRO D 164 -1.42 22.97 33.33
C PRO D 164 -1.85 24.42 33.47
N ASP D 165 -2.97 24.79 32.85
CA ASP D 165 -3.58 26.10 33.01
C ASP D 165 -4.29 26.34 34.36
N LYS D 166 -4.32 25.33 35.23
CA LYS D 166 -4.92 25.42 36.55
C LYS D 166 -6.46 25.56 36.60
N LYS D 167 -7.16 25.57 35.47
CA LYS D 167 -8.59 25.83 35.49
C LYS D 167 -9.47 24.58 35.81
N TRP D 168 -8.91 23.38 35.83
CA TRP D 168 -9.72 22.18 36.13
C TRP D 168 -8.96 21.27 37.09
N THR D 169 -9.53 21.00 38.25
CA THR D 169 -8.94 19.99 39.16
C THR D 169 -9.86 18.78 39.19
N ASN D 170 -9.34 17.60 38.83
CA ASN D 170 -10.15 16.36 38.84
C ASN D 170 -9.85 15.47 40.07
N TRP D 171 -10.92 14.90 40.65
CA TRP D 171 -10.82 13.93 41.74
C TRP D 171 -11.47 12.66 41.22
N SER D 172 -10.75 11.53 41.33
CA SER D 172 -11.29 10.23 40.82
C SER D 172 -10.63 9.03 41.49
N ILE D 173 -11.30 7.88 41.42
CA ILE D 173 -10.75 6.64 41.98
C ILE D 173 -10.29 5.75 40.82
N ALA D 174 -9.13 5.13 40.99
CA ALA D 174 -8.60 4.03 40.07
C ALA D 174 -7.63 3.20 40.88
N ALA D 175 -7.60 1.88 40.67
CA ALA D 175 -6.74 1.03 41.46
C ALA D 175 -5.24 1.33 41.29
N GLY D 176 -4.48 1.05 42.34
CA GLY D 176 -3.08 1.46 42.44
C GLY D 176 -2.34 0.46 43.29
N MET D 177 -1.33 -0.16 42.69
CA MET D 177 -0.62 -1.28 43.22
C MET D 177 0.75 -0.74 43.63
N VAL D 178 1.29 -1.17 44.78
CA VAL D 178 2.65 -0.80 45.24
C VAL D 178 3.67 -1.59 44.43
N VAL D 179 4.66 -0.89 43.83
CA VAL D 179 5.71 -1.56 43.00
C VAL D 179 7.02 -1.77 43.77
N ASP D 180 7.47 -0.75 44.49
CA ASP D 180 8.63 -0.88 45.38
C ASP D 180 8.54 0.25 46.40
N ASP D 181 9.65 0.62 47.03
CA ASP D 181 9.62 1.48 48.21
C ASP D 181 9.18 2.87 47.87
N LYS D 182 9.29 3.27 46.61
CA LYS D 182 8.92 4.67 46.24
C LYS D 182 7.81 4.81 45.18
N HIS D 183 7.30 3.73 44.65
CA HIS D 183 6.54 3.78 43.41
C HIS D 183 5.23 3.01 43.52
N ILE D 184 4.21 3.55 42.87
CA ILE D 184 2.88 2.93 42.73
C ILE D 184 2.58 2.88 41.22
N THR D 185 1.77 1.92 40.76
CA THR D 185 1.37 1.88 39.35
C THR D 185 -0.10 1.70 39.28
N GLY D 186 -0.76 2.38 38.36
CA GLY D 186 -2.20 2.21 38.13
C GLY D 186 -2.59 2.39 36.67
N LEU D 187 -3.74 1.78 36.30
CA LEU D 187 -4.42 1.97 35.03
C LEU D 187 -4.83 3.50 34.90
N VAL D 188 -4.42 4.10 33.77
CA VAL D 188 -4.69 5.49 33.37
C VAL D 188 -5.18 5.45 31.89
N ILE D 189 -6.47 5.17 31.68
CA ILE D 189 -7.01 4.82 30.34
C ILE D 189 -8.08 5.78 29.85
N LYS D 190 -8.14 6.00 28.54
CA LYS D 190 -9.33 6.63 27.90
C LYS D 190 -10.62 5.83 28.21
N PRO D 191 -11.78 6.46 28.39
CA PRO D 191 -11.99 7.88 28.28
C PRO D 191 -11.97 8.61 29.66
N GLN D 192 -11.25 8.10 30.64
CA GLN D 192 -11.27 8.60 32.03
C GLN D 192 -10.53 9.94 32.13
N HIS D 193 -11.05 10.82 32.97
CA HIS D 193 -10.53 12.21 33.06
C HIS D 193 -9.06 12.32 33.48
N ILE D 194 -8.60 11.37 34.24
CA ILE D 194 -7.24 11.28 34.63
C ILE D 194 -6.30 11.09 33.40
N ARG D 195 -6.71 10.27 32.43
CA ARG D 195 -6.02 10.19 31.13
C ARG D 195 -6.18 11.49 30.34
N GLN D 196 -7.38 12.08 30.28
CA GLN D 196 -7.48 13.29 29.53
C GLN D 196 -6.52 14.36 30.10
N ILE D 197 -6.44 14.49 31.43
CA ILE D 197 -5.57 15.51 32.01
C ILE D 197 -4.08 15.17 31.83
N ALA D 198 -3.68 13.93 32.06
CA ALA D 198 -2.30 13.58 31.81
C ALA D 198 -1.83 13.91 30.39
N ASP D 199 -2.71 13.66 29.39
CA ASP D 199 -2.39 13.94 27.99
C ASP D 199 -2.15 15.45 27.69
N SER D 200 -2.81 16.34 28.43
CA SER D 200 -2.52 17.76 28.36
C SER D 200 -1.10 18.13 28.76
N TRP D 201 -0.57 17.44 29.78
CA TRP D 201 0.79 17.67 30.22
C TRP D 201 1.77 17.09 29.16
N ALA D 202 1.43 15.95 28.52
CA ALA D 202 2.28 15.37 27.47
C ALA D 202 2.37 16.26 26.26
N ALA D 203 1.22 16.85 25.90
CA ALA D 203 1.12 17.79 24.75
C ALA D 203 1.97 19.06 24.88
N ILE D 204 2.35 19.47 26.10
CA ILE D 204 3.33 20.58 26.31
C ILE D 204 4.71 20.13 26.80
N GLY D 205 5.02 18.88 26.57
CA GLY D 205 6.34 18.36 26.84
C GLY D 205 6.71 17.92 28.22
N LYS D 206 5.73 17.61 29.09
CA LYS D 206 5.98 17.22 30.46
C LYS D 206 5.27 15.92 30.84
N ALA D 207 5.39 14.96 29.95
CA ALA D 207 4.76 13.67 30.15
C ALA D 207 5.33 12.85 31.36
N ASN D 208 6.55 13.19 31.76
N ASN D 208 6.57 13.14 31.74
CA ASN D 208 7.32 12.43 32.74
CA ASN D 208 7.27 12.37 32.76
C ASN D 208 7.27 13.00 34.16
C ASN D 208 7.38 13.06 34.14
N GLU D 209 6.69 14.20 34.31
CA GLU D 209 6.72 14.95 35.59
C GLU D 209 5.32 15.60 35.87
N ILE D 210 4.24 14.83 35.91
CA ILE D 210 2.90 15.39 36.15
C ILE D 210 2.62 15.43 37.69
N PRO D 211 2.34 16.60 38.27
CA PRO D 211 2.11 16.60 39.71
C PRO D 211 0.84 15.84 40.09
N PHE D 212 0.89 15.07 41.17
CA PHE D 212 -0.32 14.50 41.74
C PHE D 212 -0.32 14.54 43.27
N ALA D 213 -1.51 14.32 43.81
CA ALA D 213 -1.68 13.88 45.17
C ALA D 213 -2.64 12.65 45.24
N LEU D 214 -2.52 11.85 46.29
CA LEU D 214 -3.40 10.71 46.53
C LEU D 214 -3.88 10.80 47.99
N CYS D 215 -5.18 10.87 48.22
CA CYS D 215 -5.75 11.09 49.57
C CYS D 215 -6.69 9.98 50.01
N PHE D 216 -6.50 9.54 51.26
CA PHE D 216 -7.30 8.50 51.88
C PHE D 216 -8.06 9.08 53.10
N GLY D 217 -9.28 8.56 53.34
CA GLY D 217 -10.13 9.01 54.43
C GLY D 217 -10.60 10.40 54.20
N VAL D 218 -10.82 10.76 52.94
CA VAL D 218 -11.41 12.07 52.63
C VAL D 218 -12.87 12.21 53.22
N PRO D 219 -13.45 13.41 53.17
CA PRO D 219 -14.86 13.60 53.42
C PRO D 219 -15.68 12.61 52.61
N PRO D 220 -16.54 11.83 53.26
CA PRO D 220 -17.25 10.81 52.50
C PRO D 220 -17.97 11.33 51.26
N ALA D 221 -18.59 12.49 51.31
CA ALA D 221 -19.19 13.03 50.09
C ALA D 221 -18.16 13.19 48.92
N ALA D 222 -16.88 13.49 49.22
CA ALA D 222 -15.88 13.65 48.18
C ALA D 222 -15.50 12.31 47.52
N ILE D 223 -15.43 11.23 48.29
CA ILE D 223 -15.06 9.91 47.74
C ILE D 223 -16.21 9.37 46.89
N LEU D 224 -17.44 9.69 47.23
CA LEU D 224 -18.61 9.30 46.38
C LEU D 224 -18.57 9.99 45.01
N VAL D 225 -18.39 11.32 44.98
CA VAL D 225 -18.24 12.08 43.70
C VAL D 225 -16.98 11.71 42.86
N SER D 226 -15.91 11.34 43.53
CA SER D 226 -14.73 10.83 42.88
C SER D 226 -15.06 9.58 41.99
N SER D 227 -16.09 8.78 42.36
N SER D 227 -16.11 8.83 42.36
CA SER D 227 -16.55 7.66 41.53
CA SER D 227 -16.60 7.68 41.61
C SER D 227 -17.64 7.97 40.51
C SER D 227 -17.64 7.97 40.53
N MET D 228 -18.05 9.22 40.40
CA MET D 228 -19.19 9.62 39.54
C MET D 228 -18.71 10.30 38.24
N PRO D 229 -19.25 9.88 37.10
CA PRO D 229 -18.86 10.52 35.81
C PRO D 229 -19.61 11.85 35.54
N ILE D 230 -19.25 12.92 36.27
CA ILE D 230 -19.79 14.25 36.04
C ILE D 230 -19.07 14.83 34.82
N PRO D 231 -19.56 15.95 34.28
CA PRO D 231 -19.01 16.44 33.00
C PRO D 231 -17.54 16.85 33.01
N GLU D 232 -16.93 16.83 31.83
CA GLU D 232 -15.53 17.25 31.70
C GLU D 232 -15.37 18.76 32.01
N GLY D 233 -14.21 19.15 32.52
CA GLY D 233 -13.97 20.49 32.98
C GLY D 233 -14.74 20.95 34.23
N VAL D 234 -15.59 20.13 34.85
CA VAL D 234 -16.18 20.52 36.15
C VAL D 234 -15.24 19.92 37.22
N SER D 235 -14.78 20.77 38.16
CA SER D 235 -13.93 20.30 39.27
C SER D 235 -14.88 19.66 40.26
N GLU D 236 -14.67 18.38 40.55
CA GLU D 236 -15.56 17.64 41.46
C GLU D 236 -15.77 18.35 42.83
N SER D 237 -14.71 18.98 43.36
CA SER D 237 -14.79 19.72 44.64
C SER D 237 -15.96 20.69 44.76
N ASP D 238 -16.36 21.28 43.63
CA ASP D 238 -17.33 22.34 43.64
C ASP D 238 -18.78 21.76 43.80
N TYR D 239 -19.03 20.59 43.20
CA TYR D 239 -20.28 19.89 43.35
C TYR D 239 -20.33 19.23 44.73
N VAL D 240 -19.20 18.72 45.24
CA VAL D 240 -19.15 18.17 46.60
C VAL D 240 -19.59 19.27 47.61
N GLY D 241 -19.16 20.49 47.36
CA GLY D 241 -19.60 21.67 48.15
C GLY D 241 -21.10 21.92 48.15
N ALA D 242 -21.73 21.90 46.96
CA ALA D 242 -23.20 21.94 46.83
C ALA D 242 -23.96 20.83 47.57
N ILE D 243 -23.39 19.63 47.58
CA ILE D 243 -23.97 18.48 48.29
C ILE D 243 -23.89 18.73 49.78
N LEU D 244 -22.69 19.02 50.29
CA LEU D 244 -22.47 19.31 51.71
C LEU D 244 -23.19 20.58 52.23
N GLY D 245 -23.56 21.54 51.37
CA GLY D 245 -24.07 22.84 51.79
C GLY D 245 -22.97 23.75 52.35
N GLU D 246 -21.69 23.41 52.19
CA GLU D 246 -20.55 24.28 52.58
C GLU D 246 -19.32 23.95 51.74
N SER D 247 -18.34 24.86 51.67
CA SER D 247 -17.07 24.58 51.01
C SER D 247 -16.31 23.42 51.65
N VAL D 248 -15.62 22.58 50.86
CA VAL D 248 -14.71 21.56 51.46
C VAL D 248 -13.47 22.32 51.98
N PRO D 249 -13.06 22.04 53.22
CA PRO D 249 -11.85 22.64 53.77
C PRO D 249 -10.56 21.91 53.35
N VAL D 250 -9.61 22.71 52.84
CA VAL D 250 -8.42 22.19 52.19
C VAL D 250 -7.13 22.94 52.64
N VAL D 251 -6.00 22.28 52.44
CA VAL D 251 -4.66 22.81 52.71
C VAL D 251 -3.74 22.45 51.53
N LYS D 252 -2.69 23.24 51.39
CA LYS D 252 -1.68 22.98 50.36
C LYS D 252 -0.77 21.77 50.63
N CYS D 253 -0.44 21.06 49.55
CA CYS D 253 0.59 20.02 49.61
C CYS D 253 1.94 20.68 49.93
N GLU D 254 2.82 19.87 50.48
CA GLU D 254 4.18 20.23 50.87
C GLU D 254 5.06 20.46 49.68
N THR D 255 4.87 19.69 48.61
CA THR D 255 5.84 19.66 47.51
C THR D 255 5.31 20.16 46.16
N ASN D 256 4.03 20.50 46.06
CA ASN D 256 3.48 21.08 44.86
C ASN D 256 2.30 21.95 45.30
N ASP D 257 1.61 22.57 44.35
CA ASP D 257 0.52 23.51 44.62
C ASP D 257 -0.92 22.94 44.65
N LEU D 258 -1.05 21.61 44.63
CA LEU D 258 -2.39 21.01 44.72
C LEU D 258 -2.99 21.12 46.15
N MET D 259 -4.29 21.27 46.22
CA MET D 259 -5.00 21.37 47.52
C MET D 259 -5.64 20.03 47.86
N VAL D 260 -5.52 19.67 49.14
CA VAL D 260 -5.99 18.39 49.68
C VAL D 260 -6.99 18.61 50.82
N PRO D 261 -7.94 17.71 50.99
CA PRO D 261 -8.85 17.92 52.12
C PRO D 261 -8.15 17.93 53.49
N ALA D 262 -8.49 18.93 54.31
CA ALA D 262 -7.81 19.13 55.63
C ALA D 262 -7.96 17.94 56.58
N THR D 263 -9.11 17.24 56.53
CA THR D 263 -9.34 16.02 57.37
C THR D 263 -8.94 14.62 56.83
N SER D 264 -8.27 14.55 55.67
CA SER D 264 -7.73 13.28 55.16
C SER D 264 -6.94 12.57 56.24
N GLU D 265 -7.12 11.25 56.25
CA GLU D 265 -6.40 10.40 57.15
C GLU D 265 -4.92 10.37 56.75
N MET D 266 -4.65 10.34 55.43
CA MET D 266 -3.33 10.11 54.80
C MET D 266 -3.31 10.81 53.44
N VAL D 267 -2.18 11.45 53.11
CA VAL D 267 -1.94 12.13 51.83
C VAL D 267 -0.56 11.68 51.27
N PHE D 268 -0.51 11.24 50.02
CA PHE D 268 0.76 10.89 49.38
C PHE D 268 0.95 11.89 48.25
N GLU D 269 2.18 12.34 48.04
CA GLU D 269 2.41 13.34 46.97
C GLU D 269 3.57 12.91 46.08
N GLY D 270 3.58 13.41 44.85
CA GLY D 270 4.66 13.10 43.91
C GLY D 270 4.42 13.58 42.47
N THR D 271 5.07 12.87 41.55
CA THR D 271 4.97 13.17 40.13
C THR D 271 4.67 11.86 39.43
N LEU D 272 3.79 11.94 38.44
CA LEU D 272 3.40 10.77 37.62
C LEU D 272 4.23 10.82 36.30
N SER D 273 4.75 9.67 35.83
CA SER D 273 5.31 9.57 34.47
C SER D 273 4.51 8.62 33.56
N LEU D 274 4.05 9.10 32.41
CA LEU D 274 3.35 8.26 31.41
C LEU D 274 4.26 7.43 30.52
N THR D 275 5.52 7.81 30.44
CA THR D 275 6.44 7.14 29.52
C THR D 275 7.30 6.16 30.25
N ASP D 276 7.29 6.13 31.59
CA ASP D 276 8.03 5.13 32.39
C ASP D 276 7.04 4.12 32.97
N THR D 277 7.03 2.94 32.42
CA THR D 277 5.98 2.02 32.68
C THR D 277 6.49 0.87 33.51
N HIS D 278 5.53 0.15 34.07
CA HIS D 278 5.79 -1.06 34.82
C HIS D 278 4.55 -2.00 34.65
N LEU D 279 4.79 -3.30 34.73
CA LEU D 279 3.71 -4.31 34.72
C LEU D 279 2.78 -4.11 35.94
N GLU D 280 1.47 -4.10 35.70
CA GLU D 280 0.42 -3.91 36.76
C GLU D 280 -0.55 -5.08 36.69
N GLY D 281 -1.07 -5.47 37.85
CA GLY D 281 -2.07 -6.54 37.88
C GLY D 281 -1.45 -7.90 37.81
N PRO D 282 -2.25 -8.93 37.72
CA PRO D 282 -3.70 -8.87 37.76
C PRO D 282 -4.25 -8.42 39.09
N PHE D 283 -5.48 -7.98 39.04
CA PHE D 283 -6.25 -7.60 40.20
C PHE D 283 -7.67 -8.18 40.05
N GLY D 284 -8.18 -8.72 41.13
CA GLY D 284 -9.61 -9.12 41.17
C GLY D 284 -10.52 -7.94 40.87
N GLU D 285 -11.47 -8.16 39.95
CA GLU D 285 -12.20 -7.07 39.36
C GLU D 285 -13.75 -7.22 39.53
N MET D 286 -14.47 -6.18 39.08
CA MET D 286 -15.90 -5.94 39.39
C MET D 286 -16.90 -6.97 38.79
N HIS D 287 -16.41 -7.83 37.91
CA HIS D 287 -17.22 -8.87 37.30
C HIS D 287 -17.05 -10.26 37.94
N GLY D 288 -16.12 -10.36 38.90
CA GLY D 288 -15.92 -11.57 39.74
C GLY D 288 -14.71 -12.47 39.50
N TYR D 289 -13.73 -12.02 38.73
CA TYR D 289 -12.62 -12.90 38.30
C TYR D 289 -11.25 -12.28 38.54
N VAL D 290 -10.27 -13.14 38.85
CA VAL D 290 -8.85 -12.86 38.57
C VAL D 290 -8.42 -13.72 37.38
N PHE D 291 -8.01 -13.10 36.28
CA PHE D 291 -7.34 -13.78 35.16
C PHE D 291 -5.79 -13.60 35.26
N LYS D 292 -4.99 -14.62 34.96
CA LYS D 292 -3.46 -14.54 35.09
C LYS D 292 -2.64 -13.66 34.10
N SER D 293 -3.35 -13.22 33.06
CA SER D 293 -2.98 -12.08 32.19
C SER D 293 -2.18 -10.96 32.92
N PRO D 297 0.85 -2.71 30.29
CA PRO D 297 1.92 -1.98 31.00
C PRO D 297 1.53 -0.52 31.29
N CYS D 298 1.44 -0.17 32.58
CA CYS D 298 0.84 1.09 33.04
C CYS D 298 1.82 2.18 33.55
N PRO D 299 1.35 3.43 33.67
CA PRO D 299 2.26 4.47 34.16
C PRO D 299 2.74 4.28 35.63
N LEU D 300 3.81 5.00 36.01
CA LEU D 300 4.43 4.99 37.34
C LEU D 300 4.29 6.31 38.05
N TYR D 301 3.82 6.22 39.29
CA TYR D 301 3.66 7.33 40.21
C TYR D 301 4.90 7.30 41.20
N THR D 302 5.67 8.38 41.27
CA THR D 302 6.82 8.44 42.20
C THR D 302 6.35 9.23 43.40
N VAL D 303 6.32 8.58 44.57
CA VAL D 303 5.99 9.23 45.85
C VAL D 303 7.25 9.93 46.46
N LYS D 304 7.11 11.23 46.72
CA LYS D 304 8.15 12.16 47.18
C LYS D 304 7.88 12.80 48.56
N ALA D 305 6.66 12.65 49.11
CA ALA D 305 6.28 13.19 50.42
C ALA D 305 4.96 12.53 50.90
N MET D 306 4.76 12.44 52.20
N MET D 306 4.68 12.53 52.21
CA MET D 306 3.58 11.84 52.78
CA MET D 306 3.63 11.71 52.82
C MET D 306 3.29 12.66 54.00
C MET D 306 3.28 12.36 54.15
N SER D 307 2.02 12.75 54.35
CA SER D 307 1.57 13.36 55.63
C SER D 307 0.35 12.59 56.18
N TYR D 308 0.18 12.53 57.49
CA TYR D 308 -0.88 11.69 58.09
C TYR D 308 -1.27 12.08 59.53
N ARG D 309 -2.48 11.65 59.91
CA ARG D 309 -3.05 11.80 61.27
C ARG D 309 -2.46 10.79 62.24
N ASP D 310 -2.64 11.08 63.53
CA ASP D 310 -2.51 10.02 64.56
C ASP D 310 -3.52 8.87 64.30
N ASN D 311 -3.05 7.63 64.45
CA ASN D 311 -3.87 6.42 64.40
C ASN D 311 -4.73 6.43 63.12
N ALA D 312 -4.02 6.59 62.00
CA ALA D 312 -4.66 6.77 60.68
C ALA D 312 -5.37 5.48 60.22
N ILE D 313 -6.42 5.64 59.41
CA ILE D 313 -7.28 4.56 58.89
C ILE D 313 -7.32 4.57 57.36
N LEU D 314 -6.89 3.48 56.72
CA LEU D 314 -7.04 3.26 55.28
C LEU D 314 -8.42 2.61 54.95
N PRO D 315 -9.30 3.31 54.23
CA PRO D 315 -10.47 2.61 53.76
C PRO D 315 -10.12 1.76 52.53
N VAL D 316 -10.74 0.54 52.46
CA VAL D 316 -10.47 -0.50 51.49
C VAL D 316 -11.78 -1.05 50.82
N SER D 317 -11.79 -1.12 49.48
CA SER D 317 -12.79 -1.90 48.72
C SER D 317 -12.11 -3.15 48.14
N ASN D 318 -12.78 -4.31 48.27
CA ASN D 318 -12.33 -5.60 47.72
C ASN D 318 -13.31 -6.19 46.68
N PRO D 319 -13.12 -5.87 45.37
CA PRO D 319 -14.14 -6.20 44.36
C PRO D 319 -14.27 -7.67 44.04
N GLY D 320 -15.46 -8.09 43.66
CA GLY D 320 -15.68 -9.46 43.26
C GLY D 320 -17.09 -9.67 42.82
N LEU D 321 -17.64 -10.83 43.15
CA LEU D 321 -19.07 -11.10 43.04
C LEU D 321 -19.94 -9.98 43.69
N CYS D 322 -21.21 -9.88 43.32
CA CYS D 322 -22.11 -8.90 43.99
C CYS D 322 -22.22 -9.27 45.50
N THR D 323 -22.31 -8.31 46.44
CA THR D 323 -22.41 -6.87 46.17
C THR D 323 -21.31 -6.08 46.93
N ASP D 324 -20.59 -5.23 46.20
CA ASP D 324 -19.55 -4.39 46.79
C ASP D 324 -19.59 -3.01 46.14
N GLU D 325 -18.60 -2.17 46.45
CA GLU D 325 -18.59 -0.77 46.01
C GLU D 325 -18.50 -0.62 44.49
N THR D 326 -17.98 -1.64 43.81
CA THR D 326 -17.95 -1.60 42.34
C THR D 326 -19.41 -1.69 41.73
N HIS D 327 -20.37 -2.13 42.55
CA HIS D 327 -21.77 -2.25 42.13
C HIS D 327 -22.63 -1.18 42.75
N THR D 328 -22.49 -0.93 44.05
CA THR D 328 -23.30 0.10 44.73
C THR D 328 -22.93 1.54 44.33
N LEU D 329 -21.63 1.80 44.09
CA LEU D 329 -21.21 3.13 43.63
C LEU D 329 -21.05 3.27 42.12
N ILE D 330 -20.21 2.44 41.47
CA ILE D 330 -19.95 2.62 40.02
C ILE D 330 -21.27 2.50 39.25
N GLY D 331 -22.06 1.47 39.56
CA GLY D 331 -23.31 1.16 38.85
C GLY D 331 -24.33 2.24 39.06
N SER D 332 -24.58 2.59 40.32
CA SER D 332 -25.65 3.53 40.64
C SER D 332 -25.35 4.95 40.19
N LEU D 333 -24.08 5.28 40.14
CA LEU D 333 -23.70 6.64 39.72
C LEU D 333 -23.67 6.75 38.20
N VAL D 334 -23.38 5.68 37.48
CA VAL D 334 -23.66 5.67 36.04
C VAL D 334 -25.17 5.87 35.79
N ALA D 335 -25.99 5.17 36.54
CA ALA D 335 -27.46 5.23 36.45
C ALA D 335 -27.97 6.64 36.78
N THR D 336 -27.35 7.28 37.78
CA THR D 336 -27.67 8.67 38.04
C THR D 336 -27.41 9.59 36.80
N GLU D 337 -26.22 9.48 36.21
CA GLU D 337 -25.88 10.27 35.02
C GLU D 337 -26.63 9.82 33.79
N ALA D 338 -27.08 8.58 33.79
CA ALA D 338 -27.90 8.07 32.68
C ALA D 338 -29.28 8.66 32.67
N LYS D 339 -29.81 8.88 33.88
CA LYS D 339 -31.09 9.57 34.02
C LYS D 339 -31.01 11.04 33.62
N GLU D 340 -29.95 11.73 34.04
CA GLU D 340 -29.68 13.11 33.58
C GLU D 340 -29.62 13.26 32.03
N LEU D 341 -28.95 12.33 31.37
CA LEU D 341 -28.84 12.34 29.92
C LEU D 341 -30.18 12.09 29.25
N ALA D 342 -31.01 11.23 29.82
CA ALA D 342 -32.38 11.02 29.29
C ALA D 342 -33.19 12.29 29.35
N ILE D 343 -33.13 12.98 30.47
CA ILE D 343 -33.88 14.23 30.60
C ILE D 343 -33.43 15.28 29.56
N GLU D 344 -32.11 15.48 29.49
CA GLU D 344 -31.47 16.40 28.53
C GLU D 344 -31.72 16.08 27.05
N SER D 345 -31.71 14.79 26.69
N SER D 345 -31.72 14.80 26.69
CA SER D 345 -31.93 14.37 25.31
CA SER D 345 -31.91 14.37 25.31
C SER D 345 -33.39 14.33 24.93
C SER D 345 -33.36 14.09 24.99
N GLY D 346 -34.27 14.38 25.94
CA GLY D 346 -35.72 14.25 25.72
C GLY D 346 -36.30 12.84 25.59
N LEU D 347 -35.67 11.81 26.16
CA LEU D 347 -36.26 10.45 26.11
C LEU D 347 -37.31 10.30 27.22
N PRO D 348 -38.39 9.47 27.02
CA PRO D 348 -39.43 9.26 28.08
C PRO D 348 -39.07 8.22 29.14
N ILE D 349 -38.05 8.52 29.96
CA ILE D 349 -37.49 7.62 30.98
C ILE D 349 -37.85 8.13 32.38
N LEU D 350 -38.57 7.35 33.20
CA LEU D 350 -38.86 7.71 34.61
C LEU D 350 -37.67 7.44 35.54
N ASP D 351 -36.96 6.30 35.37
CA ASP D 351 -35.86 5.91 36.26
C ASP D 351 -34.79 5.06 35.52
N ALA D 352 -33.58 5.03 36.07
CA ALA D 352 -32.53 4.17 35.57
C ALA D 352 -31.83 3.45 36.72
N PHE D 353 -31.40 2.20 36.52
CA PHE D 353 -30.72 1.45 37.55
C PHE D 353 -29.83 0.37 36.93
N MET D 354 -28.72 0.05 37.57
CA MET D 354 -27.87 -1.10 37.18
C MET D 354 -27.96 -2.18 38.27
N PRO D 355 -28.77 -3.24 38.04
CA PRO D 355 -28.86 -4.32 39.03
C PRO D 355 -27.55 -4.94 39.43
N TYR D 356 -27.41 -5.13 40.73
CA TYR D 356 -26.14 -5.64 41.29
C TYR D 356 -25.87 -7.08 40.86
N GLU D 357 -26.96 -7.86 40.72
CA GLU D 357 -26.89 -9.26 40.27
C GLU D 357 -26.23 -9.43 38.91
N ALA D 358 -26.42 -8.42 38.03
CA ALA D 358 -25.75 -8.34 36.74
C ALA D 358 -24.36 -7.65 36.69
N GLN D 359 -23.71 -7.50 37.84
CA GLN D 359 -22.32 -7.08 37.96
C GLN D 359 -22.01 -5.78 37.22
N ALA D 360 -22.99 -4.86 37.22
CA ALA D 360 -22.88 -3.55 36.59
C ALA D 360 -22.59 -3.56 35.05
N LEU D 361 -23.12 -4.59 34.36
CA LEU D 361 -23.10 -4.70 32.91
C LEU D 361 -24.44 -4.35 32.27
N TRP D 362 -25.52 -4.40 33.07
CA TRP D 362 -26.90 -4.14 32.64
C TRP D 362 -27.42 -2.79 33.13
N LEU D 363 -27.94 -1.98 32.22
CA LEU D 363 -28.63 -0.75 32.58
C LEU D 363 -30.08 -0.93 32.19
N ILE D 364 -30.98 -0.86 33.18
CA ILE D 364 -32.44 -0.94 32.97
C ILE D 364 -33.04 0.46 32.95
N LEU D 365 -33.85 0.72 31.93
CA LEU D 365 -34.51 2.01 31.74
C LEU D 365 -36.03 1.86 31.78
N LYS D 366 -36.66 2.51 32.76
CA LYS D 366 -38.08 2.36 32.98
C LYS D 366 -38.78 3.44 32.13
N VAL D 367 -39.57 3.02 31.13
CA VAL D 367 -40.18 3.94 30.17
C VAL D 367 -41.61 4.29 30.59
N ASP D 368 -41.89 5.58 30.54
CA ASP D 368 -43.24 6.10 30.59
C ASP D 368 -44.08 5.84 29.31
N LEU D 369 -45.12 5.04 29.40
CA LEU D 369 -45.79 4.61 28.17
C LEU D 369 -46.55 5.73 27.46
N LYS D 370 -47.18 6.67 28.18
CA LYS D 370 -47.84 7.83 27.49
C LYS D 370 -46.82 8.71 26.69
N GLY D 371 -45.69 9.05 27.30
CA GLY D 371 -44.56 9.66 26.56
C GLY D 371 -44.04 8.86 25.38
N LEU D 372 -43.90 7.55 25.52
CA LEU D 372 -43.49 6.70 24.36
C LEU D 372 -44.53 6.71 23.27
N GLN D 373 -45.81 6.65 23.66
CA GLN D 373 -46.94 6.62 22.68
C GLN D 373 -47.03 7.95 21.89
N ALA D 374 -46.74 9.04 22.60
CA ALA D 374 -46.66 10.35 21.98
C ALA D 374 -45.57 10.50 20.92
N LEU D 375 -44.51 9.69 20.94
CA LEU D 375 -43.48 9.74 19.89
C LEU D 375 -43.88 9.11 18.59
N LYS D 376 -44.91 8.25 18.59
CA LYS D 376 -45.38 7.61 17.36
C LYS D 376 -44.28 6.87 16.63
N THR D 377 -43.57 6.02 17.36
CA THR D 377 -42.34 5.39 16.84
C THR D 377 -42.51 3.84 16.83
N THR D 378 -41.47 3.12 16.40
CA THR D 378 -41.44 1.66 16.40
C THR D 378 -40.33 1.14 17.31
N PRO D 379 -40.38 -0.16 17.68
CA PRO D 379 -39.27 -0.74 18.42
C PRO D 379 -37.91 -0.54 17.75
N GLU D 380 -37.83 -0.74 16.43
CA GLU D 380 -36.53 -0.60 15.66
C GLU D 380 -35.91 0.81 15.77
N GLU D 381 -36.75 1.83 15.62
CA GLU D 381 -36.30 3.22 15.64
C GLU D 381 -35.97 3.69 17.04
N PHE D 382 -36.79 3.34 18.02
CA PHE D 382 -36.50 3.68 19.45
C PHE D 382 -35.23 3.02 20.02
N CYS D 383 -35.02 1.75 19.69
CA CYS D 383 -33.80 1.04 20.09
C CYS D 383 -32.52 1.67 19.52
N LYS D 384 -32.58 2.03 18.25
CA LYS D 384 -31.52 2.83 17.64
C LYS D 384 -31.28 4.17 18.33
N LYS D 385 -32.35 4.90 18.59
CA LYS D 385 -32.27 6.20 19.26
C LYS D 385 -31.61 6.11 20.65
N VAL D 386 -31.97 5.08 21.40
CA VAL D 386 -31.49 4.91 22.76
C VAL D 386 -30.01 4.50 22.76
N GLY D 387 -29.66 3.49 21.95
CA GLY D 387 -28.30 3.04 21.85
C GLY D 387 -27.29 4.11 21.38
N ASP D 388 -27.69 4.90 20.39
CA ASP D 388 -26.88 6.04 19.89
C ASP D 388 -26.60 7.15 20.94
N ILE D 389 -27.59 7.44 21.79
CA ILE D 389 -27.39 8.36 22.93
C ILE D 389 -26.39 7.90 24.00
N TYR D 390 -26.52 6.65 24.43
CA TYR D 390 -25.74 6.06 25.52
C TYR D 390 -24.39 5.42 25.12
N PHE D 391 -24.34 4.58 24.08
CA PHE D 391 -23.10 3.81 23.85
C PHE D 391 -21.98 4.67 23.19
N ARG D 392 -22.33 5.86 22.69
CA ARG D 392 -21.35 6.72 22.04
C ARG D 392 -20.86 7.81 22.98
N THR D 393 -21.07 7.70 24.27
CA THR D 393 -20.62 8.75 25.19
C THR D 393 -19.97 8.07 26.43
N LYS D 394 -19.15 8.83 27.16
CA LYS D 394 -18.42 8.29 28.32
C LYS D 394 -19.31 7.66 29.37
N VAL D 395 -20.49 8.25 29.58
CA VAL D 395 -21.44 7.73 30.55
C VAL D 395 -21.86 6.26 30.25
N GLY D 396 -21.93 5.90 28.97
CA GLY D 396 -22.25 4.49 28.59
C GLY D 396 -21.09 3.50 28.54
N PHE D 397 -19.91 3.90 29.02
CA PHE D 397 -18.67 3.10 28.80
C PHE D 397 -18.69 1.66 29.40
N ILE D 398 -19.11 1.52 30.66
CA ILE D 398 -19.09 0.21 31.33
C ILE D 398 -20.27 -0.70 30.90
N VAL D 399 -21.29 -0.12 30.24
CA VAL D 399 -22.60 -0.74 30.02
C VAL D 399 -22.55 -1.58 28.75
N HIS D 400 -22.81 -2.91 28.83
CA HIS D 400 -22.89 -3.73 27.59
C HIS D 400 -24.31 -4.12 27.14
N GLU D 401 -25.30 -4.05 28.02
CA GLU D 401 -26.69 -4.28 27.61
C GLU D 401 -27.64 -3.29 28.26
N ILE D 402 -28.36 -2.57 27.42
CA ILE D 402 -29.44 -1.66 27.86
C ILE D 402 -30.80 -2.32 27.65
N ILE D 403 -31.62 -2.36 28.69
CA ILE D 403 -32.89 -3.11 28.70
C ILE D 403 -34.07 -2.15 28.93
N LEU D 404 -34.99 -2.10 27.97
CA LEU D 404 -36.12 -1.19 27.98
C LEU D 404 -37.38 -1.92 28.49
N VAL D 405 -38.01 -1.41 29.55
CA VAL D 405 -39.22 -1.99 30.15
C VAL D 405 -40.27 -0.93 30.38
N ALA D 406 -41.51 -1.38 30.46
CA ALA D 406 -42.62 -0.52 30.74
C ALA D 406 -42.72 -0.10 32.20
N ASP D 407 -43.60 0.87 32.44
CA ASP D 407 -43.78 1.47 33.78
C ASP D 407 -44.54 0.62 34.82
N ASP D 408 -44.98 -0.60 34.49
CA ASP D 408 -45.44 -1.56 35.52
C ASP D 408 -44.31 -2.37 36.26
N ILE D 409 -43.05 -2.23 35.86
CA ILE D 409 -41.95 -2.98 36.47
C ILE D 409 -41.20 -2.09 37.46
N ASP D 410 -41.03 -2.54 38.69
CA ASP D 410 -40.13 -1.86 39.66
C ASP D 410 -38.67 -2.26 39.29
N ILE D 411 -37.90 -1.37 38.66
CA ILE D 411 -36.56 -1.76 38.17
C ILE D 411 -35.52 -1.91 39.29
N PHE D 412 -35.90 -1.48 40.51
CA PHE D 412 -35.04 -1.64 41.68
C PHE D 412 -35.21 -2.95 42.38
N ASN D 413 -36.15 -3.79 41.97
CA ASN D 413 -36.36 -5.12 42.50
C ASN D 413 -35.97 -6.17 41.41
N PHE D 414 -34.92 -6.94 41.62
CA PHE D 414 -34.42 -7.84 40.57
C PHE D 414 -35.40 -8.97 40.25
N LYS D 415 -36.31 -9.29 41.17
CA LYS D 415 -37.37 -10.24 40.83
C LYS D 415 -38.23 -9.82 39.64
N GLU D 416 -38.59 -8.53 39.55
CA GLU D 416 -39.43 -8.06 38.51
C GLU D 416 -38.62 -7.80 37.25
N VAL D 417 -37.35 -7.39 37.39
CA VAL D 417 -36.49 -7.23 36.24
C VAL D 417 -36.32 -8.54 35.46
N ILE D 418 -35.91 -9.64 36.09
CA ILE D 418 -35.65 -10.87 35.37
C ILE D 418 -36.94 -11.47 34.77
N TRP D 419 -38.09 -11.23 35.45
CA TRP D 419 -39.42 -11.63 34.97
C TRP D 419 -39.77 -10.97 33.63
N ALA D 420 -39.53 -9.66 33.58
CA ALA D 420 -39.78 -8.84 32.37
C ALA D 420 -38.82 -9.20 31.22
N TYR D 421 -37.58 -9.43 31.59
CA TYR D 421 -36.55 -9.75 30.67
C TYR D 421 -36.88 -11.07 29.97
N VAL D 422 -37.08 -12.16 30.69
CA VAL D 422 -37.25 -13.43 30.00
C VAL D 422 -38.63 -13.53 29.28
N THR D 423 -39.67 -12.84 29.78
CA THR D 423 -41.03 -13.02 29.21
C THR D 423 -41.41 -12.02 28.14
N ARG D 424 -40.67 -10.90 28.04
CA ARG D 424 -41.09 -9.81 27.13
C ARG D 424 -40.16 -9.50 25.95
N HIS D 425 -39.05 -10.21 25.79
CA HIS D 425 -38.21 -10.07 24.57
C HIS D 425 -37.96 -11.42 23.87
N THR D 426 -38.07 -11.40 22.54
CA THR D 426 -37.75 -12.55 21.70
C THR D 426 -36.24 -12.62 21.58
N PRO D 427 -35.63 -13.74 22.03
CA PRO D 427 -34.20 -13.90 21.85
C PRO D 427 -33.72 -13.57 20.43
N VAL D 428 -32.62 -12.83 20.39
CA VAL D 428 -32.02 -12.27 19.18
C VAL D 428 -32.88 -11.23 18.39
N ALA D 429 -34.08 -11.63 17.92
CA ALA D 429 -34.90 -10.75 17.11
C ALA D 429 -35.23 -9.44 17.80
N ASP D 430 -35.37 -9.40 19.13
CA ASP D 430 -35.69 -8.13 19.84
C ASP D 430 -34.43 -7.49 20.48
N GLN D 431 -33.26 -7.84 19.98
CA GLN D 431 -31.99 -7.28 20.43
C GLN D 431 -31.27 -6.59 19.26
N MET D 432 -30.79 -5.36 19.46
CA MET D 432 -30.13 -4.55 18.42
C MET D 432 -28.65 -4.41 18.79
N ALA D 433 -27.77 -5.06 18.03
CA ALA D 433 -26.33 -5.03 18.20
C ALA D 433 -25.74 -3.67 17.82
N PHE D 434 -24.76 -3.19 18.58
CA PHE D 434 -24.05 -1.96 18.21
C PHE D 434 -22.60 -2.38 18.04
N ASP D 435 -22.23 -2.50 16.76
CA ASP D 435 -20.95 -3.06 16.34
C ASP D 435 -19.73 -2.14 16.32
N ASP D 436 -19.95 -0.85 16.21
CA ASP D 436 -18.87 0.10 15.94
C ASP D 436 -18.54 1.01 17.14
N VAL D 437 -19.21 0.81 18.28
CA VAL D 437 -19.00 1.58 19.52
C VAL D 437 -17.87 1.00 20.32
N THR D 438 -17.32 1.77 21.25
CA THR D 438 -16.23 1.28 22.08
C THR D 438 -16.70 0.23 23.09
N SER D 439 -15.94 -0.87 23.21
CA SER D 439 -16.09 -1.92 24.22
C SER D 439 -15.51 -1.61 25.59
N PHE D 440 -16.06 -2.21 26.66
CA PHE D 440 -15.45 -2.09 28.03
C PHE D 440 -14.37 -3.15 28.07
N PRO D 441 -13.08 -2.75 28.22
CA PRO D 441 -12.04 -3.83 28.15
C PRO D 441 -12.05 -4.77 29.33
N LEU D 442 -12.64 -4.38 30.46
CA LEU D 442 -12.79 -5.30 31.62
C LEU D 442 -13.85 -6.39 31.48
N ALA D 443 -14.91 -6.20 30.68
CA ALA D 443 -15.95 -7.26 30.54
C ALA D 443 -15.26 -8.60 30.22
N PRO D 444 -15.54 -9.68 31.01
CA PRO D 444 -14.81 -10.92 30.73
C PRO D 444 -15.00 -11.50 29.36
N PHE D 445 -16.19 -11.35 28.78
CA PHE D 445 -16.39 -11.87 27.42
C PHE D 445 -15.59 -11.06 26.33
N VAL D 446 -15.20 -9.83 26.64
CA VAL D 446 -14.34 -9.01 25.80
C VAL D 446 -12.85 -9.37 26.02
N SER D 447 -12.39 -9.28 27.29
CA SER D 447 -11.01 -9.53 27.63
C SER D 447 -10.49 -10.90 27.25
N GLN D 448 -11.37 -11.92 27.31
CA GLN D 448 -10.99 -13.30 26.98
C GLN D 448 -11.43 -13.73 25.57
N SER D 449 -11.55 -12.78 24.67
CA SER D 449 -11.80 -13.06 23.25
C SER D 449 -10.83 -12.18 22.46
N SER D 450 -10.86 -12.35 21.13
CA SER D 450 -10.07 -11.52 20.23
C SER D 450 -10.61 -10.05 20.13
N ARG D 451 -11.82 -9.80 20.62
CA ARG D 451 -12.29 -8.41 20.85
C ARG D 451 -11.39 -7.62 21.85
N SER D 452 -10.57 -8.29 22.67
CA SER D 452 -9.58 -7.54 23.47
C SER D 452 -8.65 -6.68 22.60
N LYS D 453 -8.37 -7.14 21.38
CA LYS D 453 -7.48 -6.42 20.39
C LYS D 453 -8.10 -5.39 19.46
N THR D 454 -9.37 -5.57 19.11
CA THR D 454 -10.14 -4.59 18.32
C THR D 454 -10.80 -3.46 19.16
N MET D 455 -11.24 -3.83 20.36
CA MET D 455 -11.92 -2.93 21.33
C MET D 455 -13.20 -2.25 20.80
N LYS D 456 -13.90 -2.90 19.86
CA LYS D 456 -15.16 -2.42 19.30
C LYS D 456 -16.31 -3.45 19.36
N GLY D 457 -17.51 -2.98 19.63
CA GLY D 457 -18.70 -3.81 19.54
C GLY D 457 -18.98 -4.68 20.75
N GLY D 458 -19.87 -5.67 20.55
CA GLY D 458 -20.43 -6.48 21.63
C GLY D 458 -21.41 -5.84 22.64
N LYS D 459 -22.13 -4.80 22.21
CA LYS D 459 -23.11 -4.07 23.03
C LYS D 459 -24.45 -4.23 22.38
N CYS D 460 -25.53 -4.05 23.14
N CYS D 460 -25.53 -4.15 23.17
CA CYS D 460 -26.86 -4.16 22.56
CA CYS D 460 -26.90 -4.27 22.62
C CYS D 460 -27.93 -3.48 23.41
C CYS D 460 -27.94 -3.48 23.43
N VAL D 461 -29.01 -3.05 22.74
CA VAL D 461 -30.23 -2.56 23.39
C VAL D 461 -31.27 -3.65 23.19
N THR D 462 -31.85 -4.15 24.30
CA THR D 462 -32.87 -5.22 24.29
C THR D 462 -34.22 -4.64 24.58
N ASN D 463 -35.14 -4.74 23.60
CA ASN D 463 -36.52 -4.25 23.76
C ASN D 463 -37.37 -5.27 24.51
N CYS D 464 -37.79 -4.91 25.74
CA CYS D 464 -38.77 -5.69 26.58
C CYS D 464 -40.11 -4.99 26.75
N ILE D 465 -40.48 -4.15 25.79
CA ILE D 465 -41.80 -3.49 25.76
C ILE D 465 -42.60 -4.15 24.63
N PHE D 466 -43.82 -4.62 24.96
CA PHE D 466 -44.67 -5.28 23.99
C PHE D 466 -45.00 -4.25 22.88
N ARG D 467 -45.09 -4.76 21.68
CA ARG D 467 -45.37 -3.98 20.49
C ARG D 467 -46.58 -3.04 20.60
N GLN D 468 -47.69 -3.54 21.12
CA GLN D 468 -48.88 -2.75 21.35
C GLN D 468 -48.67 -1.55 22.34
N GLN D 469 -47.74 -1.68 23.28
CA GLN D 469 -47.41 -0.62 24.26
C GLN D 469 -46.73 0.64 23.64
N TYR D 470 -46.15 0.48 22.43
CA TYR D 470 -45.70 1.63 21.61
C TYR D 470 -46.88 2.43 21.04
N GLU D 471 -48.08 1.82 20.94
CA GLU D 471 -49.28 2.44 20.31
C GLU D 471 -50.33 2.90 21.28
N ARG D 472 -50.70 2.08 22.27
CA ARG D 472 -51.89 2.38 23.13
C ARG D 472 -51.91 1.56 24.43
N SER D 473 -52.94 1.78 25.24
N SER D 473 -52.93 1.77 25.26
CA SER D 473 -53.24 0.97 26.44
CA SER D 473 -53.14 1.01 26.49
C SER D 473 -53.12 -0.52 26.14
C SER D 473 -53.28 -0.49 26.25
N PHE D 474 -52.69 -1.27 27.13
CA PHE D 474 -52.67 -2.71 27.00
C PHE D 474 -52.82 -3.31 28.40
N ASP D 475 -54.04 -3.67 28.75
CA ASP D 475 -54.37 -4.24 30.10
C ASP D 475 -54.30 -5.80 30.15
N TYR D 476 -53.41 -6.30 31.01
CA TYR D 476 -53.25 -7.73 31.23
C TYR D 476 -53.16 -7.85 32.72
N ILE D 477 -53.41 -9.05 33.23
CA ILE D 477 -53.31 -9.33 34.64
C ILE D 477 -51.95 -9.99 34.92
N THR D 478 -51.28 -9.51 35.98
CA THR D 478 -50.03 -10.10 36.51
C THR D 478 -50.41 -11.15 37.58
N CYS D 479 -50.03 -12.42 37.35
CA CYS D 479 -50.55 -13.56 38.12
C CYS D 479 -49.71 -13.91 39.33
N ASN D 480 -49.74 -13.00 40.33
CA ASN D 480 -49.24 -13.26 41.64
C ASN D 480 -50.29 -12.83 42.71
N PHE D 481 -49.91 -12.87 43.99
CA PHE D 481 -50.84 -12.56 45.06
C PHE D 481 -51.16 -11.05 45.11
N GLU D 482 -50.15 -10.20 45.27
CA GLU D 482 -50.43 -8.76 45.59
C GLU D 482 -50.94 -7.96 44.38
N LYS D 483 -50.48 -8.29 43.17
CA LYS D 483 -50.97 -7.61 41.97
C LYS D 483 -52.11 -8.34 41.22
N GLY D 484 -52.32 -9.62 41.48
CA GLY D 484 -53.31 -10.38 40.70
C GLY D 484 -54.75 -10.25 41.15
N TYR D 485 -54.99 -9.82 42.40
CA TYR D 485 -56.33 -9.95 43.04
C TYR D 485 -56.78 -8.59 43.58
N PRO D 486 -58.09 -8.35 43.80
CA PRO D 486 -58.42 -7.00 44.32
C PRO D 486 -57.87 -6.75 45.74
N LYS D 487 -57.57 -5.49 46.03
CA LYS D 487 -57.00 -5.12 47.32
C LYS D 487 -57.83 -5.59 48.50
N GLY D 488 -59.15 -5.49 48.39
CA GLY D 488 -60.09 -5.96 49.43
C GLY D 488 -59.93 -7.43 49.81
N LEU D 489 -59.67 -8.22 48.78
CA LEU D 489 -59.52 -9.68 48.93
C LEU D 489 -58.12 -9.98 49.45
N VAL D 490 -57.13 -9.28 48.92
CA VAL D 490 -55.74 -9.37 49.46
C VAL D 490 -55.75 -9.04 50.96
N ASP D 491 -56.42 -7.96 51.36
CA ASP D 491 -56.50 -7.59 52.79
C ASP D 491 -57.27 -8.65 53.60
N LYS D 492 -58.42 -9.14 53.08
CA LYS D 492 -59.15 -10.14 53.79
C LYS D 492 -58.27 -11.41 54.03
N VAL D 493 -57.53 -11.85 53.00
CA VAL D 493 -56.70 -13.03 53.17
C VAL D 493 -55.61 -12.81 54.21
N ASN D 494 -54.92 -11.68 54.18
CA ASN D 494 -53.88 -11.37 55.16
C ASN D 494 -54.43 -11.33 56.58
N GLU D 495 -55.61 -10.75 56.74
CA GLU D 495 -56.26 -10.65 58.04
C GLU D 495 -56.64 -12.02 58.64
N ASN D 496 -57.19 -12.92 57.82
CA ASN D 496 -57.56 -14.25 58.27
C ASN D 496 -56.47 -15.33 58.21
N TRP D 497 -55.23 -14.99 57.82
CA TRP D 497 -54.21 -15.99 57.59
C TRP D 497 -53.99 -16.90 58.79
N LYS D 498 -53.90 -16.30 59.99
CA LYS D 498 -53.70 -17.08 61.25
C LYS D 498 -54.92 -17.93 61.66
N ARG D 499 -56.14 -17.37 61.56
CA ARG D 499 -57.42 -18.08 61.79
C ARG D 499 -57.55 -19.35 60.88
N TYR D 500 -57.09 -19.29 59.63
CA TYR D 500 -57.04 -20.50 58.75
C TYR D 500 -56.18 -21.63 59.37
N GLY D 501 -55.03 -21.28 59.94
CA GLY D 501 -54.11 -22.25 60.55
C GLY D 501 -52.64 -22.10 60.27
N TYR D 502 -52.28 -21.16 59.40
CA TYR D 502 -50.91 -20.84 59.15
C TYR D 502 -50.24 -20.32 60.46
N LYS D 503 -48.97 -20.69 60.68
CA LYS D 503 -48.26 -20.42 61.94
C LYS D 503 -47.29 -19.25 61.79
C9 4LU E . 34.28 -0.40 -10.61
C8 4LU E . 34.34 0.80 -11.24
C7 4LU E . 35.04 1.90 -10.73
C10 4LU E . 35.76 -2.05 -7.66
C6 4LU E . 35.67 1.79 -9.46
N3 4LU E . 37.80 -2.61 -5.94
C2 4LU E . 36.96 -3.60 -6.41
C13 4LU E . 36.31 4.28 -9.20
C5 4LU E . 36.53 2.84 -8.82
C1 4LU E . 36.37 1.53 -6.75
O2 4LU E . 37.20 -4.87 -6.01
N1 4LU E . 35.94 -3.34 -7.25
C4 4LU E . 37.63 -1.29 -6.29
O4 4LU E . 38.47 -0.47 -5.81
C4A 4LU E . 36.58 -0.95 -7.19
N5 4LU E . 36.23 0.37 -7.58
C3 4LU E . 36.40 2.79 -7.36
C12 4LU E . 37.99 2.48 -9.12
C5A 4LU E . 35.60 0.54 -8.84
C7M 4LU E . 35.02 3.20 -11.54
C8M 4LU E . 33.59 0.85 -12.51
C9A 4LU E . 34.91 -0.58 -9.40
N10 4LU E . 34.86 -1.85 -8.71
C1' 4LU E . 34.04 -3.02 -9.11
C2' 4LU E . 34.60 -4.17 -9.90
O2' 4LU E . 35.17 -3.62 -11.08
C3' 4LU E . 33.44 -5.14 -10.17
O3' 4LU E . 32.94 -5.66 -8.96
C4' 4LU E . 33.78 -6.32 -11.02
O4' 4LU E . 32.68 -7.26 -11.10
C5' 4LU E . 35.08 -7.04 -10.65
O5' 4LU E . 35.41 -8.01 -11.65
P 4LU E . 35.36 -9.62 -11.36
O2P 4LU E . 36.11 -10.28 -12.52
O3P 4LU E . 36.19 -9.72 -10.08
O1P 4LU E . 33.95 -10.01 -11.29
MN MN F . 35.70 -11.98 -13.76
K K G . 34.80 -8.37 -14.62
C9 4LU H . -5.87 19.45 5.65
C8 4LU H . -5.77 20.04 4.40
C7 4LU H . -6.43 19.50 3.27
C10 4LU H . -7.63 16.58 7.29
C6 4LU H . -7.18 18.32 3.42
N3 4LU H . -9.88 15.07 7.81
C2 4LU H . -9.15 15.57 8.85
C13 4LU H . -7.79 18.02 0.93
C5 4LU H . -8.10 17.73 2.40
C1 4LU H . -8.15 15.61 3.75
O2 4LU H . -9.55 15.35 10.12
N1 4LU H . -8.01 16.30 8.57
C4 4LU H . -9.51 15.33 6.51
O4 4LU H . -10.30 14.91 5.65
C4A 4LU H . -8.35 16.08 6.19
N5 4LU H . -7.97 16.47 4.89
C3 4LU H . -8.03 16.26 2.50
C12 4LU H . -9.56 18.10 2.62
C5A 4LU H . -7.22 17.69 4.70
C7M 4LU H . -6.28 20.29 1.96
C8M 4LU H . -4.97 21.25 4.33
C9A 4LU H . -6.58 18.27 5.83
N10 4LU H . -6.70 17.65 7.10
C1' 4LU H . -6.14 17.93 8.01
C2' 4LU H . -6.42 18.83 9.28
O2' 4LU H . -6.78 20.09 8.75
C3' 4LU H . -5.34 19.19 10.34
O3' 4LU H . -4.90 18.01 11.04
C4' 4LU H . -5.71 20.19 11.46
O4' 4LU H . -4.66 20.27 12.47
C5' 4LU H . -7.05 19.92 12.18
O5' 4LU H . -7.45 20.99 13.10
P 4LU H . -7.58 20.72 14.69
O2P 4LU H . -8.34 21.96 15.08
O3P 4LU H . -8.42 19.47 14.91
O1P 4LU H . -6.15 20.67 15.15
MN MN I . -7.91 23.29 16.94
K K J . -6.76 23.84 13.27
C9 4LU K . -7.36 -22.31 -36.60
C8 4LU K . -6.76 -23.57 -36.77
C7 4LU K . -5.96 -23.85 -37.87
C10 4LU K . -7.46 -18.97 -38.29
C6 4LU K . -5.80 -22.87 -38.85
N3 4LU K . -6.22 -16.85 -39.48
C2 4LU K . -7.16 -16.63 -38.50
C13 4LU K . -4.73 -24.38 -40.64
C5 4LU K . -4.91 -22.99 -40.04
C1 4LU K . -6.07 -20.98 -40.98
O2 4LU K . -7.44 -15.37 -38.10
N1 4LU K . -7.78 -17.67 -37.92
C4 4LU K . -5.88 -18.11 -39.85
O4 4LU K . -5.00 -18.17 -40.72
C4A 4LU K . -6.49 -19.24 -39.28
N5 4LU K . -6.27 -20.60 -39.64
C3 4LU K . -5.44 -22.22 -41.16
C12 4LU K . -3.50 -22.44 -39.71
C5A 4LU K . -6.42 -21.62 -38.69
C7M 4LU K . -5.37 -25.25 -37.91
C8M 4LU K . -7.03 -24.54 -35.70
C9A 4LU K . -7.22 -21.32 -37.58
N10 4LU K . -7.84 -20.02 -37.42
C1' 4LU K . -8.79 -19.66 -36.32
C2' 4LU K . -8.33 -18.95 -35.06
O2' 4LU K . -7.34 -19.74 -34.41
C3' 4LU K . -9.58 -18.75 -34.18
O3' 4LU K . -10.55 -17.91 -34.80
C4' 4LU K . -9.29 -18.21 -32.78
O4' 4LU K . -10.51 -17.93 -32.03
C5' 4LU K . -8.47 -16.94 -32.87
O5' 4LU K . -8.24 -16.59 -31.52
P 4LU K . -8.70 -15.20 -30.85
O2P 4LU K . -7.78 -15.00 -29.61
O3P 4LU K . -8.42 -14.16 -31.83
O1P 4LU K . -10.14 -15.47 -30.51
MN MN L . -8.36 -14.34 -27.51
K K M . -7.87 -17.94 -28.84
C9 4LU N . -14.51 3.05 41.36
C8 4LU N . -14.60 2.56 42.66
C7 4LU N . -13.77 1.51 43.08
C10 4LU N . -12.38 2.68 38.30
C6 4LU N . -12.85 0.96 42.16
N3 4LU N . -9.95 2.44 36.96
C2 4LU N . -10.88 3.31 36.51
C13 4LU N . -12.14 -1.05 43.59
C5 4LU N . -11.82 -0.06 42.46
C1 4LU N . -11.40 -0.37 40.04
O2 4LU N . -10.63 4.13 35.46
N1 4LU N . -12.06 3.40 37.17
C4 4LU N . -10.18 1.68 38.08
O4 4LU N . -9.22 0.93 38.44
C4A 4LU N . -11.44 1.77 38.81
N5 4LU N . -11.84 0.97 39.90
C3 4LU N . -11.47 -0.92 41.32
C12 4LU N . -10.51 0.68 42.84
C5A 4LU N . -12.76 1.50 40.85
C7M 4LU N . -13.91 1.00 44.50
C8M 4LU N . -15.62 3.26 43.49
C9A 4LU N . -13.59 2.55 40.45
N10 4LU N . -13.47 3.06 39.11
C1' 4LU N . -14.41 4.09 38.60
C2' 4LU N . -14.10 5.55 38.46
O2' 4LU N . -13.89 6.16 39.72
C3' 4LU N . -15.29 6.14 37.71
O3' 4LU N . -15.31 5.74 36.33
C4' 4LU N . -15.18 7.65 37.76
O4' 4LU N . -16.24 8.25 37.03
C5' 4LU N . -13.82 8.18 37.26
O5' 4LU N . -13.90 9.64 37.35
P 4LU N . -13.84 10.68 36.14
O2P 4LU N . -13.31 11.95 36.88
O3P 4LU N . -12.72 10.20 35.27
O1P 4LU N . -15.16 10.98 35.48
MN MN O . -14.13 14.12 36.36
MN MN P . -15.11 11.66 39.25
#